data_9AZL
#
_entry.id   9AZL
#
_cell.length_a   1.00
_cell.length_b   1.00
_cell.length_c   1.00
_cell.angle_alpha   90.00
_cell.angle_beta   90.00
_cell.angle_gamma   90.00
#
_symmetry.space_group_name_H-M   'P 1'
#
loop_
_entity.id
_entity.type
_entity.pdbx_description
1 polymer 'ABC-type bacteriocin transporter'
2 non-polymer "ADENOSINE-5'-DIPHOSPHATE"
3 non-polymer 'MAGNESIUM ION'
4 non-polymer '(2S)-3-(hexadecanoyloxy)-2-[(9Z)-octadec-9-enoyloxy]propyl 2-(trimethylammonio)ethyl phosphate'
#
_entity_poly.entity_id   1
_entity_poly.type   'polypeptide(L)'
_entity_poly.pdbx_seq_one_letter_code
;MGHHHHHHHHHHSSGHIDDDDKHMLRRLFKKKYVCVRQYDLTDCGAACLSSIAQYYGLKMSLAKIREMTGTDTQGTNAYG
LIHAAKQLGFSAKGVKASKEDLLKDFRLPAIANVIVDNRLAHFVVIYSIKNRIITVADPGKGIVRYSMDDFCSIWTGGLV
LLEPGEAFQKGDYTQNMMVKFAGFLKPLKKTVLCIFLASLLYTALGIAGSFYIKFLFDDLIKFEKLNDLHIISAGFAVIF
LLQIFLNYYRSILVTKLGMSIDKSIMMEYYSHVLKLPMNFFNSRKVGEIISRFMDASKIRQAISGATLTIMIDTIMAVIG
GILLYIQNSSLFFISFIIILLYGIIVTVFNKPIQNANRQIMEDNAKLTSALVESVKGIETIKSFGAEEQTEKSTRDKIET
VMKSSFKEGMLYINLSSLTGIVAGLGGIVILWAGAYNVIKGNMSGGQLLAFNALLAYFLTPVKNLIDLQPLIQTAVVASN
RLGEILELATEKELREDSDDFVISLKGDIEFRNVDFRYGLRKPVLKNINLTIPKGKTVAIVGESGSGKTTLAKLLMNFYS
PEKGDILINGHSIKNISLELIRKKIAFVSQDVFIFSGTVKENLCLGNENVDMDEIIKAAKMANAHDFIEKLPLKYDTFLN
ESGANLSEGQKQRLAIARALLKKPDILILDEATSNLDSITENHIKDAIYGLEDDVTVIIIAHRLSTIVNCDKIYLLKDGE
IVESGSHTELIALKGCYFKMWKQTENTLAS
;
_entity_poly.pdbx_strand_id   A,B
#
loop_
_chem_comp.id
_chem_comp.type
_chem_comp.name
_chem_comp.formula
ADP non-polymer ADENOSINE-5'-DIPHOSPHATE 'C10 H15 N5 O10 P2'
MG non-polymer 'MAGNESIUM ION' 'Mg 2'
POV non-polymer '(2S)-3-(hexadecanoyloxy)-2-[(9Z)-octadec-9-enoyloxy]propyl 2-(trimethylammonio)ethyl phosphate' 'C42 H82 N O8 P'
#
# COMPACT_ATOMS: atom_id res chain seq x y z
N LYS A 32 20.62 34.09 2.95
CA LYS A 32 19.57 33.23 2.39
C LYS A 32 19.00 32.32 3.47
N TYR A 33 17.70 32.05 3.38
CA TYR A 33 17.01 31.19 4.34
C TYR A 33 16.99 29.77 3.80
N VAL A 34 17.81 28.91 4.41
CA VAL A 34 17.88 27.50 4.01
C VAL A 34 16.70 26.75 4.60
N CYS A 35 16.04 25.94 3.77
CA CYS A 35 14.88 25.16 4.19
C CYS A 35 15.07 23.74 3.68
N VAL A 36 15.62 22.88 4.53
CA VAL A 36 15.87 21.48 4.15
C VAL A 36 14.56 20.72 4.18
N ARG A 37 14.23 20.09 3.05
CA ARG A 37 13.02 19.30 2.95
C ARG A 37 13.13 18.05 3.82
N GLN A 38 11.99 17.61 4.36
CA GLN A 38 11.93 16.39 5.15
C GLN A 38 11.57 15.22 4.25
N TYR A 39 12.38 14.16 4.33
CA TYR A 39 12.15 12.98 3.49
C TYR A 39 11.02 12.12 4.02
N ASP A 40 10.82 12.07 5.33
CA ASP A 40 9.82 11.22 5.95
C ASP A 40 8.86 12.09 6.76
N LEU A 41 7.96 11.42 7.49
CA LEU A 41 6.97 12.09 8.30
C LEU A 41 7.44 12.33 9.73
N THR A 42 8.62 11.83 10.11
CA THR A 42 9.07 11.89 11.50
C THR A 42 10.43 12.55 11.64
N ASP A 43 10.92 13.23 10.61
CA ASP A 43 12.22 13.89 10.67
C ASP A 43 12.11 15.41 10.50
N CYS A 44 11.01 15.99 11.01
CA CYS A 44 10.86 17.44 10.95
C CYS A 44 11.90 18.14 11.80
N GLY A 45 12.14 17.63 13.01
CA GLY A 45 13.15 18.23 13.87
C GLY A 45 14.55 18.06 13.32
N ALA A 46 14.85 16.88 12.77
CA ALA A 46 16.14 16.67 12.14
C ALA A 46 16.32 17.59 10.93
N ALA A 47 15.26 17.77 10.15
CA ALA A 47 15.33 18.67 9.00
C ALA A 47 15.57 20.10 9.44
N CYS A 48 14.91 20.54 10.53
CA CYS A 48 15.12 21.88 11.03
C CYS A 48 16.55 22.08 11.53
N LEU A 49 17.08 21.09 12.25
CA LEU A 49 18.46 21.18 12.73
C LEU A 49 19.43 21.22 11.55
N SER A 50 19.19 20.40 10.53
CA SER A 50 20.03 20.42 9.34
C SER A 50 19.95 21.77 8.63
N SER A 51 18.75 22.36 8.58
CA SER A 51 18.60 23.67 7.97
C SER A 51 19.41 24.73 8.73
N ILE A 52 19.35 24.70 10.06
CA ILE A 52 20.13 25.64 10.85
C ILE A 52 21.61 25.44 10.61
N ALA A 53 22.07 24.18 10.61
CA ALA A 53 23.49 23.91 10.40
C ALA A 53 23.95 24.39 9.01
N GLN A 54 23.13 24.14 7.98
CA GLN A 54 23.48 24.58 6.64
C GLN A 54 23.50 26.10 6.55
N TYR A 55 22.57 26.77 7.23
CA TYR A 55 22.58 28.23 7.27
C TYR A 55 23.86 28.74 7.93
N TYR A 56 24.32 28.06 8.98
CA TYR A 56 25.54 28.47 9.66
C TYR A 56 26.79 27.92 9.02
N GLY A 57 26.67 27.10 7.97
CA GLY A 57 27.82 26.68 7.18
C GLY A 57 28.18 25.21 7.25
N LEU A 58 27.48 24.42 8.05
CA LEU A 58 27.79 22.99 8.19
C LEU A 58 26.72 22.17 7.50
N LYS A 59 27.09 21.49 6.42
CA LYS A 59 26.19 20.61 5.69
C LYS A 59 26.64 19.17 5.88
N MET A 60 25.73 18.30 6.32
CA MET A 60 26.03 16.90 6.50
C MET A 60 24.79 16.09 6.14
N SER A 61 24.94 14.76 6.25
CA SER A 61 23.85 13.87 5.89
C SER A 61 22.66 14.07 6.83
N LEU A 62 21.45 14.02 6.26
CA LEU A 62 20.26 14.14 7.08
C LEU A 62 19.99 12.86 7.86
N ALA A 63 20.36 11.70 7.30
CA ALA A 63 20.22 10.46 8.05
C ALA A 63 21.13 10.44 9.26
N LYS A 64 22.35 10.97 9.12
CA LYS A 64 23.26 11.05 10.26
C LYS A 64 22.68 11.91 11.37
N ILE A 65 22.14 13.08 11.02
CA ILE A 65 21.53 13.95 12.03
C ILE A 65 20.31 13.28 12.65
N ARG A 66 19.49 12.64 11.82
CA ARG A 66 18.33 11.92 12.33
C ARG A 66 18.74 10.83 13.32
N GLU A 67 19.92 10.24 13.12
CA GLU A 67 20.47 9.33 14.12
C GLU A 67 20.92 10.08 15.37
N MET A 68 21.54 11.25 15.19
CA MET A 68 22.05 12.01 16.32
C MET A 68 20.91 12.53 17.21
N THR A 69 19.82 13.00 16.61
CA THR A 69 18.71 13.55 17.39
C THR A 69 17.92 12.48 18.13
N GLY A 70 18.27 11.20 18.00
CA GLY A 70 17.49 10.15 18.62
C GLY A 70 16.08 10.04 18.07
N THR A 71 15.91 10.30 16.78
CA THR A 71 14.58 10.22 16.17
C THR A 71 14.07 8.79 16.19
N ASP A 72 12.81 8.63 16.58
CA ASP A 72 12.14 7.35 16.64
C ASP A 72 10.97 7.33 15.67
N THR A 73 10.18 6.26 15.73
CA THR A 73 9.01 6.15 14.87
C THR A 73 7.92 7.15 15.24
N GLN A 74 8.00 7.79 16.40
CA GLN A 74 7.04 8.79 16.84
C GLN A 74 7.61 10.21 16.76
N GLY A 75 8.55 10.45 15.85
CA GLY A 75 9.17 11.75 15.72
C GLY A 75 10.17 12.02 16.83
N THR A 76 10.72 13.22 16.79
CA THR A 76 11.69 13.67 17.78
C THR A 76 11.07 14.74 18.67
N ASN A 77 11.76 15.02 19.77
CA ASN A 77 11.33 16.02 20.74
C ASN A 77 12.40 17.10 20.89
N ALA A 78 12.11 18.08 21.75
CA ALA A 78 13.03 19.20 21.93
C ALA A 78 14.35 18.75 22.51
N TYR A 79 14.30 17.86 23.51
CA TYR A 79 15.52 17.42 24.19
C TYR A 79 16.51 16.78 23.21
N GLY A 80 15.99 15.97 22.28
CA GLY A 80 16.86 15.40 21.27
C GLY A 80 17.51 16.48 20.41
N LEU A 81 16.75 17.52 20.04
CA LEU A 81 17.32 18.59 19.24
C LEU A 81 18.43 19.32 20.00
N ILE A 82 18.20 19.62 21.28
CA ILE A 82 19.22 20.31 22.06
C ILE A 82 20.46 19.43 22.20
N HIS A 83 20.27 18.14 22.47
CA HIS A 83 21.41 17.24 22.62
C HIS A 83 22.22 17.16 21.32
N ALA A 84 21.53 17.01 20.19
CA ALA A 84 22.22 16.89 18.92
C ALA A 84 22.93 18.19 18.56
N ALA A 85 22.32 19.34 18.86
CA ALA A 85 22.98 20.61 18.60
C ALA A 85 24.21 20.79 19.48
N LYS A 86 24.11 20.40 20.76
CA LYS A 86 25.26 20.52 21.65
C LYS A 86 26.41 19.63 21.20
N GLN A 87 26.11 18.40 20.80
CA GLN A 87 27.17 17.49 20.37
C GLN A 87 27.53 17.68 18.90
N LEU A 88 26.87 18.59 18.20
CA LEU A 88 27.19 18.93 16.82
C LEU A 88 28.07 20.17 16.72
N GLY A 89 28.31 20.86 17.82
CA GLY A 89 29.12 22.07 17.84
C GLY A 89 28.37 23.31 18.28
N PHE A 90 27.04 23.31 18.19
CA PHE A 90 26.26 24.46 18.61
C PHE A 90 26.24 24.56 20.14
N SER A 91 25.81 25.72 20.62
CA SER A 91 25.55 25.95 22.03
C SER A 91 24.05 26.21 22.17
N ALA A 92 23.29 25.14 22.28
CA ALA A 92 21.84 25.22 22.26
C ALA A 92 21.27 25.32 23.67
N LYS A 93 19.98 25.65 23.74
CA LYS A 93 19.26 25.70 25.00
C LYS A 93 17.77 25.67 24.69
N GLY A 94 16.99 25.36 25.72
CA GLY A 94 15.53 25.32 25.61
C GLY A 94 14.91 26.44 26.42
N VAL A 95 13.77 26.94 25.96
CA VAL A 95 13.09 28.03 26.63
C VAL A 95 11.62 27.99 26.23
N LYS A 96 10.75 28.18 27.23
CA LYS A 96 9.31 28.30 27.01
C LYS A 96 8.94 29.77 27.08
N ALA A 97 8.38 30.28 26.00
CA ALA A 97 8.11 31.70 25.86
C ALA A 97 6.71 31.92 25.32
N SER A 98 6.15 33.09 25.63
CA SER A 98 4.83 33.49 25.15
C SER A 98 4.97 34.42 23.94
N LYS A 99 3.85 34.98 23.51
CA LYS A 99 3.86 35.88 22.36
C LYS A 99 4.66 37.15 22.65
N GLU A 100 4.62 37.63 23.90
CA GLU A 100 5.30 38.87 24.24
C GLU A 100 6.81 38.75 24.09
N ASP A 101 7.35 37.57 24.39
CA ASP A 101 8.80 37.38 24.29
C ASP A 101 9.28 37.47 22.84
N LEU A 102 8.40 37.18 21.88
CA LEU A 102 8.79 37.26 20.48
C LEU A 102 9.08 38.70 20.07
N LEU A 103 8.41 39.68 20.69
CA LEU A 103 8.67 41.07 20.36
C LEU A 103 10.06 41.51 20.80
N LYS A 104 10.61 40.86 21.83
CA LYS A 104 11.95 41.19 22.30
C LYS A 104 13.00 40.67 21.33
N ASP A 105 14.24 41.08 21.55
CA ASP A 105 15.35 40.80 20.64
C ASP A 105 16.11 39.56 21.09
N PHE A 106 16.41 38.68 20.13
CA PHE A 106 17.22 37.49 20.36
C PHE A 106 17.67 36.99 19.00
N ARG A 107 18.39 35.86 19.01
CA ARG A 107 18.92 35.32 17.76
C ARG A 107 17.79 34.80 16.88
N LEU A 108 17.78 35.25 15.63
CA LEU A 108 16.67 34.94 14.73
C LEU A 108 16.53 33.46 14.43
N PRO A 109 17.58 32.73 14.00
CA PRO A 109 17.37 31.34 13.58
C PRO A 109 17.15 30.38 14.74
N ALA A 110 15.91 30.29 15.22
CA ALA A 110 15.54 29.37 16.28
C ALA A 110 14.56 28.34 15.76
N ILE A 111 14.42 27.24 16.51
CA ILE A 111 13.48 26.18 16.18
C ILE A 111 12.26 26.31 17.08
N ALA A 112 11.08 26.35 16.46
CA ALA A 112 9.83 26.49 17.18
C ALA A 112 8.96 25.26 16.96
N ASN A 113 8.44 24.71 18.06
CA ASN A 113 7.52 23.58 17.98
C ASN A 113 6.11 24.09 17.74
N VAL A 114 5.45 23.57 16.70
CA VAL A 114 4.12 24.01 16.32
C VAL A 114 3.21 22.80 16.24
N ILE A 115 1.90 23.07 16.31
CA ILE A 115 0.87 22.05 16.21
C ILE A 115 -0.07 22.46 15.07
N VAL A 116 -0.34 21.53 14.16
CA VAL A 116 -1.21 21.79 13.02
C VAL A 116 -2.49 21.00 13.18
N ASP A 117 -3.62 21.71 13.05
CA ASP A 117 -4.97 21.15 12.92
C ASP A 117 -5.46 20.49 14.22
N ASN A 118 -5.17 21.15 15.36
CA ASN A 118 -5.25 20.57 16.70
C ASN A 118 -4.73 19.13 16.65
N ARG A 119 -3.67 18.96 15.86
CA ARG A 119 -3.17 17.70 15.36
C ARG A 119 -1.67 17.86 15.16
N LEU A 120 -1.13 17.11 14.20
CA LEU A 120 0.28 16.72 14.14
C LEU A 120 1.23 17.82 14.62
N ALA A 121 2.22 17.41 15.40
CA ALA A 121 3.22 18.32 15.96
C ALA A 121 4.43 18.34 15.06
N HIS A 122 4.74 19.52 14.53
CA HIS A 122 5.87 19.75 13.63
C HIS A 122 6.87 20.70 14.29
N PHE A 123 8.01 20.87 13.62
CA PHE A 123 8.99 21.87 13.98
C PHE A 123 9.23 22.79 12.79
N VAL A 124 9.44 24.07 13.08
CA VAL A 124 9.71 25.06 12.04
C VAL A 124 10.92 25.88 12.46
N VAL A 125 11.52 26.56 11.50
CA VAL A 125 12.68 27.42 11.75
C VAL A 125 12.26 28.86 11.46
N ILE A 126 12.23 29.69 12.49
CA ILE A 126 11.93 31.11 12.31
C ILE A 126 13.20 31.80 11.83
N TYR A 127 13.09 32.55 10.74
CA TYR A 127 14.26 33.19 10.14
C TYR A 127 14.28 34.70 10.29
N SER A 128 13.13 35.34 10.44
CA SER A 128 13.08 36.79 10.59
C SER A 128 11.80 37.17 11.30
N ILE A 129 11.93 38.01 12.34
CA ILE A 129 10.78 38.54 13.07
C ILE A 129 10.58 39.97 12.56
N LYS A 130 9.71 40.11 11.56
CA LYS A 130 9.42 41.40 10.97
C LYS A 130 8.21 42.02 11.67
N ASN A 131 7.67 43.09 11.10
CA ASN A 131 6.53 43.77 11.71
C ASN A 131 5.29 42.91 11.58
N ARG A 132 4.95 42.18 12.64
CA ARG A 132 3.78 41.33 12.78
C ARG A 132 3.74 40.19 11.76
N ILE A 133 4.78 40.00 10.96
CA ILE A 133 4.86 38.91 10.00
C ILE A 133 6.14 38.13 10.27
N ILE A 134 6.03 36.80 10.29
CA ILE A 134 7.13 35.91 10.65
C ILE A 134 7.39 34.99 9.46
N THR A 135 8.65 34.93 9.04
CA THR A 135 9.07 34.02 7.98
C THR A 135 9.56 32.73 8.63
N VAL A 136 8.95 31.60 8.27
CA VAL A 136 9.32 30.31 8.84
C VAL A 136 9.56 29.31 7.72
N ALA A 137 10.63 28.53 7.87
CA ALA A 137 10.88 27.37 7.05
C ALA A 137 10.25 26.16 7.70
N ASP A 138 9.26 25.58 7.03
CA ASP A 138 8.62 24.34 7.46
C ASP A 138 9.08 23.23 6.54
N PRO A 139 9.73 22.18 7.05
CA PRO A 139 10.20 21.10 6.17
C PRO A 139 9.10 20.48 5.32
N GLY A 140 7.87 20.44 5.83
CA GLY A 140 6.78 19.85 5.06
C GLY A 140 6.40 20.66 3.83
N LYS A 141 6.40 21.99 3.94
CA LYS A 141 5.87 22.85 2.89
C LYS A 141 6.96 23.69 2.22
N GLY A 142 7.70 24.48 2.98
CA GLY A 142 8.74 25.32 2.42
C GLY A 142 8.87 26.60 3.23
N ILE A 143 9.29 27.67 2.55
CA ILE A 143 9.37 28.99 3.16
C ILE A 143 7.98 29.62 3.09
N VAL A 144 7.40 29.92 4.25
CA VAL A 144 6.07 30.52 4.31
C VAL A 144 6.09 31.69 5.28
N ARG A 145 5.08 32.55 5.14
CA ARG A 145 4.92 33.73 5.97
C ARG A 145 3.64 33.60 6.78
N TYR A 146 3.77 33.70 8.10
CA TYR A 146 2.63 33.64 9.01
C TYR A 146 2.48 34.98 9.72
N SER A 147 1.28 35.53 9.73
CA SER A 147 1.03 36.69 10.57
C SER A 147 1.11 36.27 12.03
N MET A 148 1.34 37.24 12.91
CA MET A 148 1.67 36.92 14.30
C MET A 148 0.53 36.17 14.98
N ASP A 149 -0.72 36.59 14.76
CA ASP A 149 -1.84 36.03 15.52
C ASP A 149 -2.01 34.54 15.22
N ASP A 150 -2.10 34.18 13.94
CA ASP A 150 -2.28 32.77 13.60
C ASP A 150 -1.05 31.95 13.93
N PHE A 151 0.14 32.57 13.82
CA PHE A 151 1.36 31.86 14.20
C PHE A 151 1.32 31.45 15.66
N CYS A 152 1.06 32.41 16.56
CA CYS A 152 0.96 32.05 17.98
C CYS A 152 -0.26 31.19 18.26
N SER A 153 -1.26 31.19 17.37
CA SER A 153 -2.36 30.25 17.50
C SER A 153 -1.88 28.83 17.29
N ILE A 154 -1.00 28.62 16.30
CA ILE A 154 -0.50 27.28 16.00
C ILE A 154 0.84 26.96 16.67
N TRP A 155 1.58 27.96 17.12
CA TRP A 155 2.91 27.75 17.68
C TRP A 155 2.82 27.48 19.18
N THR A 156 3.32 26.33 19.60
CA THR A 156 3.37 25.98 21.02
C THR A 156 4.45 26.80 21.72
N GLY A 157 4.28 26.98 23.03
CA GLY A 157 5.17 27.84 23.80
C GLY A 157 6.63 27.39 23.81
N GLY A 158 6.90 26.15 23.44
CA GLY A 158 8.27 25.67 23.43
C GLY A 158 9.12 26.36 22.38
N LEU A 159 10.42 26.42 22.65
CA LEU A 159 11.35 27.09 21.76
C LEU A 159 12.76 26.60 22.05
N VAL A 160 13.57 26.48 21.00
CA VAL A 160 14.96 26.05 21.10
C VAL A 160 15.84 27.13 20.49
N LEU A 161 16.81 27.60 21.27
CA LEU A 161 17.74 28.63 20.84
C LEU A 161 19.08 27.99 20.51
N LEU A 162 19.63 28.34 19.35
CA LEU A 162 20.88 27.79 18.86
C LEU A 162 21.87 28.92 18.57
N GLU A 163 23.14 28.63 18.79
CA GLU A 163 24.21 29.58 18.55
C GLU A 163 25.54 28.84 18.48
N PRO A 164 26.37 29.10 17.46
CA PRO A 164 27.66 28.40 17.36
C PRO A 164 28.51 28.65 18.60
N GLY A 165 29.15 27.58 19.06
CA GLY A 165 29.97 27.60 20.25
C GLY A 165 31.44 27.76 19.94
N GLU A 166 32.27 27.28 20.87
CA GLU A 166 33.72 27.37 20.68
C GLU A 166 34.18 26.54 19.50
N ALA A 167 33.64 25.33 19.35
CA ALA A 167 34.07 24.38 18.32
C ALA A 167 32.90 24.12 17.37
N PHE A 168 32.82 24.90 16.30
CA PHE A 168 31.84 24.73 15.23
C PHE A 168 32.53 24.83 13.88
N GLN A 169 33.60 24.05 13.71
CA GLN A 169 34.33 24.03 12.45
C GLN A 169 33.40 23.70 11.29
N LYS A 170 33.25 24.64 10.38
CA LYS A 170 32.37 24.47 9.23
C LYS A 170 32.89 23.36 8.33
N GLY A 171 31.97 22.71 7.63
CA GLY A 171 32.35 21.62 6.74
C GLY A 171 31.24 21.28 5.78
N ASP A 172 31.54 20.34 4.89
CA ASP A 172 30.63 19.85 3.87
C ASP A 172 30.66 18.33 3.84
N TYR A 173 30.46 17.71 5.00
CA TYR A 173 30.65 16.26 5.12
C TYR A 173 29.53 15.50 4.43
N THR A 174 29.46 15.61 3.11
CA THR A 174 28.52 14.87 2.30
C THR A 174 29.11 14.72 0.91
N GLN A 175 28.58 13.75 0.16
CA GLN A 175 29.08 13.43 -1.17
C GLN A 175 27.99 13.63 -2.20
N ASN A 176 28.39 14.04 -3.40
CA ASN A 176 27.45 14.14 -4.51
C ASN A 176 26.97 12.73 -4.89
N MET A 177 25.68 12.48 -4.69
CA MET A 177 25.14 11.14 -4.83
C MET A 177 24.67 10.81 -6.22
N MET A 178 24.55 11.79 -7.12
CA MET A 178 24.25 11.49 -8.51
C MET A 178 25.47 10.92 -9.22
N VAL A 179 26.67 11.34 -8.84
CA VAL A 179 27.89 10.77 -9.41
C VAL A 179 28.04 9.31 -8.99
N LYS A 180 27.74 9.02 -7.71
CA LYS A 180 27.88 7.65 -7.22
C LYS A 180 26.98 6.68 -7.98
N PHE A 181 25.73 7.08 -8.23
CA PHE A 181 24.81 6.23 -8.96
C PHE A 181 25.09 6.25 -10.45
N ALA A 182 25.60 7.36 -10.99
CA ALA A 182 26.01 7.40 -12.38
C ALA A 182 27.23 6.54 -12.65
N GLY A 183 28.00 6.22 -11.61
CA GLY A 183 29.09 5.26 -11.76
C GLY A 183 28.63 3.88 -12.15
N PHE A 184 27.33 3.59 -12.02
CA PHE A 184 26.80 2.33 -12.50
C PHE A 184 26.87 2.20 -14.02
N LEU A 185 27.07 3.32 -14.73
CA LEU A 185 27.13 3.29 -16.19
C LEU A 185 28.49 2.86 -16.72
N LYS A 186 29.51 2.77 -15.87
CA LYS A 186 30.83 2.37 -16.33
C LYS A 186 30.86 0.96 -16.92
N PRO A 187 30.29 -0.08 -16.28
CA PRO A 187 30.29 -1.40 -16.92
C PRO A 187 29.47 -1.47 -18.20
N LEU A 188 28.54 -0.53 -18.41
CA LEU A 188 27.63 -0.57 -19.54
C LEU A 188 27.92 0.53 -20.57
N LYS A 189 29.21 0.81 -20.80
CA LYS A 189 29.56 1.83 -21.78
C LYS A 189 29.38 1.34 -23.21
N LYS A 190 29.39 0.02 -23.42
CA LYS A 190 29.15 -0.51 -24.76
C LYS A 190 27.70 -0.33 -25.17
N THR A 191 26.76 -0.56 -24.26
CA THR A 191 25.35 -0.38 -24.58
C THR A 191 25.03 1.09 -24.82
N VAL A 192 25.60 1.99 -24.01
CA VAL A 192 25.33 3.41 -24.18
C VAL A 192 25.92 3.92 -25.50
N LEU A 193 27.09 3.40 -25.89
CA LEU A 193 27.71 3.83 -27.14
C LEU A 193 26.86 3.45 -28.34
N CYS A 194 26.28 2.24 -28.33
CA CYS A 194 25.43 1.82 -29.44
C CYS A 194 24.16 2.65 -29.50
N ILE A 195 23.59 3.00 -28.35
CA ILE A 195 22.39 3.83 -28.32
C ILE A 195 22.68 5.19 -28.94
N PHE A 196 23.84 5.77 -28.63
CA PHE A 196 24.19 7.08 -29.17
C PHE A 196 24.31 7.03 -30.69
N LEU A 197 24.97 6.01 -31.22
CA LEU A 197 25.12 5.89 -32.67
C LEU A 197 23.78 5.65 -33.35
N ALA A 198 22.95 4.78 -32.77
CA ALA A 198 21.63 4.53 -33.34
C ALA A 198 20.77 5.79 -33.34
N SER A 199 20.84 6.57 -32.25
CA SER A 199 20.08 7.82 -32.20
C SER A 199 20.58 8.83 -33.22
N LEU A 200 21.91 8.92 -33.39
CA LEU A 200 22.45 9.84 -34.38
C LEU A 200 21.99 9.46 -35.79
N LEU A 201 22.05 8.16 -36.11
CA LEU A 201 21.64 7.73 -37.44
C LEU A 201 20.14 7.92 -37.64
N TYR A 202 19.34 7.67 -36.60
CA TYR A 202 17.90 7.90 -36.67
C TYR A 202 17.59 9.36 -36.94
N THR A 203 18.25 10.26 -36.21
CA THR A 203 18.05 11.69 -36.40
C THR A 203 18.47 12.13 -37.80
N ALA A 204 19.62 11.64 -38.27
CA ALA A 204 20.08 12.00 -39.60
C ALA A 204 19.10 11.52 -40.68
N LEU A 205 18.60 10.30 -40.54
CA LEU A 205 17.64 9.79 -41.52
C LEU A 205 16.35 10.60 -41.49
N GLY A 206 15.86 10.96 -40.30
CA GLY A 206 14.65 11.77 -40.23
C GLY A 206 14.83 13.14 -40.83
N ILE A 207 15.98 13.77 -40.56
CA ILE A 207 16.26 15.09 -41.13
C ILE A 207 16.35 15.00 -42.65
N ALA A 208 16.99 13.94 -43.17
CA ALA A 208 17.05 13.76 -44.62
C ALA A 208 15.66 13.55 -45.21
N GLY A 209 14.81 12.77 -44.54
CA GLY A 209 13.48 12.50 -45.04
C GLY A 209 12.50 13.64 -44.89
N SER A 210 12.84 14.64 -44.08
CA SER A 210 11.96 15.80 -43.95
C SER A 210 11.95 16.69 -45.18
N PHE A 211 12.83 16.46 -46.15
CA PHE A 211 12.89 17.24 -47.38
C PHE A 211 12.04 16.66 -48.50
N TYR A 212 11.26 15.60 -48.21
CA TYR A 212 10.37 15.04 -49.21
C TYR A 212 9.35 16.07 -49.68
N ILE A 213 8.78 16.83 -48.76
CA ILE A 213 7.78 17.83 -49.13
C ILE A 213 8.41 18.95 -49.93
N LYS A 214 9.67 19.28 -49.67
CA LYS A 214 10.37 20.26 -50.49
C LYS A 214 10.58 19.74 -51.90
N PHE A 215 10.97 18.47 -52.03
CA PHE A 215 11.19 17.91 -53.36
C PHE A 215 9.89 17.75 -54.14
N LEU A 216 8.77 17.54 -53.43
CA LEU A 216 7.49 17.34 -54.10
C LEU A 216 7.04 18.61 -54.82
N PHE A 217 7.03 19.74 -54.10
CA PHE A 217 6.43 20.96 -54.62
C PHE A 217 7.37 21.77 -55.49
N ASP A 218 8.65 21.86 -55.12
CA ASP A 218 9.56 22.72 -55.86
C ASP A 218 10.00 22.09 -57.18
N ASP A 219 10.13 20.77 -57.23
CA ASP A 219 10.72 20.10 -58.38
C ASP A 219 9.76 19.18 -59.10
N LEU A 220 9.10 18.26 -58.39
CA LEU A 220 8.35 17.21 -59.07
C LEU A 220 6.97 17.69 -59.53
N ILE A 221 6.21 18.32 -58.64
CA ILE A 221 4.87 18.79 -58.99
C ILE A 221 4.94 19.89 -60.04
N LYS A 222 5.89 20.82 -59.87
CA LYS A 222 5.97 21.96 -60.77
C LYS A 222 6.28 21.54 -62.19
N PHE A 223 7.20 20.59 -62.37
CA PHE A 223 7.63 20.15 -63.69
C PHE A 223 6.94 18.89 -64.17
N GLU A 224 5.98 18.37 -63.40
CA GLU A 224 5.16 17.23 -63.80
C GLU A 224 6.02 15.99 -64.10
N LYS A 225 7.05 15.76 -63.29
CA LYS A 225 7.89 14.59 -63.43
C LYS A 225 7.24 13.42 -62.69
N LEU A 226 7.02 12.31 -63.40
CA LEU A 226 6.32 11.16 -62.84
C LEU A 226 7.26 10.03 -62.45
N ASN A 227 8.17 9.63 -63.34
CA ASN A 227 9.13 8.59 -63.00
C ASN A 227 10.03 9.02 -61.85
N ASP A 228 10.50 10.26 -61.89
CA ASP A 228 11.27 10.81 -60.78
C ASP A 228 10.44 10.81 -59.51
N LEU A 229 9.16 11.13 -59.63
CA LEU A 229 8.27 11.11 -58.47
C LEU A 229 8.23 9.72 -57.83
N HIS A 230 8.02 8.69 -58.65
CA HIS A 230 7.94 7.33 -58.12
C HIS A 230 9.26 6.90 -57.49
N ILE A 231 10.38 7.17 -58.16
CA ILE A 231 11.68 6.76 -57.66
C ILE A 231 11.98 7.45 -56.33
N ILE A 232 11.76 8.76 -56.27
CA ILE A 232 12.07 9.52 -55.06
C ILE A 232 11.16 9.10 -53.91
N SER A 233 9.87 8.86 -54.20
CA SER A 233 8.96 8.41 -53.15
C SER A 233 9.37 7.05 -52.61
N ALA A 234 9.77 6.13 -53.49
CA ALA A 234 10.24 4.83 -53.02
C ALA A 234 11.50 4.97 -52.17
N GLY A 235 12.42 5.84 -52.58
CA GLY A 235 13.61 6.07 -51.78
C GLY A 235 13.30 6.61 -50.40
N PHE A 236 12.35 7.55 -50.32
CA PHE A 236 11.99 8.10 -49.01
C PHE A 236 11.25 7.08 -48.15
N ALA A 237 10.45 6.21 -48.76
CA ALA A 237 9.83 5.13 -48.00
C ALA A 237 10.89 4.19 -47.43
N VAL A 238 11.91 3.87 -48.22
CA VAL A 238 13.00 3.04 -47.72
C VAL A 238 13.73 3.72 -46.57
N ILE A 239 13.95 5.03 -46.70
CA ILE A 239 14.60 5.80 -45.63
C ILE A 239 13.78 5.72 -44.34
N PHE A 240 12.45 5.87 -44.46
CA PHE A 240 11.60 5.80 -43.28
C PHE A 240 11.63 4.41 -42.66
N LEU A 241 11.66 3.37 -43.49
CA LEU A 241 11.74 2.01 -42.94
C LEU A 241 13.04 1.79 -42.18
N LEU A 242 14.15 2.30 -42.72
CA LEU A 242 15.41 2.23 -41.98
C LEU A 242 15.33 2.97 -40.67
N GLN A 243 14.68 4.14 -40.67
CA GLN A 243 14.47 4.90 -39.44
C GLN A 243 13.69 4.10 -38.41
N ILE A 244 12.64 3.39 -38.86
CA ILE A 244 11.83 2.58 -37.96
C ILE A 244 12.66 1.44 -37.36
N PHE A 245 13.47 0.78 -38.19
CA PHE A 245 14.31 -0.30 -37.69
C PHE A 245 15.30 0.21 -36.65
N LEU A 246 15.91 1.36 -36.91
CA LEU A 246 16.84 1.95 -35.95
C LEU A 246 16.14 2.27 -34.64
N ASN A 247 14.92 2.81 -34.71
CA ASN A 247 14.16 3.09 -33.50
C ASN A 247 13.87 1.82 -32.72
N TYR A 248 13.51 0.74 -33.42
CA TYR A 248 13.26 -0.54 -32.76
C TYR A 248 14.50 -1.01 -31.99
N TYR A 249 15.65 -1.02 -32.66
CA TYR A 249 16.88 -1.48 -32.02
C TYR A 249 17.23 -0.61 -30.82
N ARG A 250 17.14 0.71 -30.98
CA ARG A 250 17.49 1.62 -29.89
C ARG A 250 16.53 1.46 -28.72
N SER A 251 15.24 1.25 -28.98
CA SER A 251 14.29 1.06 -27.89
C SER A 251 14.59 -0.22 -27.11
N ILE A 252 14.94 -1.30 -27.81
CA ILE A 252 15.30 -2.53 -27.11
C ILE A 252 16.52 -2.30 -26.22
N LEU A 253 17.54 -1.63 -26.76
CA LEU A 253 18.75 -1.37 -25.99
C LEU A 253 18.46 -0.50 -24.76
N VAL A 254 17.63 0.54 -24.94
CA VAL A 254 17.31 1.43 -23.83
C VAL A 254 16.55 0.68 -22.74
N THR A 255 15.60 -0.17 -23.13
CA THR A 255 14.86 -0.94 -22.14
C THR A 255 15.79 -1.86 -21.35
N LYS A 256 16.70 -2.54 -22.04
CA LYS A 256 17.64 -3.42 -21.34
C LYS A 256 18.53 -2.64 -20.38
N LEU A 257 19.03 -1.47 -20.83
CA LEU A 257 19.88 -0.65 -19.97
C LEU A 257 19.14 -0.21 -18.72
N GLY A 258 17.90 0.26 -18.89
CA GLY A 258 17.12 0.71 -17.74
C GLY A 258 16.85 -0.42 -16.76
N MET A 259 16.51 -1.61 -17.27
CA MET A 259 16.27 -2.73 -16.38
C MET A 259 17.53 -3.10 -15.61
N SER A 260 18.68 -3.11 -16.28
CA SER A 260 19.93 -3.45 -15.60
C SER A 260 20.23 -2.44 -14.49
N ILE A 261 20.08 -1.14 -14.78
CA ILE A 261 20.38 -0.13 -13.77
C ILE A 261 19.42 -0.25 -12.59
N ASP A 262 18.13 -0.46 -12.88
CA ASP A 262 17.15 -0.64 -11.81
C ASP A 262 17.53 -1.81 -10.90
N LYS A 263 17.83 -2.97 -11.51
CA LYS A 263 18.18 -4.14 -10.71
C LYS A 263 19.41 -3.88 -9.87
N SER A 264 20.43 -3.24 -10.44
CA SER A 264 21.65 -2.98 -9.70
C SER A 264 21.38 -2.08 -8.49
N ILE A 265 20.61 -1.00 -8.70
CA ILE A 265 20.37 -0.06 -7.60
C ILE A 265 19.55 -0.71 -6.51
N MET A 266 18.46 -1.40 -6.87
CA MET A 266 17.64 -2.03 -5.85
C MET A 266 18.42 -3.08 -5.07
N MET A 267 19.21 -3.90 -5.77
CA MET A 267 19.95 -4.94 -5.08
C MET A 267 21.01 -4.35 -4.15
N GLU A 268 21.70 -3.31 -4.58
CA GLU A 268 22.69 -2.67 -3.71
C GLU A 268 22.03 -2.10 -2.46
N TYR A 269 20.90 -1.40 -2.64
CA TYR A 269 20.23 -0.80 -1.48
C TYR A 269 19.76 -1.87 -0.52
N TYR A 270 19.15 -2.94 -1.04
CA TYR A 270 18.66 -4.00 -0.17
C TYR A 270 19.79 -4.71 0.56
N SER A 271 20.88 -5.00 -0.16
CA SER A 271 22.01 -5.68 0.46
C SER A 271 22.61 -4.84 1.58
N HIS A 272 22.69 -3.52 1.38
CA HIS A 272 23.20 -2.66 2.45
C HIS A 272 22.23 -2.61 3.62
N VAL A 273 20.93 -2.50 3.33
CA VAL A 273 19.92 -2.36 4.38
C VAL A 273 19.91 -3.59 5.28
N LEU A 274 20.07 -4.78 4.69
CA LEU A 274 20.04 -6.00 5.48
C LEU A 274 21.20 -6.10 6.46
N LYS A 275 22.23 -5.27 6.33
CA LYS A 275 23.39 -5.29 7.21
C LYS A 275 23.39 -4.20 8.27
N LEU A 276 22.46 -3.25 8.19
CA LEU A 276 22.45 -2.13 9.11
C LEU A 276 22.08 -2.60 10.53
N PRO A 277 22.52 -1.87 11.55
CA PRO A 277 22.27 -2.31 12.93
C PRO A 277 20.79 -2.31 13.27
N MET A 278 20.49 -2.83 14.46
CA MET A 278 19.10 -2.96 14.87
C MET A 278 18.47 -1.62 15.25
N ASN A 279 19.27 -0.65 15.66
CA ASN A 279 18.72 0.66 16.00
C ASN A 279 18.20 1.39 14.77
N PHE A 280 18.57 0.96 13.57
CA PHE A 280 18.05 1.56 12.34
C PHE A 280 16.62 1.11 12.06
N PHE A 281 16.29 -0.16 12.37
CA PHE A 281 14.97 -0.68 12.04
C PHE A 281 13.92 -0.27 13.07
N ASN A 282 14.33 -0.08 14.33
CA ASN A 282 13.37 0.32 15.36
C ASN A 282 13.12 1.82 15.40
N SER A 283 13.93 2.61 14.69
CA SER A 283 13.71 4.03 14.55
C SER A 283 12.97 4.40 13.28
N ARG A 284 12.55 3.40 12.50
CA ARG A 284 11.86 3.62 11.24
C ARG A 284 10.68 2.65 11.14
N LYS A 285 9.73 3.01 10.28
CA LYS A 285 8.61 2.14 10.00
C LYS A 285 8.91 1.26 8.79
N VAL A 286 8.08 0.23 8.61
CA VAL A 286 8.25 -0.66 7.46
C VAL A 286 8.06 0.12 6.16
N GLY A 287 7.10 1.03 6.14
CA GLY A 287 6.85 1.81 4.94
C GLY A 287 8.03 2.66 4.52
N GLU A 288 8.72 3.25 5.51
CA GLU A 288 9.87 4.10 5.19
C GLU A 288 10.97 3.29 4.50
N ILE A 289 11.25 2.08 5.01
CA ILE A 289 12.29 1.26 4.41
C ILE A 289 11.86 0.73 3.05
N ILE A 290 10.59 0.32 2.92
CA ILE A 290 10.13 -0.27 1.67
C ILE A 290 10.04 0.76 0.56
N SER A 291 9.61 1.99 0.87
CA SER A 291 9.38 2.99 -0.15
C SER A 291 10.65 3.43 -0.87
N ARG A 292 11.82 3.10 -0.34
CA ARG A 292 13.07 3.47 -1.00
C ARG A 292 13.31 2.67 -2.28
N PHE A 293 12.54 1.62 -2.55
CA PHE A 293 12.73 0.88 -3.79
C PHE A 293 12.26 1.67 -4.99
N MET A 294 11.17 2.43 -4.86
CA MET A 294 10.74 3.30 -5.94
C MET A 294 11.78 4.38 -6.24
N ASP A 295 12.55 4.77 -5.23
CA ASP A 295 13.63 5.71 -5.45
C ASP A 295 14.66 5.16 -6.43
N ALA A 296 14.79 3.83 -6.52
CA ALA A 296 15.71 3.25 -7.49
C ALA A 296 15.28 3.57 -8.92
N SER A 297 13.99 3.38 -9.22
CA SER A 297 13.48 3.75 -10.54
C SER A 297 13.55 5.26 -10.76
N LYS A 298 13.29 6.04 -9.71
CA LYS A 298 13.38 7.49 -9.84
C LYS A 298 14.80 7.93 -10.19
N ILE A 299 15.81 7.30 -9.59
CA ILE A 299 17.19 7.60 -9.92
C ILE A 299 17.53 7.12 -11.33
N ARG A 300 17.05 5.94 -11.69
CA ARG A 300 17.35 5.38 -13.02
C ARG A 300 16.79 6.27 -14.12
N GLN A 301 15.63 6.89 -13.89
CA GLN A 301 15.00 7.70 -14.92
C GLN A 301 15.86 8.90 -15.33
N ALA A 302 16.84 9.28 -14.50
CA ALA A 302 17.78 10.33 -14.86
C ALA A 302 19.20 9.85 -15.07
N ILE A 303 19.57 8.71 -14.49
CA ILE A 303 20.90 8.17 -14.72
C ILE A 303 21.04 7.68 -16.15
N SER A 304 20.02 6.98 -16.66
CA SER A 304 20.01 6.49 -18.03
C SER A 304 19.20 7.39 -18.96
N GLY A 305 18.10 7.97 -18.49
CA GLY A 305 17.24 8.77 -19.33
C GLY A 305 17.74 10.17 -19.58
N ALA A 306 18.02 10.91 -18.51
CA ALA A 306 18.38 12.32 -18.65
C ALA A 306 19.69 12.48 -19.42
N THR A 307 20.70 11.66 -19.12
CA THR A 307 21.98 11.80 -19.78
C THR A 307 21.88 11.48 -21.27
N LEU A 308 21.24 10.37 -21.61
CA LEU A 308 21.07 10.02 -23.01
C LEU A 308 20.26 11.07 -23.75
N THR A 309 19.19 11.57 -23.13
CA THR A 309 18.38 12.62 -23.74
C THR A 309 19.21 13.86 -23.99
N ILE A 310 20.04 14.26 -23.03
CA ILE A 310 20.87 15.45 -23.20
C ILE A 310 21.83 15.25 -24.36
N MET A 311 22.56 14.13 -24.37
CA MET A 311 23.57 13.91 -25.40
C MET A 311 22.95 13.86 -26.79
N ILE A 312 21.81 13.18 -26.94
CA ILE A 312 21.18 13.09 -28.24
C ILE A 312 20.61 14.45 -28.65
N ASP A 313 19.85 15.08 -27.77
CA ASP A 313 19.06 16.24 -28.14
C ASP A 313 19.91 17.50 -28.30
N THR A 314 21.06 17.61 -27.64
CA THR A 314 21.92 18.76 -27.88
C THR A 314 22.36 18.81 -29.34
N ILE A 315 22.91 17.71 -29.85
CA ILE A 315 23.33 17.67 -31.25
C ILE A 315 22.13 17.74 -32.18
N MET A 316 21.03 17.06 -31.82
CA MET A 316 19.84 17.10 -32.66
C MET A 316 19.32 18.52 -32.83
N ALA A 317 19.22 19.27 -31.73
CA ALA A 317 18.72 20.63 -31.78
C ALA A 317 19.72 21.57 -32.46
N VAL A 318 21.01 21.34 -32.28
CA VAL A 318 22.00 22.18 -32.95
C VAL A 318 21.88 22.02 -34.47
N ILE A 319 21.79 20.77 -34.93
CA ILE A 319 21.65 20.52 -36.36
C ILE A 319 20.35 21.10 -36.88
N GLY A 320 19.25 20.91 -36.13
CA GLY A 320 17.98 21.46 -36.56
C GLY A 320 17.99 22.98 -36.65
N GLY A 321 18.61 23.64 -35.68
CA GLY A 321 18.71 25.09 -35.74
C GLY A 321 19.57 25.57 -36.88
N ILE A 322 20.68 24.89 -37.16
CA ILE A 322 21.52 25.26 -38.29
C ILE A 322 20.72 25.13 -39.58
N LEU A 323 19.98 24.03 -39.74
CA LEU A 323 19.20 23.84 -40.96
C LEU A 323 18.10 24.88 -41.09
N LEU A 324 17.42 25.21 -39.97
CA LEU A 324 16.38 26.21 -40.02
C LEU A 324 16.95 27.57 -40.40
N TYR A 325 18.11 27.93 -39.86
CA TYR A 325 18.74 29.19 -40.24
C TYR A 325 19.15 29.18 -41.71
N ILE A 326 19.55 28.02 -42.23
CA ILE A 326 19.84 27.90 -43.65
C ILE A 326 18.58 28.17 -44.47
N GLN A 327 17.45 27.61 -44.03
CA GLN A 327 16.19 27.82 -44.77
C GLN A 327 15.80 29.30 -44.79
N ASN A 328 15.74 29.93 -43.62
CA ASN A 328 15.42 31.36 -43.51
C ASN A 328 15.73 31.81 -42.10
N SER A 329 16.32 33.01 -41.99
CA SER A 329 16.70 33.52 -40.67
C SER A 329 15.50 33.99 -39.87
N SER A 330 14.57 34.70 -40.52
CA SER A 330 13.43 35.27 -39.80
C SER A 330 12.56 34.19 -39.20
N LEU A 331 12.27 33.14 -39.97
CA LEU A 331 11.48 32.03 -39.45
C LEU A 331 12.20 31.31 -38.32
N PHE A 332 13.53 31.19 -38.42
CA PHE A 332 14.29 30.59 -37.33
C PHE A 332 14.18 31.43 -36.06
N PHE A 333 14.25 32.75 -36.20
CA PHE A 333 14.12 33.61 -35.02
C PHE A 333 12.71 33.51 -34.43
N ILE A 334 11.70 33.38 -35.29
CA ILE A 334 10.33 33.21 -34.79
C ILE A 334 10.21 31.91 -33.99
N SER A 335 10.78 30.83 -34.51
CA SER A 335 10.75 29.55 -33.79
C SER A 335 11.53 29.63 -32.49
N PHE A 336 12.65 30.35 -32.50
CA PHE A 336 13.41 30.54 -31.26
C PHE A 336 12.59 31.29 -30.22
N ILE A 337 11.87 32.33 -30.64
CA ILE A 337 10.99 33.05 -29.72
C ILE A 337 9.90 32.12 -29.19
N ILE A 338 9.37 31.25 -30.06
CA ILE A 338 8.34 30.30 -29.64
C ILE A 338 8.88 29.40 -28.52
N ILE A 339 10.06 28.84 -28.74
CA ILE A 339 10.61 27.91 -27.75
C ILE A 339 11.02 28.65 -26.48
N LEU A 340 11.44 29.92 -26.61
CA LEU A 340 11.74 30.72 -25.42
C LEU A 340 10.48 30.93 -24.59
N LEU A 341 9.36 31.25 -25.25
CA LEU A 341 8.11 31.44 -24.51
C LEU A 341 7.67 30.14 -23.85
N TYR A 342 7.80 29.02 -24.56
CA TYR A 342 7.43 27.73 -23.97
C TYR A 342 8.27 27.43 -22.74
N GLY A 343 9.58 27.66 -22.83
CA GLY A 343 10.45 27.42 -21.69
C GLY A 343 10.12 28.32 -20.51
N ILE A 344 9.83 29.60 -20.79
CA ILE A 344 9.47 30.53 -19.73
C ILE A 344 8.21 30.08 -19.02
N ILE A 345 7.19 29.69 -19.78
CA ILE A 345 5.93 29.26 -19.20
C ILE A 345 6.11 28.02 -18.35
N VAL A 346 6.87 27.03 -18.87
CA VAL A 346 7.08 25.79 -18.13
C VAL A 346 7.85 26.05 -16.85
N THR A 347 8.90 26.88 -16.91
CA THR A 347 9.67 27.20 -15.72
C THR A 347 8.82 27.92 -14.69
N VAL A 348 7.96 28.84 -15.12
CA VAL A 348 7.09 29.54 -14.20
C VAL A 348 6.12 28.57 -13.52
N PHE A 349 5.54 27.65 -14.29
CA PHE A 349 4.55 26.73 -13.74
C PHE A 349 5.17 25.52 -13.04
N ASN A 350 6.50 25.39 -13.03
CA ASN A 350 7.15 24.24 -12.41
C ASN A 350 6.74 24.05 -10.95
N LYS A 351 7.09 25.01 -10.09
CA LYS A 351 6.92 24.81 -8.65
C LYS A 351 5.48 24.65 -8.20
N PRO A 352 4.51 25.48 -8.62
CA PRO A 352 3.14 25.29 -8.14
C PRO A 352 2.58 23.91 -8.42
N ILE A 353 2.94 23.31 -9.56
CA ILE A 353 2.43 21.99 -9.90
C ILE A 353 2.96 20.95 -8.92
N GLN A 354 4.24 21.03 -8.56
CA GLN A 354 4.79 20.07 -7.61
C GLN A 354 4.23 20.29 -6.21
N ASN A 355 3.97 21.54 -5.84
CA ASN A 355 3.31 21.80 -4.56
C ASN A 355 1.92 21.18 -4.52
N ALA A 356 1.15 21.35 -5.60
CA ALA A 356 -0.18 20.76 -5.67
C ALA A 356 -0.11 19.23 -5.63
N ASN A 357 0.88 18.65 -6.30
CA ASN A 357 1.05 17.20 -6.27
C ASN A 357 1.35 16.70 -4.87
N ARG A 358 2.22 17.41 -4.14
CA ARG A 358 2.53 17.02 -2.76
C ARG A 358 1.29 17.13 -1.88
N GLN A 359 0.51 18.20 -2.05
CA GLN A 359 -0.72 18.34 -1.27
C GLN A 359 -1.71 17.22 -1.58
N ILE A 360 -1.84 16.85 -2.85
CA ILE A 360 -2.73 15.75 -3.22
C ILE A 360 -2.25 14.45 -2.59
N MET A 361 -0.94 14.21 -2.60
CA MET A 361 -0.41 12.99 -1.99
C MET A 361 -0.73 12.95 -0.50
N GLU A 362 -0.56 14.09 0.19
CA GLU A 362 -0.86 14.14 1.61
C GLU A 362 -2.34 13.86 1.87
N ASP A 363 -3.22 14.47 1.07
CA ASP A 363 -4.66 14.28 1.28
C ASP A 363 -5.07 12.84 0.99
N ASN A 364 -4.51 12.23 -0.05
CA ASN A 364 -4.81 10.83 -0.35
C ASN A 364 -4.31 9.92 0.75
N ALA A 365 -3.13 10.20 1.30
CA ALA A 365 -2.62 9.41 2.42
C ALA A 365 -3.55 9.51 3.62
N LYS A 366 -4.01 10.72 3.94
CA LYS A 366 -4.93 10.89 5.05
C LYS A 366 -6.23 10.12 4.82
N LEU A 367 -6.78 10.22 3.61
CA LEU A 367 -8.04 9.53 3.31
C LEU A 367 -7.88 8.02 3.40
N THR A 368 -6.79 7.47 2.84
CA THR A 368 -6.63 6.02 2.88
C THR A 368 -6.34 5.53 4.29
N SER A 369 -5.63 6.32 5.09
CA SER A 369 -5.44 5.96 6.49
C SER A 369 -6.76 5.94 7.24
N ALA A 370 -7.62 6.93 6.99
CA ALA A 370 -8.93 6.95 7.64
C ALA A 370 -9.77 5.76 7.22
N LEU A 371 -9.76 5.42 5.92
CA LEU A 371 -10.52 4.26 5.45
C LEU A 371 -10.01 2.97 6.08
N VAL A 372 -8.69 2.81 6.15
CA VAL A 372 -8.12 1.60 6.75
C VAL A 372 -8.49 1.51 8.22
N GLU A 373 -8.38 2.62 8.95
CA GLU A 373 -8.74 2.62 10.36
C GLU A 373 -10.22 2.32 10.57
N SER A 374 -11.10 2.87 9.74
CA SER A 374 -12.53 2.68 9.91
C SER A 374 -12.99 1.29 9.50
N VAL A 375 -12.29 0.64 8.57
CA VAL A 375 -12.68 -0.70 8.18
C VAL A 375 -11.99 -1.77 9.04
N LYS A 376 -10.85 -1.44 9.65
CA LYS A 376 -10.16 -2.38 10.53
C LYS A 376 -10.82 -2.48 11.90
N GLY A 377 -11.46 -1.41 12.36
CA GLY A 377 -12.16 -1.43 13.63
C GLY A 377 -13.66 -1.32 13.44
N ILE A 378 -14.18 -2.03 12.44
CA ILE A 378 -15.60 -1.95 12.10
C ILE A 378 -16.45 -2.51 13.23
N GLU A 379 -15.93 -3.46 13.99
CA GLU A 379 -16.71 -4.08 15.06
C GLU A 379 -17.09 -3.06 16.13
N THR A 380 -16.14 -2.21 16.52
CA THR A 380 -16.43 -1.17 17.51
C THR A 380 -17.43 -0.16 16.97
N ILE A 381 -17.28 0.22 15.71
CA ILE A 381 -18.21 1.17 15.09
C ILE A 381 -19.62 0.61 15.10
N LYS A 382 -19.76 -0.67 14.74
CA LYS A 382 -21.06 -1.31 14.75
C LYS A 382 -21.63 -1.39 16.17
N SER A 383 -20.78 -1.75 17.14
CA SER A 383 -21.25 -1.91 18.52
C SER A 383 -21.73 -0.58 19.09
N PHE A 384 -21.04 0.51 18.77
CA PHE A 384 -21.38 1.83 19.30
C PHE A 384 -22.31 2.60 18.39
N GLY A 385 -22.74 2.02 17.27
CA GLY A 385 -23.65 2.71 16.37
C GLY A 385 -23.08 3.97 15.76
N ALA A 386 -21.79 3.96 15.41
CA ALA A 386 -21.12 5.11 14.83
C ALA A 386 -20.96 4.99 13.32
N GLU A 387 -21.91 4.35 12.63
CA GLU A 387 -21.82 4.19 11.19
C GLU A 387 -22.19 5.46 10.44
N GLU A 388 -22.82 6.43 11.10
CA GLU A 388 -23.22 7.66 10.44
C GLU A 388 -22.16 8.76 10.54
N GLN A 389 -21.48 8.85 11.69
CA GLN A 389 -20.43 9.86 11.83
C GLN A 389 -19.15 9.45 11.11
N THR A 390 -18.86 8.16 11.05
CA THR A 390 -17.72 7.69 10.26
C THR A 390 -17.92 8.00 8.78
N GLU A 391 -19.16 7.82 8.30
CA GLU A 391 -19.48 8.19 6.93
C GLU A 391 -19.27 9.67 6.69
N LYS A 392 -19.67 10.51 7.65
CA LYS A 392 -19.49 11.95 7.50
C LYS A 392 -18.02 12.33 7.47
N SER A 393 -17.21 11.74 8.34
CA SER A 393 -15.78 12.04 8.33
C SER A 393 -15.13 11.60 7.03
N THR A 394 -15.48 10.41 6.53
CA THR A 394 -14.93 9.94 5.27
C THR A 394 -15.36 10.85 4.13
N ARG A 395 -16.61 11.31 4.13
CA ARG A 395 -17.08 12.22 3.10
C ARG A 395 -16.32 13.54 3.15
N ASP A 396 -16.04 14.05 4.35
CA ASP A 396 -15.28 15.29 4.46
C ASP A 396 -13.87 15.12 3.91
N LYS A 397 -13.23 13.99 4.22
CA LYS A 397 -11.88 13.76 3.69
C LYS A 397 -11.90 13.59 2.18
N ILE A 398 -12.93 12.94 1.64
CA ILE A 398 -13.07 12.83 0.19
C ILE A 398 -13.25 14.21 -0.43
N GLU A 399 -14.02 15.08 0.23
CA GLU A 399 -14.19 16.45 -0.26
C GLU A 399 -12.86 17.19 -0.29
N THR A 400 -12.05 17.03 0.75
CA THR A 400 -10.73 17.66 0.76
C THR A 400 -9.86 17.14 -0.37
N VAL A 401 -9.87 15.83 -0.59
CA VAL A 401 -9.10 15.25 -1.68
C VAL A 401 -9.55 15.81 -3.02
N MET A 402 -10.87 15.92 -3.22
CA MET A 402 -11.39 16.46 -4.47
C MET A 402 -11.00 17.92 -4.65
N LYS A 403 -10.99 18.70 -3.58
CA LYS A 403 -10.59 20.09 -3.68
C LYS A 403 -9.12 20.21 -4.11
N SER A 404 -8.25 19.41 -3.51
CA SER A 404 -6.85 19.43 -3.91
C SER A 404 -6.68 18.99 -5.36
N SER A 405 -7.43 17.96 -5.76
CA SER A 405 -7.37 17.48 -7.14
C SER A 405 -7.83 18.56 -8.11
N PHE A 406 -8.86 19.31 -7.74
CA PHE A 406 -9.34 20.39 -8.60
C PHE A 406 -8.31 21.51 -8.71
N LYS A 407 -7.62 21.82 -7.60
CA LYS A 407 -6.56 22.83 -7.68
C LYS A 407 -5.46 22.41 -8.65
N GLU A 408 -5.01 21.16 -8.53
CA GLU A 408 -3.97 20.68 -9.44
C GLU A 408 -4.48 20.64 -10.88
N GLY A 409 -5.73 20.22 -11.08
CA GLY A 409 -6.29 20.18 -12.42
C GLY A 409 -6.42 21.55 -13.04
N MET A 410 -6.78 22.55 -12.24
CA MET A 410 -6.83 23.92 -12.75
C MET A 410 -5.44 24.41 -13.13
N LEU A 411 -4.43 24.09 -12.32
CA LEU A 411 -3.06 24.46 -12.67
C LEU A 411 -2.66 23.83 -14.01
N TYR A 412 -2.93 22.54 -14.17
CA TYR A 412 -2.58 21.85 -15.41
C TYR A 412 -3.36 22.42 -16.60
N ILE A 413 -4.63 22.76 -16.40
CA ILE A 413 -5.43 23.31 -17.49
C ILE A 413 -4.89 24.67 -17.92
N ASN A 414 -4.53 25.52 -16.95
CA ASN A 414 -3.94 26.81 -17.30
C ASN A 414 -2.64 26.64 -18.06
N LEU A 415 -1.78 25.73 -17.58
CA LEU A 415 -0.51 25.49 -18.28
C LEU A 415 -0.74 24.99 -19.69
N SER A 416 -1.65 24.04 -19.87
CA SER A 416 -1.93 23.49 -21.18
C SER A 416 -2.51 24.54 -22.12
N SER A 417 -3.39 25.40 -21.60
CA SER A 417 -3.96 26.45 -22.42
C SER A 417 -2.90 27.43 -22.88
N LEU A 418 -2.01 27.85 -21.97
CA LEU A 418 -0.94 28.77 -22.36
C LEU A 418 0.01 28.14 -23.38
N THR A 419 0.38 26.87 -23.16
CA THR A 419 1.26 26.18 -24.08
C THR A 419 0.61 26.03 -25.46
N GLY A 420 -0.68 25.67 -25.49
CA GLY A 420 -1.37 25.55 -26.76
C GLY A 420 -1.49 26.88 -27.49
N ILE A 421 -1.77 27.95 -26.75
CA ILE A 421 -1.79 29.28 -27.35
C ILE A 421 -0.45 29.57 -28.01
N VAL A 422 0.64 29.36 -27.26
CA VAL A 422 1.97 29.66 -27.79
C VAL A 422 2.23 28.84 -29.05
N ALA A 423 1.99 27.52 -28.98
CA ALA A 423 2.33 26.66 -30.10
C ALA A 423 1.49 26.98 -31.34
N GLY A 424 0.17 27.08 -31.18
CA GLY A 424 -0.68 27.33 -32.33
C GLY A 424 -0.47 28.70 -32.94
N LEU A 425 -0.38 29.75 -32.11
CA LEU A 425 -0.12 31.08 -32.65
C LEU A 425 1.26 31.15 -33.29
N GLY A 426 2.24 30.44 -32.75
CA GLY A 426 3.54 30.41 -33.39
C GLY A 426 3.51 29.72 -34.75
N GLY A 427 2.76 28.62 -34.85
CA GLY A 427 2.62 27.96 -36.13
C GLY A 427 1.93 28.84 -37.16
N ILE A 428 0.87 29.52 -36.74
CA ILE A 428 0.16 30.42 -37.65
C ILE A 428 1.07 31.58 -38.08
N VAL A 429 1.84 32.14 -37.14
CA VAL A 429 2.73 33.23 -37.46
C VAL A 429 3.85 32.77 -38.38
N ILE A 430 4.33 31.54 -38.20
CA ILE A 430 5.36 31.00 -39.07
C ILE A 430 4.82 30.84 -40.49
N LEU A 431 3.61 30.32 -40.62
CA LEU A 431 2.99 30.22 -41.95
C LEU A 431 2.80 31.60 -42.58
N TRP A 432 2.37 32.57 -41.78
CA TRP A 432 2.16 33.93 -42.27
C TRP A 432 3.46 34.53 -42.79
N ALA A 433 4.53 34.46 -41.99
CA ALA A 433 5.81 35.04 -42.37
C ALA A 433 6.44 34.28 -43.53
N GLY A 434 6.22 32.96 -43.59
CA GLY A 434 6.72 32.21 -44.73
C GLY A 434 6.03 32.57 -46.02
N ALA A 435 4.71 32.76 -45.96
CA ALA A 435 3.99 33.22 -47.15
C ALA A 435 4.45 34.61 -47.56
N TYR A 436 4.69 35.49 -46.59
CA TYR A 436 5.22 36.82 -46.91
C TYR A 436 6.58 36.73 -47.58
N ASN A 437 7.46 35.87 -47.06
CA ASN A 437 8.79 35.73 -47.65
C ASN A 437 8.71 35.15 -49.06
N VAL A 438 7.83 34.16 -49.27
CA VAL A 438 7.65 33.60 -50.60
C VAL A 438 7.14 34.67 -51.56
N ILE A 439 6.20 35.50 -51.11
CA ILE A 439 5.69 36.58 -51.93
C ILE A 439 6.82 37.54 -52.30
N LYS A 440 7.65 37.89 -51.32
CA LYS A 440 8.79 38.77 -51.60
C LYS A 440 9.88 38.08 -52.41
N GLY A 441 9.79 36.78 -52.61
CA GLY A 441 10.79 36.05 -53.38
C GLY A 441 12.02 35.61 -52.63
N ASN A 442 12.02 35.76 -51.30
CA ASN A 442 13.19 35.36 -50.52
C ASN A 442 13.33 33.84 -50.43
N MET A 443 12.25 33.10 -50.59
CA MET A 443 12.27 31.64 -50.43
C MET A 443 11.07 31.07 -51.17
N SER A 444 11.11 29.76 -51.38
CA SER A 444 10.08 29.07 -52.15
C SER A 444 9.09 28.37 -51.23
N GLY A 445 7.96 27.95 -51.81
CA GLY A 445 6.94 27.26 -51.04
C GLY A 445 7.43 25.91 -50.53
N GLY A 446 8.14 25.17 -51.37
CA GLY A 446 8.73 23.92 -50.90
C GLY A 446 9.69 24.13 -49.75
N GLN A 447 10.45 25.22 -49.79
CA GLN A 447 11.33 25.55 -48.67
C GLN A 447 10.53 25.85 -47.41
N LEU A 448 9.40 26.53 -47.54
CA LEU A 448 8.55 26.78 -46.37
C LEU A 448 8.01 25.49 -45.79
N LEU A 449 7.58 24.57 -46.65
CA LEU A 449 7.07 23.29 -46.15
C LEU A 449 8.18 22.47 -45.51
N ALA A 450 9.40 22.53 -46.07
CA ALA A 450 10.53 21.85 -45.46
C ALA A 450 10.87 22.47 -44.10
N PHE A 451 10.74 23.79 -43.98
CA PHE A 451 10.93 24.43 -42.69
C PHE A 451 9.89 23.95 -41.68
N ASN A 452 8.63 23.84 -42.12
CA ASN A 452 7.59 23.32 -41.25
C ASN A 452 7.89 21.89 -40.81
N ALA A 453 8.47 21.09 -41.72
CA ALA A 453 8.83 19.72 -41.36
C ALA A 453 10.00 19.67 -40.37
N LEU A 454 11.02 20.51 -40.58
CA LEU A 454 12.17 20.56 -39.70
C LEU A 454 11.87 21.21 -38.37
N LEU A 455 10.76 21.93 -38.26
CA LEU A 455 10.36 22.52 -36.99
C LEU A 455 10.21 21.45 -35.91
N ALA A 456 9.77 20.25 -36.28
CA ALA A 456 9.69 19.17 -35.30
C ALA A 456 11.07 18.81 -34.76
N TYR A 457 12.00 18.53 -35.67
CA TYR A 457 13.35 18.13 -35.29
C TYR A 457 14.12 19.25 -34.60
N PHE A 458 13.66 20.49 -34.69
CA PHE A 458 14.28 21.54 -33.89
C PHE A 458 13.61 21.75 -32.54
N LEU A 459 12.28 21.77 -32.51
CA LEU A 459 11.56 22.17 -31.30
C LEU A 459 11.43 21.01 -30.31
N THR A 460 11.11 19.81 -30.79
CA THR A 460 10.95 18.68 -29.88
C THR A 460 12.20 18.39 -29.04
N PRO A 461 13.42 18.40 -29.59
CA PRO A 461 14.60 18.22 -28.72
C PRO A 461 14.71 19.28 -27.63
N VAL A 462 14.53 20.56 -27.99
CA VAL A 462 14.62 21.61 -26.99
C VAL A 462 13.47 21.51 -26.00
N LYS A 463 12.28 21.10 -26.47
CA LYS A 463 11.16 20.90 -25.57
C LYS A 463 11.48 19.82 -24.54
N ASN A 464 12.07 18.71 -24.98
CA ASN A 464 12.44 17.65 -24.05
C ASN A 464 13.53 18.11 -23.10
N LEU A 465 14.51 18.87 -23.60
CA LEU A 465 15.57 19.39 -22.74
C LEU A 465 15.00 20.29 -21.66
N ILE A 466 14.02 21.12 -22.01
CA ILE A 466 13.37 21.97 -21.02
C ILE A 466 12.56 21.12 -20.04
N ASP A 467 11.85 20.11 -20.54
CA ASP A 467 11.02 19.25 -19.70
C ASP A 467 11.85 18.32 -18.82
N LEU A 468 13.16 18.25 -19.03
CA LEU A 468 13.99 17.42 -18.15
C LEU A 468 14.09 17.98 -16.74
N GLN A 469 13.72 19.24 -16.52
CA GLN A 469 13.90 19.85 -15.22
C GLN A 469 13.08 19.18 -14.11
N PRO A 470 11.77 18.94 -14.26
CA PRO A 470 11.04 18.25 -13.19
C PRO A 470 11.56 16.85 -12.89
N LEU A 471 12.01 16.13 -13.91
CA LEU A 471 12.50 14.77 -13.69
C LEU A 471 13.82 14.76 -12.93
N ILE A 472 14.72 15.70 -13.25
CA ILE A 472 16.03 15.71 -12.63
C ILE A 472 15.92 16.07 -11.14
N GLN A 473 15.03 17.00 -10.80
CA GLN A 473 14.86 17.37 -9.40
C GLN A 473 14.34 16.21 -8.56
N THR A 474 13.33 15.51 -9.08
CA THR A 474 12.80 14.34 -8.39
C THR A 474 13.86 13.25 -8.27
N ALA A 475 14.65 13.05 -9.33
CA ALA A 475 15.71 12.05 -9.29
C ALA A 475 16.78 12.42 -8.27
N VAL A 476 17.11 13.70 -8.15
CA VAL A 476 18.10 14.13 -7.16
C VAL A 476 17.56 13.92 -5.75
N VAL A 477 16.29 14.23 -5.52
CA VAL A 477 15.70 14.01 -4.21
C VAL A 477 15.72 12.52 -3.86
N ALA A 478 15.34 11.67 -4.81
CA ALA A 478 15.35 10.24 -4.58
C ALA A 478 16.76 9.71 -4.37
N SER A 479 17.74 10.25 -5.11
CA SER A 479 19.11 9.83 -4.95
C SER A 479 19.64 10.16 -3.57
N ASN A 480 19.35 11.37 -3.08
CA ASN A 480 19.72 11.71 -1.71
C ASN A 480 19.04 10.77 -0.72
N ARG A 481 17.74 10.55 -0.90
CA ARG A 481 16.98 9.73 0.05
C ARG A 481 17.52 8.32 0.12
N LEU A 482 17.87 7.73 -1.03
CA LEU A 482 18.33 6.35 -1.04
C LEU A 482 19.81 6.24 -0.65
N GLY A 483 20.62 7.24 -0.98
CA GLY A 483 22.05 7.14 -0.74
C GLY A 483 22.52 7.64 0.60
N GLU A 484 21.71 8.41 1.33
CA GLU A 484 22.08 8.74 2.70
C GLU A 484 22.07 7.49 3.57
N ILE A 485 21.21 6.53 3.25
CA ILE A 485 21.20 5.26 3.97
C ILE A 485 22.46 4.46 3.68
N LEU A 486 22.94 4.50 2.43
CA LEU A 486 24.11 3.73 2.05
C LEU A 486 25.38 4.19 2.77
N GLU A 487 25.38 5.41 3.31
CA GLU A 487 26.53 5.88 4.08
C GLU A 487 26.51 5.39 5.52
N LEU A 488 25.38 4.88 6.00
CA LEU A 488 25.28 4.42 7.37
C LEU A 488 26.17 3.20 7.58
N ALA A 489 26.91 3.20 8.69
CA ALA A 489 27.79 2.08 9.00
C ALA A 489 26.96 0.85 9.36
N THR A 490 27.36 -0.30 8.83
CA THR A 490 26.64 -1.53 9.09
C THR A 490 26.97 -2.04 10.50
N GLU A 491 26.38 -3.18 10.85
CA GLU A 491 26.59 -3.73 12.19
C GLU A 491 28.00 -4.27 12.35
N LYS A 492 28.60 -4.79 11.28
CA LYS A 492 29.94 -5.34 11.36
C LYS A 492 31.00 -4.24 11.45
N GLU A 493 30.73 -3.08 10.86
CA GLU A 493 31.73 -2.01 10.86
C GLU A 493 31.86 -1.35 12.23
N LEU A 494 30.79 -1.35 13.01
CA LEU A 494 30.83 -0.73 14.33
C LEU A 494 31.46 -1.61 15.39
N ARG A 495 31.73 -2.88 15.08
CA ARG A 495 32.28 -3.79 16.06
C ARG A 495 33.77 -3.51 16.30
N GLU A 496 34.23 -3.86 17.49
CA GLU A 496 35.63 -3.68 17.87
C GLU A 496 36.44 -4.86 17.36
N ASP A 497 37.69 -4.95 17.79
CA ASP A 497 38.54 -6.08 17.41
C ASP A 497 38.14 -7.33 18.19
N SER A 498 37.94 -8.42 17.48
CA SER A 498 37.48 -9.67 18.06
C SER A 498 38.67 -10.61 18.31
N ASP A 499 38.55 -11.41 19.37
CA ASP A 499 39.56 -12.39 19.73
C ASP A 499 39.12 -13.75 19.18
N ASP A 500 39.99 -14.38 18.38
CA ASP A 500 39.66 -15.61 17.71
C ASP A 500 39.79 -16.84 18.60
N PHE A 501 40.41 -16.72 19.77
CA PHE A 501 40.56 -17.86 20.66
C PHE A 501 39.25 -18.29 21.31
N VAL A 502 38.23 -17.44 21.28
CA VAL A 502 36.92 -17.80 21.83
C VAL A 502 36.16 -18.59 20.77
N ILE A 503 35.71 -19.79 21.13
CA ILE A 503 35.02 -20.67 20.20
C ILE A 503 33.70 -21.13 20.81
N SER A 504 33.50 -20.82 22.10
CA SER A 504 32.30 -21.23 22.80
C SER A 504 31.83 -20.10 23.70
N LEU A 505 30.52 -20.07 23.95
CA LEU A 505 29.91 -19.10 24.84
C LEU A 505 29.50 -19.71 26.17
N LYS A 506 29.92 -20.93 26.46
CA LYS A 506 29.60 -21.57 27.72
C LYS A 506 30.42 -20.95 28.85
N GLY A 507 29.74 -20.58 29.92
CA GLY A 507 30.40 -19.98 31.07
C GLY A 507 29.46 -19.05 31.80
N ASP A 508 30.01 -18.38 32.80
CA ASP A 508 29.24 -17.44 33.60
C ASP A 508 28.89 -16.20 32.78
N ILE A 509 27.63 -15.78 32.86
CA ILE A 509 27.17 -14.56 32.20
C ILE A 509 27.12 -13.46 33.24
N GLU A 510 28.01 -12.48 33.11
CA GLU A 510 28.17 -11.42 34.10
C GLU A 510 27.64 -10.11 33.53
N PHE A 511 26.67 -9.53 34.21
CA PHE A 511 26.19 -8.19 33.90
C PHE A 511 26.76 -7.23 34.93
N ARG A 512 27.76 -6.44 34.52
CA ARG A 512 28.31 -5.40 35.37
C ARG A 512 27.37 -4.20 35.35
N ASN A 513 27.80 -3.06 35.87
CA ASN A 513 26.91 -1.90 35.99
C ASN A 513 26.52 -1.46 34.59
N VAL A 514 25.30 -1.80 34.19
CA VAL A 514 24.85 -1.65 32.81
C VAL A 514 23.77 -0.59 32.75
N ASP A 515 23.98 0.42 31.91
CA ASP A 515 22.97 1.40 31.56
C ASP A 515 22.47 1.16 30.14
N PHE A 516 21.22 1.52 29.91
CA PHE A 516 20.66 1.41 28.57
C PHE A 516 19.43 2.30 28.45
N ARG A 517 19.23 2.86 27.26
CA ARG A 517 18.06 3.67 26.96
C ARG A 517 17.83 3.62 25.46
N TYR A 518 16.57 3.40 25.07
CA TYR A 518 16.25 3.22 23.66
C TYR A 518 16.31 4.54 22.91
N GLY A 519 17.49 4.88 22.40
CA GLY A 519 17.67 6.12 21.69
C GLY A 519 18.00 7.29 22.62
N LEU A 520 16.99 8.10 22.92
CA LEU A 520 17.15 9.22 23.84
C LEU A 520 15.99 9.33 24.81
N ARG A 521 15.25 8.24 25.02
CA ARG A 521 14.11 8.24 25.92
C ARG A 521 14.60 8.09 27.37
N LYS A 522 13.67 7.88 28.29
CA LYS A 522 14.04 7.64 29.67
C LYS A 522 14.77 6.29 29.80
N PRO A 523 15.75 6.20 30.69
CA PRO A 523 16.52 4.96 30.82
C PRO A 523 15.63 3.78 31.19
N VAL A 524 15.92 2.63 30.59
CA VAL A 524 15.21 1.39 30.88
C VAL A 524 15.95 0.55 31.92
N LEU A 525 17.27 0.49 31.81
CA LEU A 525 18.09 -0.28 32.74
C LEU A 525 19.10 0.66 33.37
N LYS A 526 19.24 0.59 34.70
CA LYS A 526 20.07 1.54 35.43
C LYS A 526 21.32 0.88 36.02
N ASN A 527 21.17 -0.14 36.87
CA ASN A 527 22.32 -0.67 37.58
C ASN A 527 22.19 -2.18 37.80
N ILE A 528 21.78 -2.93 36.77
CA ILE A 528 21.74 -4.37 36.91
C ILE A 528 23.17 -4.90 37.01
N ASN A 529 23.43 -5.72 38.01
CA ASN A 529 24.74 -6.34 38.22
C ASN A 529 24.49 -7.76 38.71
N LEU A 530 24.46 -8.71 37.78
CA LEU A 530 24.06 -10.08 38.10
C LEU A 530 25.08 -11.07 37.54
N THR A 531 24.94 -12.32 37.97
CA THR A 531 25.78 -13.41 37.48
C THR A 531 24.91 -14.64 37.25
N ILE A 532 25.00 -15.21 36.05
CA ILE A 532 24.29 -16.42 35.66
C ILE A 532 25.31 -17.55 35.58
N PRO A 533 25.24 -18.54 36.47
CA PRO A 533 26.18 -19.67 36.38
C PRO A 533 25.93 -20.50 35.13
N LYS A 534 27.02 -21.12 34.65
CA LYS A 534 26.94 -21.92 33.44
C LYS A 534 26.10 -23.18 33.66
N GLY A 535 25.41 -23.59 32.61
CA GLY A 535 24.62 -24.82 32.65
C GLY A 535 23.54 -24.83 33.71
N LYS A 536 22.90 -23.69 33.95
CA LYS A 536 21.88 -23.56 34.98
C LYS A 536 20.63 -22.93 34.39
N THR A 537 19.48 -23.35 34.90
CA THR A 537 18.19 -22.80 34.48
C THR A 537 17.90 -21.56 35.33
N VAL A 538 17.96 -20.40 34.69
CA VAL A 538 17.82 -19.12 35.36
C VAL A 538 16.54 -18.44 34.87
N ALA A 539 15.83 -17.82 35.80
CA ALA A 539 14.56 -17.18 35.51
C ALA A 539 14.61 -15.70 35.86
N ILE A 540 14.00 -14.88 35.01
CA ILE A 540 13.87 -13.44 35.22
C ILE A 540 12.39 -13.11 35.15
N VAL A 541 11.86 -12.51 36.23
CA VAL A 541 10.45 -12.16 36.30
C VAL A 541 10.32 -10.70 36.71
N GLY A 542 9.15 -10.14 36.41
CA GLY A 542 8.90 -8.75 36.72
C GLY A 542 7.62 -8.29 36.05
N GLU A 543 7.29 -7.02 36.30
CA GLU A 543 6.09 -6.43 35.71
C GLU A 543 6.30 -6.21 34.21
N SER A 544 5.17 -6.05 33.51
CA SER A 544 5.22 -5.81 32.07
C SER A 544 5.86 -4.46 31.78
N GLY A 545 6.68 -4.42 30.73
CA GLY A 545 7.37 -3.20 30.37
C GLY A 545 8.38 -2.74 31.39
N SER A 546 9.18 -3.68 31.92
CA SER A 546 10.15 -3.36 32.96
C SER A 546 11.60 -3.46 32.52
N GLY A 547 11.87 -4.14 31.41
CA GLY A 547 13.25 -4.24 30.93
C GLY A 547 13.79 -5.65 30.88
N LYS A 548 12.93 -6.63 30.62
CA LYS A 548 13.35 -8.03 30.51
C LYS A 548 13.74 -8.39 29.09
N THR A 549 12.85 -8.13 28.13
CA THR A 549 13.21 -8.29 26.72
C THR A 549 14.41 -7.43 26.35
N THR A 550 14.53 -6.26 27.00
CA THR A 550 15.71 -5.43 26.79
C THR A 550 16.97 -6.16 27.22
N LEU A 551 16.94 -6.83 28.38
CA LEU A 551 18.08 -7.61 28.82
C LEU A 551 18.38 -8.73 27.85
N ALA A 552 17.34 -9.42 27.37
CA ALA A 552 17.53 -10.51 26.43
C ALA A 552 18.21 -10.03 25.15
N LYS A 553 17.79 -8.87 24.63
CA LYS A 553 18.41 -8.34 23.43
C LYS A 553 19.82 -7.81 23.69
N LEU A 554 20.06 -7.27 24.89
CA LEU A 554 21.42 -6.84 25.23
C LEU A 554 22.38 -8.02 25.27
N LEU A 555 21.93 -9.15 25.82
CA LEU A 555 22.79 -10.34 25.84
C LEU A 555 23.11 -10.83 24.44
N MET A 556 22.19 -10.63 23.50
CA MET A 556 22.31 -11.15 22.15
C MET A 556 23.03 -10.19 21.21
N ASN A 557 23.50 -9.06 21.72
CA ASN A 557 24.28 -8.01 21.06
C ASN A 557 23.42 -7.08 20.21
N PHE A 558 22.10 -7.25 20.14
CA PHE A 558 21.26 -6.18 19.65
C PHE A 558 21.39 -5.01 20.61
N TYR A 559 21.69 -3.82 20.07
CA TYR A 559 22.02 -2.65 20.86
C TYR A 559 23.24 -2.89 21.75
N SER A 560 23.75 -1.84 22.37
CA SER A 560 24.90 -1.95 23.26
C SER A 560 24.61 -1.20 24.55
N PRO A 561 25.13 -1.68 25.67
CA PRO A 561 24.94 -0.95 26.93
C PRO A 561 25.59 0.43 26.87
N GLU A 562 24.87 1.43 27.36
CA GLU A 562 25.40 2.79 27.37
C GLU A 562 26.62 2.90 28.27
N LYS A 563 26.56 2.28 29.45
CA LYS A 563 27.68 2.25 30.39
C LYS A 563 27.85 0.85 30.92
N GLY A 564 29.09 0.42 31.06
CA GLY A 564 29.38 -0.90 31.58
C GLY A 564 29.61 -1.93 30.49
N ASP A 565 29.82 -3.17 30.94
CA ASP A 565 30.17 -4.26 30.05
C ASP A 565 29.37 -5.50 30.40
N ILE A 566 29.26 -6.40 29.41
CA ILE A 566 28.65 -7.71 29.58
C ILE A 566 29.73 -8.75 29.27
N LEU A 567 29.86 -9.74 30.14
CA LEU A 567 30.94 -10.72 30.04
C LEU A 567 30.37 -12.12 29.93
N ILE A 568 31.00 -12.94 29.09
CA ILE A 568 30.71 -14.37 29.00
C ILE A 568 32.00 -15.12 29.28
N ASN A 569 32.01 -15.91 30.35
CA ASN A 569 33.19 -16.67 30.77
C ASN A 569 34.40 -15.76 30.96
N GLY A 570 34.15 -14.55 31.46
CA GLY A 570 35.19 -13.59 31.73
C GLY A 570 35.61 -12.74 30.55
N HIS A 571 35.07 -13.01 29.36
CA HIS A 571 35.43 -12.27 28.17
C HIS A 571 34.36 -11.24 27.83
N SER A 572 34.80 -10.06 27.43
CA SER A 572 33.87 -8.98 27.10
C SER A 572 32.99 -9.37 25.91
N ILE A 573 31.74 -8.92 25.95
CA ILE A 573 30.79 -9.27 24.89
C ILE A 573 31.19 -8.60 23.58
N LYS A 574 31.93 -7.50 23.65
CA LYS A 574 32.31 -6.77 22.44
C LYS A 574 33.46 -7.42 21.70
N ASN A 575 34.23 -8.30 22.36
CA ASN A 575 35.41 -8.91 21.77
C ASN A 575 35.12 -10.28 21.18
N ILE A 576 33.86 -10.70 21.13
CA ILE A 576 33.47 -11.97 20.55
C ILE A 576 32.88 -11.70 19.17
N SER A 577 33.28 -12.50 18.19
CA SER A 577 32.86 -12.29 16.81
C SER A 577 31.34 -12.33 16.70
N LEU A 578 30.78 -11.41 15.91
CA LEU A 578 29.34 -11.29 15.79
C LEU A 578 28.72 -12.53 15.18
N GLU A 579 29.41 -13.17 14.24
CA GLU A 579 28.86 -14.39 13.62
C GLU A 579 28.72 -15.50 14.65
N LEU A 580 29.71 -15.66 15.53
CA LEU A 580 29.63 -16.69 16.57
C LEU A 580 28.62 -16.32 17.64
N ILE A 581 28.52 -15.02 17.96
CA ILE A 581 27.63 -14.59 19.04
C ILE A 581 26.18 -14.83 18.65
N ARG A 582 25.86 -14.72 17.37
CA ARG A 582 24.49 -14.95 16.90
C ARG A 582 24.23 -16.42 16.58
N LYS A 583 25.27 -17.25 16.55
CA LYS A 583 25.10 -18.66 16.25
C LYS A 583 25.05 -19.53 17.49
N LYS A 584 25.49 -19.02 18.64
CA LYS A 584 25.50 -19.78 19.89
C LYS A 584 24.47 -19.28 20.88
N ILE A 585 23.64 -18.32 20.50
CA ILE A 585 22.57 -17.81 21.36
C ILE A 585 21.26 -17.88 20.59
N ALA A 586 20.30 -18.65 21.11
CA ALA A 586 19.01 -18.81 20.48
C ALA A 586 17.96 -18.00 21.25
N PHE A 587 17.01 -17.45 20.52
CA PHE A 587 15.99 -16.56 21.08
C PHE A 587 14.61 -17.05 20.69
N VAL A 588 13.69 -17.05 21.65
CA VAL A 588 12.27 -17.27 21.39
C VAL A 588 11.53 -16.04 21.89
N SER A 589 11.20 -15.15 20.98
CA SER A 589 10.61 -13.87 21.33
C SER A 589 9.13 -14.02 21.68
N GLN A 590 8.59 -12.99 22.33
CA GLN A 590 7.17 -12.97 22.67
C GLN A 590 6.31 -12.97 21.41
N ASP A 591 6.70 -12.16 20.42
CA ASP A 591 5.98 -12.08 19.15
C ASP A 591 6.80 -12.85 18.10
N VAL A 592 6.53 -14.15 18.01
CA VAL A 592 7.26 -14.99 17.08
C VAL A 592 6.89 -14.60 15.65
N PHE A 593 7.84 -14.80 14.73
CA PHE A 593 7.64 -14.48 13.33
C PHE A 593 7.98 -15.72 12.49
N ILE A 594 7.07 -16.07 11.60
CA ILE A 594 7.25 -17.22 10.70
C ILE A 594 7.14 -16.72 9.27
N PHE A 595 8.12 -17.06 8.44
CA PHE A 595 8.21 -16.57 7.08
C PHE A 595 7.47 -17.50 6.12
N SER A 596 7.05 -16.93 4.99
CA SER A 596 6.31 -17.69 3.99
C SER A 596 7.22 -18.72 3.36
N GLY A 597 7.02 -19.98 3.69
CA GLY A 597 7.84 -21.05 3.14
C GLY A 597 7.46 -22.37 3.76
N THR A 598 8.19 -23.41 3.35
CA THR A 598 7.95 -24.73 3.88
C THR A 598 8.40 -24.81 5.33
N VAL A 599 7.84 -25.78 6.06
CA VAL A 599 8.25 -26.01 7.44
C VAL A 599 9.73 -26.36 7.49
N LYS A 600 10.20 -27.12 6.49
CA LYS A 600 11.62 -27.43 6.38
C LYS A 600 12.48 -26.17 6.29
N GLU A 601 11.96 -25.09 5.69
CA GLU A 601 12.71 -23.85 5.56
C GLU A 601 12.50 -22.92 6.75
N ASN A 602 11.31 -22.96 7.36
CA ASN A 602 11.07 -22.14 8.54
C ASN A 602 11.81 -22.69 9.76
N LEU A 603 12.09 -23.98 9.78
CA LEU A 603 12.85 -24.59 10.87
C LEU A 603 14.34 -24.64 10.59
N CYS A 604 14.79 -24.15 9.44
CA CYS A 604 16.19 -24.14 9.06
C CYS A 604 16.56 -22.78 8.47
N LEU A 605 16.19 -21.72 9.20
CA LEU A 605 16.39 -20.37 8.69
C LEU A 605 17.86 -20.04 8.49
N GLY A 606 18.71 -20.44 9.43
CA GLY A 606 20.11 -20.08 9.37
C GLY A 606 20.98 -21.04 8.57
N ASN A 607 20.89 -22.32 8.88
CA ASN A 607 21.72 -23.33 8.25
C ASN A 607 21.01 -23.94 7.04
N GLU A 608 21.81 -24.51 6.14
CA GLU A 608 21.30 -25.17 4.95
C GLU A 608 21.62 -26.67 4.89
N ASN A 609 22.64 -27.13 5.59
CA ASN A 609 23.04 -28.53 5.59
C ASN A 609 22.68 -29.13 6.95
N VAL A 610 21.45 -29.63 7.06
CA VAL A 610 20.95 -30.19 8.30
C VAL A 610 20.15 -31.45 7.99
N ASP A 611 20.35 -32.49 8.80
CA ASP A 611 19.71 -33.77 8.58
C ASP A 611 18.26 -33.73 9.05
N MET A 612 17.43 -34.58 8.42
CA MET A 612 16.02 -34.67 8.80
C MET A 612 15.85 -35.22 10.21
N ASP A 613 16.72 -36.14 10.64
CA ASP A 613 16.58 -36.71 11.98
C ASP A 613 16.73 -35.64 13.05
N GLU A 614 17.67 -34.71 12.86
CA GLU A 614 17.83 -33.62 13.81
C GLU A 614 16.59 -32.74 13.86
N ILE A 615 15.98 -32.47 12.70
CA ILE A 615 14.76 -31.66 12.65
C ILE A 615 13.63 -32.36 13.39
N ILE A 616 13.49 -33.68 13.17
CA ILE A 616 12.43 -34.43 13.84
C ILE A 616 12.65 -34.43 15.35
N LYS A 617 13.90 -34.62 15.78
CA LYS A 617 14.21 -34.61 17.20
C LYS A 617 13.91 -33.25 17.82
N ALA A 618 14.26 -32.17 17.12
CA ALA A 618 13.96 -30.83 17.61
C ALA A 618 12.46 -30.60 17.72
N ALA A 619 11.70 -31.04 16.71
CA ALA A 619 10.26 -30.87 16.76
C ALA A 619 9.61 -31.75 17.83
N LYS A 620 10.29 -32.83 18.23
CA LYS A 620 9.75 -33.69 19.28
C LYS A 620 9.64 -32.94 20.60
N MET A 621 10.68 -32.21 20.98
CA MET A 621 10.70 -31.54 22.27
C MET A 621 9.74 -30.35 22.33
N ALA A 622 9.42 -29.76 21.20
CA ALA A 622 8.53 -28.60 21.15
C ALA A 622 7.06 -28.98 21.02
N ASN A 623 6.74 -30.28 21.06
CA ASN A 623 5.36 -30.75 20.89
C ASN A 623 4.75 -30.26 19.58
N ALA A 624 5.56 -30.27 18.53
CA ALA A 624 5.12 -29.82 17.21
C ALA A 624 5.06 -30.93 16.18
N HIS A 625 5.91 -31.96 16.28
CA HIS A 625 5.97 -32.99 15.25
C HIS A 625 4.62 -33.66 15.05
N ASP A 626 3.94 -33.98 16.15
CA ASP A 626 2.60 -34.58 16.04
C ASP A 626 1.64 -33.63 15.35
N PHE A 627 1.74 -32.33 15.63
CA PHE A 627 0.87 -31.35 14.99
C PHE A 627 1.22 -31.19 13.51
N ILE A 628 2.51 -31.06 13.20
CA ILE A 628 2.91 -30.84 11.80
C ILE A 628 2.60 -32.07 10.96
N GLU A 629 2.70 -33.28 11.53
CA GLU A 629 2.39 -34.49 10.77
C GLU A 629 0.93 -34.50 10.32
N LYS A 630 0.03 -33.99 11.15
CA LYS A 630 -1.38 -33.92 10.78
C LYS A 630 -1.63 -32.92 9.65
N LEU A 631 -0.73 -31.96 9.45
CA LEU A 631 -0.85 -31.02 8.36
C LEU A 631 -0.73 -31.76 7.02
N PRO A 632 -1.27 -31.18 5.94
CA PRO A 632 -1.18 -31.84 4.64
C PRO A 632 0.28 -32.07 4.23
N LEU A 633 0.49 -33.18 3.52
CA LEU A 633 1.81 -33.61 3.05
C LEU A 633 2.71 -33.99 4.23
N LYS A 634 3.85 -33.32 4.34
CA LYS A 634 4.89 -33.62 5.31
C LYS A 634 5.59 -32.30 5.64
N TYR A 635 6.83 -32.38 6.13
CA TYR A 635 7.54 -31.16 6.48
C TYR A 635 7.95 -30.40 5.22
N ASP A 636 6.96 -30.09 4.38
CA ASP A 636 7.15 -29.23 3.22
C ASP A 636 5.95 -28.34 2.95
N THR A 637 4.94 -28.35 3.82
CA THR A 637 3.75 -27.54 3.61
C THR A 637 4.11 -26.06 3.58
N PHE A 638 3.59 -25.36 2.58
CA PHE A 638 3.87 -23.93 2.44
C PHE A 638 2.95 -23.14 3.37
N LEU A 639 3.51 -22.17 4.07
CA LEU A 639 2.77 -21.39 5.07
C LEU A 639 2.34 -20.08 4.43
N ASN A 640 1.08 -20.00 4.02
CA ASN A 640 0.58 -18.80 3.33
C ASN A 640 0.51 -17.61 4.28
N GLU A 641 0.90 -16.45 3.77
CA GLU A 641 0.73 -15.16 4.46
C GLU A 641 1.38 -15.18 5.84
N SER A 642 2.68 -15.45 5.86
CA SER A 642 3.46 -15.48 7.10
C SER A 642 2.86 -16.47 8.10
N GLY A 643 2.39 -17.60 7.58
CA GLY A 643 1.73 -18.57 8.44
C GLY A 643 0.44 -18.07 9.02
N ALA A 644 -0.40 -17.42 8.21
CA ALA A 644 -1.69 -16.95 8.70
C ALA A 644 -2.66 -18.09 8.96
N ASN A 645 -2.53 -19.20 8.24
CA ASN A 645 -3.34 -20.37 8.52
C ASN A 645 -3.01 -20.94 9.89
N LEU A 646 -1.77 -20.75 10.34
CA LEU A 646 -1.34 -21.22 11.65
C LEU A 646 -2.03 -20.45 12.77
N SER A 647 -2.08 -21.06 13.94
CA SER A 647 -2.52 -20.38 15.15
C SER A 647 -1.31 -19.92 15.97
N GLU A 648 -1.58 -19.03 16.93
CA GLU A 648 -0.50 -18.40 17.67
C GLU A 648 0.30 -19.43 18.47
N GLY A 649 -0.38 -20.36 19.14
CA GLY A 649 0.33 -21.39 19.89
C GLY A 649 1.16 -22.30 18.99
N GLN A 650 0.61 -22.65 17.82
CA GLN A 650 1.36 -23.49 16.90
C GLN A 650 2.60 -22.77 16.37
N LYS A 651 2.49 -21.49 16.05
CA LYS A 651 3.67 -20.73 15.64
C LYS A 651 4.68 -20.62 16.77
N GLN A 652 4.21 -20.49 18.01
CA GLN A 652 5.12 -20.45 19.15
C GLN A 652 5.88 -21.77 19.28
N ARG A 653 5.18 -22.89 19.12
CA ARG A 653 5.83 -24.19 19.13
C ARG A 653 6.85 -24.31 18.01
N LEU A 654 6.50 -23.80 16.82
CA LEU A 654 7.44 -23.84 15.70
C LEU A 654 8.69 -23.03 16.01
N ALA A 655 8.52 -21.85 16.61
CA ALA A 655 9.68 -21.04 16.99
C ALA A 655 10.55 -21.73 18.02
N ILE A 656 9.93 -22.38 19.01
CA ILE A 656 10.69 -23.10 20.02
C ILE A 656 11.46 -24.25 19.38
N ALA A 657 10.82 -24.97 18.46
CA ALA A 657 11.49 -26.06 17.75
C ALA A 657 12.68 -25.54 16.97
N ARG A 658 12.52 -24.40 16.30
CA ARG A 658 13.63 -23.79 15.58
C ARG A 658 14.77 -23.44 16.54
N ALA A 659 14.43 -22.89 17.70
CA ALA A 659 15.45 -22.46 18.65
C ALA A 659 16.28 -23.65 19.14
N LEU A 660 15.62 -24.71 19.60
CA LEU A 660 16.38 -25.89 20.02
C LEU A 660 17.04 -26.59 18.83
N LEU A 661 16.54 -26.38 17.62
CA LEU A 661 17.22 -26.91 16.45
C LEU A 661 18.53 -26.17 16.19
N LYS A 662 18.60 -24.89 16.56
CA LYS A 662 19.82 -24.12 16.33
C LYS A 662 21.03 -24.67 17.07
N LYS A 663 20.81 -25.49 18.11
CA LYS A 663 21.84 -26.09 18.94
C LYS A 663 22.66 -24.93 19.54
N PRO A 664 22.08 -24.19 20.48
CA PRO A 664 22.79 -23.05 21.06
C PRO A 664 23.53 -23.41 22.34
N ASP A 665 24.44 -22.51 22.72
CA ASP A 665 25.05 -22.58 24.05
C ASP A 665 24.25 -21.83 25.09
N ILE A 666 23.52 -20.79 24.67
CA ILE A 666 22.60 -20.06 25.55
C ILE A 666 21.25 -20.00 24.85
N LEU A 667 20.19 -20.30 25.60
CA LEU A 667 18.84 -20.32 25.05
C LEU A 667 17.96 -19.41 25.89
N ILE A 668 17.41 -18.37 25.26
CA ILE A 668 16.57 -17.37 25.92
C ILE A 668 15.13 -17.57 25.46
N LEU A 669 14.22 -17.70 26.42
CA LEU A 669 12.79 -17.88 26.16
C LEU A 669 12.05 -16.69 26.77
N ASP A 670 11.74 -15.70 25.93
CA ASP A 670 11.04 -14.49 26.38
C ASP A 670 9.55 -14.76 26.31
N GLU A 671 8.99 -15.29 27.41
CA GLU A 671 7.57 -15.64 27.50
C GLU A 671 7.15 -16.56 26.37
N ALA A 672 7.88 -17.67 26.25
CA ALA A 672 7.62 -18.64 25.17
C ALA A 672 6.42 -19.52 25.44
N THR A 673 5.83 -19.49 26.64
CA THR A 673 4.70 -20.34 26.99
C THR A 673 3.49 -19.54 27.42
N SER A 674 3.36 -18.30 26.95
CA SER A 674 2.25 -17.45 27.39
C SER A 674 0.91 -17.97 26.89
N ASN A 675 0.83 -18.33 25.61
CA ASN A 675 -0.43 -18.73 25.00
C ASN A 675 -0.70 -20.24 25.11
N LEU A 676 0.36 -21.04 25.17
CA LEU A 676 0.20 -22.49 25.10
C LEU A 676 -0.53 -23.02 26.33
N ASP A 677 -1.26 -24.12 26.14
CA ASP A 677 -2.04 -24.70 27.21
C ASP A 677 -1.13 -25.40 28.22
N SER A 678 -1.75 -25.94 29.27
CA SER A 678 -1.00 -26.52 30.37
C SER A 678 -0.19 -27.74 29.95
N ILE A 679 -0.78 -28.62 29.14
CA ILE A 679 -0.12 -29.87 28.80
C ILE A 679 1.13 -29.62 27.98
N THR A 680 1.01 -28.80 26.93
CA THR A 680 2.17 -28.51 26.08
C THR A 680 3.21 -27.70 26.85
N GLU A 681 2.76 -26.77 27.69
CA GLU A 681 3.70 -26.01 28.50
C GLU A 681 4.52 -26.92 29.41
N ASN A 682 3.84 -27.87 30.07
CA ASN A 682 4.56 -28.82 30.92
C ASN A 682 5.50 -29.70 30.10
N HIS A 683 5.07 -30.10 28.89
CA HIS A 683 5.91 -30.94 28.05
C HIS A 683 7.21 -30.22 27.69
N ILE A 684 7.11 -28.98 27.21
CA ILE A 684 8.32 -28.22 26.88
C ILE A 684 9.13 -27.92 28.13
N LYS A 685 8.45 -27.71 29.27
CA LYS A 685 9.18 -27.45 30.51
C LYS A 685 10.07 -28.63 30.88
N ASP A 686 9.51 -29.85 30.82
CA ASP A 686 10.33 -31.02 31.14
C ASP A 686 11.35 -31.32 30.05
N ALA A 687 11.04 -30.96 28.80
CA ALA A 687 11.99 -31.19 27.71
C ALA A 687 13.23 -30.31 27.87
N ILE A 688 13.03 -29.01 28.08
CA ILE A 688 14.16 -28.12 28.23
C ILE A 688 14.80 -28.27 29.61
N TYR A 689 14.06 -28.80 30.58
CA TYR A 689 14.64 -29.03 31.90
C TYR A 689 15.73 -30.10 31.85
N GLY A 690 15.51 -31.15 31.07
CA GLY A 690 16.47 -32.23 30.98
C GLY A 690 17.29 -32.21 29.71
N LEU A 691 17.71 -31.03 29.28
CA LEU A 691 18.54 -30.93 28.09
C LEU A 691 19.94 -31.48 28.35
N GLU A 692 20.57 -31.97 27.29
CA GLU A 692 21.93 -32.48 27.38
C GLU A 692 22.93 -31.33 27.33
N ASP A 693 24.15 -31.61 27.77
CA ASP A 693 25.25 -30.67 27.79
C ASP A 693 24.99 -29.49 28.75
N ASP A 694 26.04 -28.73 29.05
CA ASP A 694 25.92 -27.56 29.93
C ASP A 694 25.53 -26.36 29.08
N VAL A 695 24.26 -26.33 28.68
CA VAL A 695 23.70 -25.25 27.89
C VAL A 695 22.90 -24.35 28.82
N THR A 696 23.29 -23.08 28.90
CA THR A 696 22.61 -22.13 29.76
C THR A 696 21.21 -21.84 29.23
N VAL A 697 20.24 -21.78 30.13
CA VAL A 697 18.85 -21.51 29.78
C VAL A 697 18.37 -20.33 30.61
N ILE A 698 17.80 -19.33 29.95
CA ILE A 698 17.22 -18.16 30.60
C ILE A 698 15.76 -18.10 30.19
N ILE A 699 14.87 -17.95 31.17
CA ILE A 699 13.43 -17.91 30.95
C ILE A 699 12.90 -16.60 31.52
N ILE A 700 12.33 -15.77 30.66
CA ILE A 700 11.67 -14.54 31.10
C ILE A 700 10.19 -14.85 31.29
N ALA A 701 9.71 -14.70 32.51
CA ALA A 701 8.38 -15.14 32.87
C ALA A 701 7.57 -13.98 33.44
N HIS A 702 6.30 -13.94 33.05
CA HIS A 702 5.34 -12.99 33.61
C HIS A 702 4.48 -13.65 34.69
N ARG A 703 3.99 -14.86 34.43
CA ARG A 703 3.24 -15.63 35.42
C ARG A 703 4.21 -16.32 36.36
N LEU A 704 4.10 -16.00 37.66
CA LEU A 704 5.05 -16.53 38.64
C LEU A 704 4.86 -18.04 38.82
N SER A 705 3.62 -18.52 38.77
CA SER A 705 3.36 -19.92 39.04
C SER A 705 3.91 -20.84 37.94
N THR A 706 4.20 -20.28 36.76
CA THR A 706 4.71 -21.10 35.67
C THR A 706 6.03 -21.75 36.02
N ILE A 707 6.93 -20.99 36.64
CA ILE A 707 8.26 -21.49 37.01
C ILE A 707 8.43 -21.32 38.51
N VAL A 708 8.79 -22.41 39.19
CA VAL A 708 9.17 -22.39 40.59
C VAL A 708 10.42 -23.25 40.76
N ASN A 709 10.72 -24.06 39.76
CA ASN A 709 11.82 -25.02 39.81
C ASN A 709 13.11 -24.47 39.23
N CYS A 710 13.13 -23.21 38.79
CA CYS A 710 14.34 -22.63 38.24
C CYS A 710 15.41 -22.51 39.32
N ASP A 711 16.67 -22.69 38.91
CA ASP A 711 17.77 -22.72 39.85
C ASP A 711 17.92 -21.39 40.57
N LYS A 712 17.78 -20.28 39.84
CA LYS A 712 17.83 -18.96 40.44
C LYS A 712 16.79 -18.07 39.78
N ILE A 713 16.21 -17.17 40.57
CA ILE A 713 15.16 -16.26 40.12
C ILE A 713 15.63 -14.84 40.37
N TYR A 714 15.55 -13.99 39.34
CA TYR A 714 15.93 -12.60 39.42
C TYR A 714 14.69 -11.72 39.35
N LEU A 715 14.57 -10.79 40.29
CA LEU A 715 13.44 -9.86 40.35
C LEU A 715 13.90 -8.51 39.81
N LEU A 716 13.28 -8.07 38.72
CA LEU A 716 13.58 -6.78 38.11
C LEU A 716 12.30 -5.96 38.09
N LYS A 717 12.35 -4.76 38.67
CA LYS A 717 11.17 -3.94 38.87
C LYS A 717 11.16 -2.70 37.99
N ASP A 718 12.20 -1.87 38.06
CA ASP A 718 12.24 -0.63 37.30
C ASP A 718 13.64 -0.39 36.74
N GLY A 719 14.27 -1.45 36.24
CA GLY A 719 15.58 -1.31 35.63
C GLY A 719 16.76 -1.71 36.50
N GLU A 720 16.51 -2.25 37.69
CA GLU A 720 17.59 -2.81 38.50
C GLU A 720 17.09 -4.05 39.20
N ILE A 721 17.99 -5.00 39.42
CA ILE A 721 17.66 -6.21 40.16
C ILE A 721 17.66 -5.90 41.64
N VAL A 722 16.65 -6.38 42.36
CA VAL A 722 16.52 -6.11 43.79
C VAL A 722 16.62 -7.37 44.63
N GLU A 723 16.23 -8.53 44.09
CA GLU A 723 16.27 -9.77 44.85
C GLU A 723 16.79 -10.89 43.96
N SER A 724 17.37 -11.91 44.59
CA SER A 724 17.93 -13.04 43.87
C SER A 724 17.95 -14.25 44.78
N GLY A 725 18.13 -15.42 44.17
CA GLY A 725 18.23 -16.67 44.88
C GLY A 725 17.22 -17.69 44.41
N SER A 726 17.16 -18.80 45.14
CA SER A 726 16.17 -19.83 44.87
C SER A 726 14.78 -19.35 45.32
N HIS A 727 13.75 -19.99 44.76
CA HIS A 727 12.37 -19.56 45.02
C HIS A 727 12.06 -19.53 46.51
N THR A 728 12.51 -20.55 47.24
CA THR A 728 12.31 -20.57 48.68
C THR A 728 13.07 -19.44 49.37
N GLU A 729 14.26 -19.12 48.86
CA GLU A 729 15.09 -18.09 49.49
C GLU A 729 14.42 -16.72 49.42
N LEU A 730 13.85 -16.37 48.26
CA LEU A 730 13.17 -15.08 48.14
C LEU A 730 11.89 -15.05 48.97
N ILE A 731 11.23 -16.20 49.13
CA ILE A 731 10.05 -16.25 49.99
C ILE A 731 10.44 -16.00 51.44
N ALA A 732 11.56 -16.57 51.88
CA ALA A 732 12.02 -16.36 53.25
C ALA A 732 12.35 -14.89 53.51
N LEU A 733 12.99 -14.24 52.54
CA LEU A 733 13.37 -12.84 52.67
C LEU A 733 12.19 -11.98 52.22
N LYS A 734 11.47 -11.40 53.18
CA LYS A 734 10.31 -10.57 52.87
C LYS A 734 10.73 -9.40 52.00
N GLY A 735 9.97 -9.16 50.94
CA GLY A 735 10.31 -8.10 50.02
C GLY A 735 9.32 -8.01 48.88
N CYS A 736 9.78 -7.43 47.77
CA CYS A 736 8.91 -7.23 46.61
C CYS A 736 8.45 -8.56 46.03
N TYR A 737 9.33 -9.55 46.00
CA TYR A 737 8.96 -10.85 45.43
C TYR A 737 7.81 -11.48 46.19
N PHE A 738 7.86 -11.45 47.52
CA PHE A 738 6.80 -12.06 48.32
C PHE A 738 5.47 -11.34 48.11
N LYS A 739 5.50 -10.01 48.06
CA LYS A 739 4.28 -9.25 47.83
C LYS A 739 3.69 -9.57 46.45
N MET A 740 4.54 -9.64 45.43
CA MET A 740 4.07 -9.98 44.09
C MET A 740 3.47 -11.39 44.06
N TRP A 741 4.14 -12.34 44.72
CA TRP A 741 3.64 -13.72 44.76
C TRP A 741 2.28 -13.78 45.46
N LYS A 742 2.15 -13.06 46.58
CA LYS A 742 0.89 -13.09 47.31
C LYS A 742 -0.24 -12.43 46.53
N GLN A 743 0.05 -11.31 45.86
CA GLN A 743 -0.99 -10.59 45.14
C GLN A 743 -1.30 -11.20 43.77
N THR A 744 -0.43 -12.08 43.26
CA THR A 744 -0.67 -12.72 41.98
C THR A 744 -1.10 -14.17 42.09
N GLU A 745 -0.86 -14.81 43.25
CA GLU A 745 -1.26 -16.19 43.43
C GLU A 745 -2.33 -16.31 44.51
N LYS B 32 -19.85 -22.84 -25.73
CA LYS B 32 -18.63 -22.10 -25.44
C LYS B 32 -18.11 -22.42 -24.05
N TYR B 33 -16.79 -22.38 -23.89
CA TYR B 33 -16.15 -22.67 -22.61
C TYR B 33 -16.19 -21.41 -21.74
N VAL B 34 -16.96 -21.46 -20.67
CA VAL B 34 -17.12 -20.31 -19.79
C VAL B 34 -15.96 -20.27 -18.80
N CYS B 35 -15.33 -19.10 -18.67
CA CYS B 35 -14.23 -18.91 -17.75
C CYS B 35 -14.48 -17.60 -17.00
N VAL B 36 -15.06 -17.71 -15.81
CA VAL B 36 -15.33 -16.53 -14.97
C VAL B 36 -14.06 -16.19 -14.21
N ARG B 37 -13.49 -15.02 -14.49
CA ARG B 37 -12.28 -14.60 -13.82
C ARG B 37 -12.56 -14.29 -12.35
N GLN B 38 -11.53 -14.46 -11.53
CA GLN B 38 -11.64 -14.18 -10.10
C GLN B 38 -11.36 -12.71 -9.85
N TYR B 39 -12.25 -12.07 -9.08
CA TYR B 39 -12.06 -10.66 -8.76
C TYR B 39 -11.02 -10.46 -7.68
N ASP B 40 -10.94 -11.38 -6.73
CA ASP B 40 -10.02 -11.29 -5.60
C ASP B 40 -9.08 -12.49 -5.61
N LEU B 41 -8.28 -12.61 -4.55
CA LEU B 41 -7.31 -13.68 -4.45
C LEU B 41 -7.86 -14.93 -3.77
N THR B 42 -9.06 -14.86 -3.17
CA THR B 42 -9.59 -15.97 -2.39
C THR B 42 -10.93 -16.48 -2.93
N ASP B 43 -11.24 -16.22 -4.19
CA ASP B 43 -12.51 -16.65 -4.78
C ASP B 43 -12.27 -17.49 -6.03
N CYS B 44 -11.28 -18.38 -5.97
CA CYS B 44 -11.04 -19.29 -7.09
C CYS B 44 -12.13 -20.33 -7.19
N GLY B 45 -12.50 -20.96 -6.07
CA GLY B 45 -13.55 -21.96 -6.09
C GLY B 45 -14.91 -21.37 -6.42
N ALA B 46 -15.19 -20.18 -5.90
CA ALA B 46 -16.44 -19.50 -6.25
C ALA B 46 -16.49 -19.19 -7.74
N ALA B 47 -15.37 -18.72 -8.31
CA ALA B 47 -15.32 -18.45 -9.73
C ALA B 47 -15.52 -19.73 -10.55
N CYS B 48 -14.92 -20.84 -10.10
CA CYS B 48 -15.10 -22.11 -10.82
C CYS B 48 -16.55 -22.56 -10.77
N LEU B 49 -17.20 -22.46 -9.61
CA LEU B 49 -18.61 -22.84 -9.51
C LEU B 49 -19.49 -21.93 -10.36
N SER B 50 -19.19 -20.63 -10.39
CA SER B 50 -19.92 -19.72 -11.24
C SER B 50 -19.73 -20.06 -12.71
N SER B 51 -18.51 -20.44 -13.09
CA SER B 51 -18.26 -20.84 -14.48
C SER B 51 -19.06 -22.08 -14.84
N ILE B 52 -19.11 -23.07 -13.94
CA ILE B 52 -19.89 -24.26 -14.20
C ILE B 52 -21.36 -23.91 -14.36
N ALA B 53 -21.88 -23.07 -13.45
CA ALA B 53 -23.29 -22.70 -13.50
C ALA B 53 -23.62 -21.97 -14.79
N GLN B 54 -22.75 -21.04 -15.20
CA GLN B 54 -22.98 -20.31 -16.44
C GLN B 54 -22.91 -21.25 -17.65
N TYR B 55 -21.99 -22.21 -17.62
CA TYR B 55 -21.92 -23.21 -18.68
C TYR B 55 -23.23 -24.00 -18.75
N TYR B 56 -23.85 -24.26 -17.60
CA TYR B 56 -25.10 -25.01 -17.57
C TYR B 56 -26.33 -24.12 -17.65
N GLY B 57 -26.15 -22.81 -17.85
CA GLY B 57 -27.27 -21.92 -18.13
C GLY B 57 -27.75 -21.08 -16.97
N LEU B 58 -27.08 -21.13 -15.82
CA LEU B 58 -27.48 -20.37 -14.65
C LEU B 58 -26.41 -19.33 -14.32
N LYS B 59 -26.78 -18.05 -14.40
CA LYS B 59 -25.86 -16.96 -14.15
C LYS B 59 -26.31 -16.19 -12.91
N MET B 60 -25.40 -16.03 -11.96
CA MET B 60 -25.69 -15.32 -10.72
C MET B 60 -24.51 -14.42 -10.36
N SER B 61 -24.74 -13.57 -9.36
CA SER B 61 -23.70 -12.70 -8.86
C SER B 61 -22.57 -13.50 -8.25
N LEU B 62 -21.34 -12.99 -8.39
CA LEU B 62 -20.19 -13.70 -7.83
C LEU B 62 -20.11 -13.53 -6.31
N ALA B 63 -20.57 -12.38 -5.79
CA ALA B 63 -20.59 -12.19 -4.35
C ALA B 63 -21.57 -13.13 -3.67
N LYS B 64 -22.73 -13.34 -4.29
CA LYS B 64 -23.72 -14.25 -3.70
C LYS B 64 -23.18 -15.66 -3.63
N ILE B 65 -22.50 -16.11 -4.68
CA ILE B 65 -21.87 -17.43 -4.65
C ILE B 65 -20.75 -17.48 -3.63
N ARG B 66 -19.97 -16.39 -3.54
CA ARG B 66 -18.84 -16.35 -2.61
C ARG B 66 -19.30 -16.49 -1.17
N GLU B 67 -20.38 -15.80 -0.81
CA GLU B 67 -20.99 -16.01 0.51
C GLU B 67 -21.74 -17.33 0.62
N MET B 68 -22.15 -17.92 -0.52
CA MET B 68 -22.82 -19.22 -0.46
C MET B 68 -21.82 -20.34 -0.19
N THR B 69 -20.62 -20.24 -0.77
CA THR B 69 -19.59 -21.26 -0.59
C THR B 69 -18.95 -21.22 0.79
N GLY B 70 -19.29 -20.24 1.62
CA GLY B 70 -18.62 -20.08 2.88
C GLY B 70 -17.17 -19.69 2.73
N THR B 71 -16.87 -18.79 1.79
CA THR B 71 -15.49 -18.39 1.54
C THR B 71 -15.00 -17.43 2.63
N ASP B 72 -13.93 -17.82 3.30
CA ASP B 72 -13.28 -16.99 4.29
C ASP B 72 -12.07 -16.31 3.66
N THR B 73 -11.25 -15.66 4.50
CA THR B 73 -10.05 -14.99 4.00
C THR B 73 -8.99 -15.97 3.51
N GLN B 74 -9.13 -17.26 3.82
CA GLN B 74 -8.20 -18.28 3.38
C GLN B 74 -8.72 -19.09 2.19
N GLY B 75 -9.82 -18.65 1.57
CA GLY B 75 -10.39 -19.37 0.46
C GLY B 75 -11.36 -20.44 0.88
N THR B 76 -11.89 -21.13 -0.13
CA THR B 76 -12.87 -22.20 0.07
C THR B 76 -12.22 -23.55 -0.20
N ASN B 77 -12.97 -24.61 0.12
CA ASN B 77 -12.50 -25.98 -0.10
C ASN B 77 -13.57 -26.80 -0.79
N ALA B 78 -13.35 -28.12 -0.88
CA ALA B 78 -14.28 -28.99 -1.59
C ALA B 78 -15.64 -29.01 -0.90
N TYR B 79 -15.67 -29.03 0.43
CA TYR B 79 -16.93 -29.08 1.14
C TYR B 79 -17.79 -27.86 0.85
N GLY B 80 -17.18 -26.67 0.86
CA GLY B 80 -17.94 -25.47 0.57
C GLY B 80 -18.51 -25.45 -0.84
N LEU B 81 -17.70 -25.85 -1.82
CA LEU B 81 -18.17 -25.91 -3.20
C LEU B 81 -19.30 -26.90 -3.35
N ILE B 82 -19.18 -28.08 -2.73
CA ILE B 82 -20.23 -29.09 -2.80
C ILE B 82 -21.51 -28.57 -2.17
N HIS B 83 -21.41 -27.93 -1.00
CA HIS B 83 -22.59 -27.40 -0.33
C HIS B 83 -23.26 -26.32 -1.16
N ALA B 84 -22.48 -25.41 -1.74
CA ALA B 84 -23.06 -24.35 -2.56
C ALA B 84 -23.71 -24.92 -3.81
N ALA B 85 -23.08 -25.91 -4.44
CA ALA B 85 -23.67 -26.53 -5.63
C ALA B 85 -24.99 -27.23 -5.28
N LYS B 86 -25.03 -27.93 -4.15
CA LYS B 86 -26.27 -28.58 -3.74
C LYS B 86 -27.35 -27.54 -3.42
N GLN B 87 -26.96 -26.41 -2.83
CA GLN B 87 -27.90 -25.34 -2.57
C GLN B 87 -28.38 -24.69 -3.86
N LEU B 88 -27.59 -24.77 -4.93
CA LEU B 88 -27.92 -24.18 -6.21
C LEU B 88 -28.69 -25.12 -7.12
N GLY B 89 -29.02 -26.32 -6.66
CA GLY B 89 -29.77 -27.29 -7.43
C GLY B 89 -28.94 -28.40 -8.04
N PHE B 90 -27.62 -28.28 -8.03
CA PHE B 90 -26.76 -29.32 -8.58
C PHE B 90 -26.79 -30.58 -7.71
N SER B 91 -26.26 -31.66 -8.27
CA SER B 91 -26.05 -32.92 -7.54
C SER B 91 -24.54 -33.13 -7.49
N ALA B 92 -23.91 -32.55 -6.48
CA ALA B 92 -22.46 -32.52 -6.38
C ALA B 92 -21.95 -33.63 -5.47
N LYS B 93 -20.75 -34.11 -5.77
CA LYS B 93 -20.08 -35.09 -4.93
C LYS B 93 -18.58 -34.83 -4.98
N GLY B 94 -17.88 -35.32 -3.96
CA GLY B 94 -16.43 -35.17 -3.87
C GLY B 94 -15.76 -36.52 -3.80
N VAL B 95 -14.72 -36.69 -4.61
CA VAL B 95 -13.99 -37.96 -4.66
C VAL B 95 -12.55 -37.68 -5.09
N LYS B 96 -11.63 -38.49 -4.57
CA LYS B 96 -10.24 -38.41 -4.95
C LYS B 96 -10.00 -39.28 -6.17
N ALA B 97 -9.27 -38.74 -7.15
CA ALA B 97 -9.06 -39.41 -8.43
C ALA B 97 -7.57 -39.54 -8.71
N SER B 98 -7.23 -40.62 -9.43
CA SER B 98 -5.86 -40.89 -9.80
C SER B 98 -5.63 -40.50 -11.26
N LYS B 99 -4.37 -40.68 -11.72
CA LYS B 99 -4.06 -40.40 -13.11
C LYS B 99 -4.81 -41.32 -14.06
N GLU B 100 -4.93 -42.61 -13.69
CA GLU B 100 -5.67 -43.55 -14.51
C GLU B 100 -7.17 -43.24 -14.51
N ASP B 101 -7.66 -42.53 -13.50
CA ASP B 101 -9.07 -42.19 -13.44
C ASP B 101 -9.45 -41.21 -14.55
N LEU B 102 -8.52 -40.32 -14.91
CA LEU B 102 -8.80 -39.39 -16.01
C LEU B 102 -8.89 -40.12 -17.35
N LEU B 103 -8.29 -41.30 -17.45
CA LEU B 103 -8.40 -42.09 -18.67
C LEU B 103 -9.85 -42.52 -18.90
N LYS B 104 -10.57 -42.87 -17.83
CA LYS B 104 -11.95 -43.27 -17.93
C LYS B 104 -12.83 -42.05 -18.26
N ASP B 105 -14.13 -42.27 -18.34
CA ASP B 105 -15.09 -41.25 -18.73
C ASP B 105 -15.95 -40.85 -17.55
N PHE B 106 -16.13 -39.55 -17.36
CA PHE B 106 -17.07 -39.00 -16.40
C PHE B 106 -17.54 -37.65 -16.92
N ARG B 107 -18.40 -37.00 -16.14
CA ARG B 107 -18.91 -35.69 -16.53
C ARG B 107 -17.77 -34.68 -16.68
N LEU B 108 -17.61 -34.15 -17.90
CA LEU B 108 -16.47 -33.31 -18.20
C LEU B 108 -16.40 -32.04 -17.34
N PRO B 109 -17.47 -31.25 -17.18
CA PRO B 109 -17.34 -30.00 -16.40
C PRO B 109 -17.23 -30.26 -14.91
N ALA B 110 -16.02 -30.55 -14.43
CA ALA B 110 -15.78 -30.82 -13.03
C ALA B 110 -14.69 -29.89 -12.50
N ILE B 111 -14.75 -29.59 -11.22
CA ILE B 111 -13.77 -28.73 -10.56
C ILE B 111 -12.68 -29.61 -9.97
N ALA B 112 -11.43 -29.24 -10.22
CA ALA B 112 -10.27 -29.98 -9.75
C ALA B 112 -9.38 -29.06 -8.92
N ASN B 113 -8.98 -29.54 -7.74
CA ASN B 113 -8.05 -28.82 -6.90
C ASN B 113 -6.64 -29.01 -7.41
N VAL B 114 -5.90 -27.91 -7.55
CA VAL B 114 -4.53 -27.92 -8.05
C VAL B 114 -3.66 -27.09 -7.12
N ILE B 115 -2.36 -27.32 -7.21
CA ILE B 115 -1.36 -26.59 -6.43
C ILE B 115 -0.50 -25.80 -7.41
N VAL B 116 -0.69 -24.48 -7.41
CA VAL B 116 0.08 -23.59 -8.25
C VAL B 116 1.39 -23.28 -7.54
N ASP B 117 2.51 -23.41 -8.28
CA ASP B 117 3.89 -23.15 -7.89
C ASP B 117 4.15 -23.48 -6.42
N ASN B 118 3.71 -24.67 -6.01
CA ASN B 118 3.82 -25.20 -4.65
C ASN B 118 3.48 -24.17 -3.59
N ARG B 119 2.63 -23.19 -3.93
CA ARG B 119 2.21 -22.16 -3.02
C ARG B 119 0.71 -22.12 -2.83
N LEU B 120 -0.06 -22.05 -3.92
CA LEU B 120 -1.48 -21.72 -3.86
C LEU B 120 -2.33 -22.95 -4.10
N ALA B 121 -3.33 -23.15 -3.25
CA ALA B 121 -4.32 -24.21 -3.45
C ALA B 121 -5.46 -23.62 -4.28
N HIS B 122 -5.33 -23.73 -5.60
CA HIS B 122 -6.31 -23.17 -6.52
C HIS B 122 -7.31 -24.23 -6.97
N PHE B 123 -8.34 -23.78 -7.67
CA PHE B 123 -9.31 -24.65 -8.31
C PHE B 123 -9.36 -24.33 -9.79
N VAL B 124 -9.56 -25.37 -10.61
CA VAL B 124 -9.68 -25.19 -12.06
C VAL B 124 -10.92 -25.93 -12.51
N VAL B 125 -11.41 -25.57 -13.69
CA VAL B 125 -12.57 -26.22 -14.30
C VAL B 125 -12.06 -27.01 -15.50
N ILE B 126 -12.10 -28.33 -15.40
CA ILE B 126 -11.78 -29.18 -16.53
C ILE B 126 -12.97 -29.16 -17.50
N TYR B 127 -12.69 -28.92 -18.78
CA TYR B 127 -13.75 -28.82 -19.77
C TYR B 127 -13.76 -29.97 -20.76
N SER B 128 -12.60 -30.31 -21.33
CA SER B 128 -12.51 -31.40 -22.29
C SER B 128 -11.27 -32.22 -22.01
N ILE B 129 -11.41 -33.55 -22.14
CA ILE B 129 -10.28 -34.46 -22.00
C ILE B 129 -9.90 -34.96 -23.39
N LYS B 130 -8.94 -34.28 -24.02
CA LYS B 130 -8.49 -34.64 -25.35
C LYS B 130 -7.34 -35.66 -25.25
N ASN B 131 -6.66 -35.90 -26.37
CA ASN B 131 -5.58 -36.88 -26.39
C ASN B 131 -4.37 -36.37 -25.62
N ARG B 132 -4.28 -36.77 -24.34
CA ARG B 132 -3.20 -36.44 -23.41
C ARG B 132 -3.10 -34.96 -23.10
N ILE B 133 -4.02 -34.13 -23.58
CA ILE B 133 -4.05 -32.70 -23.27
C ILE B 133 -5.38 -32.37 -22.62
N ILE B 134 -5.33 -31.68 -21.48
CA ILE B 134 -6.51 -31.33 -20.70
C ILE B 134 -6.73 -29.83 -20.83
N THR B 135 -7.95 -29.45 -21.20
CA THR B 135 -8.35 -28.05 -21.27
C THR B 135 -8.96 -27.64 -19.93
N VAL B 136 -8.40 -26.62 -19.30
CA VAL B 136 -8.87 -26.17 -18.00
C VAL B 136 -9.02 -24.65 -18.01
N ALA B 137 -10.12 -24.20 -17.45
CA ALA B 137 -10.33 -22.77 -17.16
C ALA B 137 -9.82 -22.49 -15.75
N ASP B 138 -8.79 -21.66 -15.66
CA ASP B 138 -8.25 -21.19 -14.39
C ASP B 138 -8.66 -19.74 -14.20
N PRO B 139 -9.37 -19.40 -13.12
CA PRO B 139 -9.84 -18.02 -12.95
C PRO B 139 -8.71 -17.00 -12.92
N GLY B 140 -7.51 -17.44 -12.54
CA GLY B 140 -6.37 -16.52 -12.46
C GLY B 140 -5.74 -16.18 -13.80
N LYS B 141 -5.81 -17.12 -14.76
CA LYS B 141 -5.14 -16.94 -16.05
C LYS B 141 -6.10 -16.87 -17.22
N GLY B 142 -6.96 -17.87 -17.37
CA GLY B 142 -7.88 -17.95 -18.48
C GLY B 142 -8.08 -19.40 -18.89
N ILE B 143 -8.41 -19.61 -20.16
CA ILE B 143 -8.52 -20.96 -20.70
C ILE B 143 -7.14 -21.41 -21.14
N VAL B 144 -6.63 -22.49 -20.53
CA VAL B 144 -5.29 -22.97 -20.83
C VAL B 144 -5.35 -24.47 -21.10
N ARG B 145 -4.25 -24.97 -21.67
CA ARG B 145 -4.11 -26.37 -22.03
C ARG B 145 -2.89 -26.93 -21.31
N TYR B 146 -3.07 -28.06 -20.63
CA TYR B 146 -1.99 -28.69 -19.89
C TYR B 146 -1.76 -30.10 -20.41
N SER B 147 -0.49 -30.46 -20.61
CA SER B 147 -0.17 -31.86 -20.90
C SER B 147 -0.56 -32.72 -19.70
N MET B 148 -0.98 -33.95 -19.98
CA MET B 148 -1.48 -34.83 -18.92
C MET B 148 -0.43 -35.04 -17.84
N ASP B 149 0.84 -35.21 -18.24
CA ASP B 149 1.91 -35.37 -17.26
C ASP B 149 2.06 -34.13 -16.39
N ASP B 150 2.16 -32.95 -17.01
CA ASP B 150 2.32 -31.72 -16.25
C ASP B 150 1.10 -31.45 -15.38
N PHE B 151 -0.10 -31.66 -15.93
CA PHE B 151 -1.31 -31.45 -15.14
C PHE B 151 -1.32 -32.35 -13.92
N CYS B 152 -1.13 -33.66 -14.13
CA CYS B 152 -1.10 -34.59 -13.00
C CYS B 152 0.01 -34.26 -12.02
N SER B 153 1.09 -33.63 -12.50
CA SER B 153 2.12 -33.16 -11.58
C SER B 153 1.62 -31.99 -10.74
N ILE B 154 0.76 -31.15 -11.31
CA ILE B 154 0.25 -29.97 -10.60
C ILE B 154 -1.20 -30.16 -10.16
N TRP B 155 -1.75 -31.37 -10.26
CA TRP B 155 -3.14 -31.63 -9.89
C TRP B 155 -3.17 -32.51 -8.65
N THR B 156 -3.79 -32.01 -7.60
CA THR B 156 -4.03 -32.82 -6.40
C THR B 156 -5.13 -33.85 -6.68
N GLY B 157 -5.11 -34.94 -5.92
CA GLY B 157 -6.02 -36.04 -6.16
C GLY B 157 -7.48 -35.67 -6.01
N GLY B 158 -7.79 -34.58 -5.30
CA GLY B 158 -9.17 -34.23 -5.06
C GLY B 158 -9.91 -33.86 -6.34
N LEU B 159 -11.23 -34.08 -6.33
CA LEU B 159 -12.06 -33.81 -7.49
C LEU B 159 -13.50 -33.62 -7.04
N VAL B 160 -14.17 -32.65 -7.65
CA VAL B 160 -15.57 -32.34 -7.36
C VAL B 160 -16.36 -32.55 -8.64
N LEU B 161 -17.34 -33.45 -8.59
CA LEU B 161 -18.20 -33.76 -9.72
C LEU B 161 -19.55 -33.06 -9.54
N LEU B 162 -19.98 -32.35 -10.59
CA LEU B 162 -21.20 -31.56 -10.56
C LEU B 162 -22.15 -32.03 -11.65
N GLU B 163 -23.44 -31.99 -11.35
CA GLU B 163 -24.47 -32.39 -12.29
C GLU B 163 -25.82 -31.82 -11.87
N PRO B 164 -26.55 -31.15 -12.76
CA PRO B 164 -27.84 -30.58 -12.38
C PRO B 164 -28.82 -31.65 -11.93
N GLY B 165 -29.63 -31.30 -10.93
CA GLY B 165 -30.62 -32.19 -10.37
C GLY B 165 -32.01 -31.92 -10.91
N GLU B 166 -33.01 -32.33 -10.12
CA GLU B 166 -34.40 -32.15 -10.53
C GLU B 166 -34.77 -30.68 -10.61
N ALA B 167 -34.30 -29.87 -9.66
CA ALA B 167 -34.66 -28.45 -9.57
C ALA B 167 -33.43 -27.63 -9.92
N PHE B 168 -33.28 -27.31 -11.20
CA PHE B 168 -32.21 -26.46 -11.70
C PHE B 168 -32.77 -25.42 -12.67
N GLN B 169 -33.81 -24.72 -12.23
CA GLN B 169 -34.40 -23.65 -13.04
C GLN B 169 -33.35 -22.60 -13.36
N LYS B 170 -33.06 -22.45 -14.65
CA LYS B 170 -32.05 -21.51 -15.09
C LYS B 170 -32.54 -20.08 -14.95
N GLY B 171 -31.63 -19.13 -15.18
CA GLY B 171 -32.00 -17.73 -15.09
C GLY B 171 -30.78 -16.84 -15.27
N ASP B 172 -31.02 -15.55 -15.11
CA ASP B 172 -30.01 -14.51 -15.26
C ASP B 172 -30.10 -13.52 -14.11
N TYR B 173 -30.00 -14.05 -12.88
CA TYR B 173 -30.27 -13.25 -11.69
C TYR B 173 -29.14 -12.26 -11.42
N THR B 174 -28.98 -11.29 -12.31
CA THR B 174 -28.01 -10.22 -12.14
C THR B 174 -28.46 -9.03 -12.98
N GLN B 175 -27.88 -7.87 -12.70
CA GLN B 175 -28.21 -6.65 -13.41
C GLN B 175 -26.95 -6.06 -14.03
N ASN B 176 -27.15 -5.17 -15.00
CA ASN B 176 -26.05 -4.51 -15.67
C ASN B 176 -25.56 -3.34 -14.81
N MET B 177 -24.36 -3.47 -14.25
CA MET B 177 -23.85 -2.43 -13.37
C MET B 177 -23.54 -1.15 -14.14
N MET B 178 -23.14 -1.27 -15.40
CA MET B 178 -22.84 -0.09 -16.20
C MET B 178 -24.07 0.78 -16.39
N VAL B 179 -25.23 0.16 -16.65
CA VAL B 179 -26.47 0.91 -16.74
C VAL B 179 -26.84 1.47 -15.38
N LYS B 180 -26.59 0.71 -14.31
CA LYS B 180 -26.88 1.21 -12.96
C LYS B 180 -26.02 2.42 -12.62
N PHE B 181 -24.73 2.37 -12.96
CA PHE B 181 -23.83 3.48 -12.66
C PHE B 181 -23.96 4.62 -13.65
N ALA B 182 -24.61 4.41 -14.80
CA ALA B 182 -24.91 5.48 -15.73
C ALA B 182 -26.04 6.36 -15.25
N GLY B 183 -26.73 5.99 -14.18
CA GLY B 183 -27.80 6.81 -13.64
C GLY B 183 -27.33 8.03 -12.88
N PHE B 184 -26.02 8.14 -12.60
CA PHE B 184 -25.48 9.35 -12.00
C PHE B 184 -25.39 10.50 -13.00
N LEU B 185 -25.56 10.22 -14.29
CA LEU B 185 -25.57 11.26 -15.31
C LEU B 185 -26.92 11.96 -15.43
N LYS B 186 -27.98 11.40 -14.82
CA LYS B 186 -29.29 12.03 -14.93
C LYS B 186 -29.34 13.42 -14.30
N PRO B 187 -28.89 13.65 -13.07
CA PRO B 187 -28.88 15.02 -12.55
C PRO B 187 -27.88 15.92 -13.25
N LEU B 188 -26.91 15.36 -13.96
CA LEU B 188 -25.86 16.11 -14.65
C LEU B 188 -26.11 16.19 -16.15
N LYS B 189 -27.37 16.18 -16.57
CA LYS B 189 -27.66 16.21 -18.01
C LYS B 189 -27.38 17.56 -18.62
N LYS B 190 -27.39 18.63 -17.82
CA LYS B 190 -27.11 19.96 -18.35
C LYS B 190 -25.63 20.13 -18.64
N THR B 191 -24.76 19.63 -17.74
CA THR B 191 -23.33 19.73 -17.96
C THR B 191 -22.90 18.93 -19.18
N VAL B 192 -23.46 17.74 -19.36
CA VAL B 192 -23.12 16.92 -20.52
C VAL B 192 -23.54 17.61 -21.81
N LEU B 193 -24.65 18.36 -21.77
CA LEU B 193 -25.09 19.09 -22.96
C LEU B 193 -24.16 20.24 -23.29
N CYS B 194 -23.68 20.97 -22.29
CA CYS B 194 -22.75 22.06 -22.53
C CYS B 194 -21.43 21.54 -23.10
N ILE B 195 -20.94 20.42 -22.58
CA ILE B 195 -19.70 19.84 -23.09
C ILE B 195 -19.86 19.42 -24.54
N PHE B 196 -21.00 18.81 -24.87
CA PHE B 196 -21.24 18.35 -26.24
C PHE B 196 -21.27 19.52 -27.22
N LEU B 197 -21.97 20.60 -26.85
CA LEU B 197 -22.04 21.77 -27.73
C LEU B 197 -20.68 22.45 -27.87
N ALA B 198 -19.94 22.56 -26.76
CA ALA B 198 -18.61 23.16 -26.82
C ALA B 198 -17.68 22.33 -27.69
N SER B 199 -17.78 21.00 -27.59
CA SER B 199 -16.95 20.13 -28.44
C SER B 199 -17.32 20.27 -29.90
N LEU B 200 -18.62 20.36 -30.20
CA LEU B 200 -19.04 20.55 -31.59
C LEU B 200 -18.48 21.86 -32.16
N LEU B 201 -18.59 22.94 -31.38
CA LEU B 201 -18.08 24.22 -31.84
C LEU B 201 -16.56 24.20 -32.00
N TYR B 202 -15.86 23.56 -31.07
CA TYR B 202 -14.41 23.44 -31.14
C TYR B 202 -14.00 22.68 -32.39
N THR B 203 -14.66 21.55 -32.67
CA THR B 203 -14.33 20.76 -33.85
C THR B 203 -14.62 21.53 -35.14
N ALA B 204 -15.76 22.23 -35.18
CA ALA B 204 -16.09 23.02 -36.38
C ALA B 204 -15.06 24.13 -36.59
N LEU B 205 -14.65 24.80 -35.52
CA LEU B 205 -13.66 25.86 -35.65
C LEU B 205 -12.32 25.30 -36.13
N GLY B 206 -11.91 24.15 -35.61
CA GLY B 206 -10.67 23.54 -36.07
C GLY B 206 -10.73 23.12 -37.53
N ILE B 207 -11.84 22.54 -37.93
CA ILE B 207 -12.01 22.14 -39.33
C ILE B 207 -11.97 23.35 -40.24
N ALA B 208 -12.63 24.44 -39.84
CA ALA B 208 -12.59 25.67 -40.63
C ALA B 208 -11.18 26.24 -40.69
N GLY B 209 -10.45 26.18 -39.58
CA GLY B 209 -9.11 26.73 -39.54
C GLY B 209 -8.04 25.90 -40.20
N SER B 210 -8.34 24.63 -40.50
CA SER B 210 -7.37 23.80 -41.20
C SER B 210 -7.15 24.21 -42.65
N PHE B 211 -7.97 25.11 -43.20
CA PHE B 211 -7.89 25.52 -44.60
C PHE B 211 -6.97 26.72 -44.80
N TYR B 212 -6.27 27.17 -43.77
CA TYR B 212 -5.38 28.31 -43.90
C TYR B 212 -4.30 28.04 -44.94
N ILE B 213 -3.68 26.85 -44.87
CA ILE B 213 -2.61 26.52 -45.80
C ILE B 213 -3.14 26.34 -47.21
N LYS B 214 -4.40 25.89 -47.34
CA LYS B 214 -5.00 25.81 -48.67
C LYS B 214 -5.22 27.20 -49.25
N PHE B 215 -5.64 28.15 -48.42
CA PHE B 215 -5.81 29.52 -48.90
C PHE B 215 -4.47 30.19 -49.18
N LEU B 216 -3.41 29.78 -48.49
CA LEU B 216 -2.10 30.39 -48.68
C LEU B 216 -1.55 30.08 -50.07
N PHE B 217 -1.54 28.81 -50.46
CA PHE B 217 -0.81 28.41 -51.66
C PHE B 217 -1.65 28.57 -52.91
N ASP B 218 -2.95 28.29 -52.83
CA ASP B 218 -3.79 28.38 -54.02
C ASP B 218 -4.17 29.82 -54.36
N ASP B 219 -4.30 30.69 -53.36
CA ASP B 219 -4.84 32.03 -53.57
C ASP B 219 -3.83 33.14 -53.29
N LEU B 220 -3.23 33.16 -52.10
CA LEU B 220 -2.45 34.32 -51.69
C LEU B 220 -1.04 34.29 -52.26
N ILE B 221 -0.32 33.19 -52.06
CA ILE B 221 1.06 33.10 -52.52
C ILE B 221 1.12 33.14 -54.05
N LYS B 222 0.21 32.42 -54.71
CA LYS B 222 0.25 32.34 -56.16
C LYS B 222 0.01 33.70 -56.81
N PHE B 223 -0.95 34.46 -56.29
CA PHE B 223 -1.32 35.74 -56.88
C PHE B 223 -0.69 36.93 -56.17
N GLU B 224 0.19 36.68 -55.19
CA GLU B 224 0.92 37.75 -54.49
C GLU B 224 -0.01 38.78 -53.88
N LYS B 225 -1.01 38.30 -53.14
CA LYS B 225 -1.92 39.17 -52.40
C LYS B 225 -1.38 39.37 -50.99
N LEU B 226 -1.10 40.62 -50.63
CA LEU B 226 -0.48 40.93 -49.34
C LEU B 226 -1.50 41.36 -48.30
N ASN B 227 -2.35 42.33 -48.63
CA ASN B 227 -3.37 42.76 -47.68
C ASN B 227 -4.35 41.65 -47.37
N ASP B 228 -4.75 40.90 -48.41
CA ASP B 228 -5.57 39.71 -48.18
C ASP B 228 -4.85 38.70 -47.32
N LEU B 229 -3.54 38.57 -47.51
CA LEU B 229 -2.74 37.69 -46.67
C LEU B 229 -2.85 38.08 -45.20
N HIS B 230 -2.64 39.37 -44.91
CA HIS B 230 -2.70 39.82 -43.52
C HIS B 230 -4.10 39.62 -42.93
N ILE B 231 -5.13 39.96 -43.70
CA ILE B 231 -6.50 39.86 -43.20
C ILE B 231 -6.86 38.40 -42.90
N ILE B 232 -6.54 37.50 -43.83
CA ILE B 232 -6.88 36.10 -43.66
C ILE B 232 -6.09 35.49 -42.50
N SER B 233 -4.81 35.87 -42.36
CA SER B 233 -4.02 35.36 -41.26
C SER B 233 -4.58 35.82 -39.92
N ALA B 234 -4.98 37.09 -39.83
CA ALA B 234 -5.58 37.58 -38.59
C ALA B 234 -6.89 36.86 -38.29
N GLY B 235 -7.71 36.62 -39.32
CA GLY B 235 -8.95 35.90 -39.10
C GLY B 235 -8.72 34.49 -38.58
N PHE B 236 -7.75 33.78 -39.16
CA PHE B 236 -7.49 32.42 -38.71
C PHE B 236 -6.87 32.40 -37.31
N ALA B 237 -6.06 33.41 -36.98
CA ALA B 237 -5.56 33.52 -35.60
C ALA B 237 -6.70 33.73 -34.61
N VAL B 238 -7.67 34.57 -34.97
CA VAL B 238 -8.83 34.78 -34.11
C VAL B 238 -9.62 33.48 -33.95
N ILE B 239 -9.77 32.74 -35.04
CA ILE B 239 -10.46 31.45 -34.97
C ILE B 239 -9.73 30.50 -34.02
N PHE B 240 -8.40 30.47 -34.10
CA PHE B 240 -7.64 29.60 -33.21
C PHE B 240 -7.80 30.03 -31.75
N LEU B 241 -7.81 31.33 -31.49
CA LEU B 241 -8.00 31.80 -30.12
C LEU B 241 -9.37 31.40 -29.58
N LEU B 242 -10.40 31.50 -30.42
CA LEU B 242 -11.72 31.03 -30.02
C LEU B 242 -11.71 29.54 -29.71
N GLN B 243 -10.99 28.77 -30.54
CA GLN B 243 -10.85 27.34 -30.30
C GLN B 243 -10.20 27.06 -28.96
N ILE B 244 -9.16 27.81 -28.62
CA ILE B 244 -8.46 27.62 -27.35
C ILE B 244 -9.38 27.94 -26.17
N PHE B 245 -10.14 29.04 -26.28
CA PHE B 245 -11.07 29.38 -25.21
C PHE B 245 -12.13 28.30 -25.01
N LEU B 246 -12.66 27.77 -26.12
CA LEU B 246 -13.63 26.68 -26.03
C LEU B 246 -13.01 25.45 -25.36
N ASN B 247 -11.77 25.13 -25.70
CA ASN B 247 -11.10 24.00 -25.08
C ASN B 247 -10.94 24.21 -23.57
N TYR B 248 -10.58 25.44 -23.18
CA TYR B 248 -10.45 25.76 -21.76
C TYR B 248 -11.76 25.53 -21.01
N TYR B 249 -12.86 26.08 -21.54
CA TYR B 249 -14.16 25.94 -20.89
C TYR B 249 -14.59 24.47 -20.81
N ARG B 250 -14.41 23.74 -21.92
CA ARG B 250 -14.80 22.33 -21.94
C ARG B 250 -13.97 21.51 -20.97
N SER B 251 -12.67 21.80 -20.86
CA SER B 251 -11.83 21.06 -19.92
C SER B 251 -12.26 21.31 -18.48
N ILE B 252 -12.61 22.57 -18.15
CA ILE B 252 -13.07 22.87 -16.81
C ILE B 252 -14.35 22.07 -16.50
N LEU B 253 -15.30 22.08 -17.44
CA LEU B 253 -16.54 21.35 -17.21
C LEU B 253 -16.29 19.85 -17.06
N VAL B 254 -15.41 19.29 -17.89
CA VAL B 254 -15.14 17.86 -17.83
C VAL B 254 -14.51 17.49 -16.48
N THR B 255 -13.58 18.32 -16.00
CA THR B 255 -12.97 18.05 -14.70
C THR B 255 -14.02 18.08 -13.60
N LYS B 256 -14.90 19.07 -13.61
CA LYS B 256 -15.95 19.14 -12.58
C LYS B 256 -16.86 17.92 -12.64
N LEU B 257 -17.27 17.53 -13.84
CA LEU B 257 -18.15 16.38 -14.00
C LEU B 257 -17.49 15.11 -13.49
N GLY B 258 -16.22 14.90 -13.83
CA GLY B 258 -15.53 13.70 -13.37
C GLY B 258 -15.39 13.66 -11.87
N MET B 259 -15.06 14.80 -11.26
CA MET B 259 -14.95 14.85 -9.80
C MET B 259 -16.29 14.52 -9.15
N SER B 260 -17.38 15.09 -9.67
CA SER B 260 -18.70 14.84 -9.09
C SER B 260 -19.06 13.37 -9.17
N ILE B 261 -18.88 12.76 -10.35
CA ILE B 261 -19.25 11.35 -10.51
C ILE B 261 -18.39 10.45 -9.62
N ASP B 262 -17.09 10.74 -9.56
CA ASP B 262 -16.21 9.94 -8.71
C ASP B 262 -16.64 10.02 -7.25
N LYS B 263 -16.91 11.22 -6.75
CA LYS B 263 -17.33 11.37 -5.36
C LYS B 263 -18.63 10.63 -5.10
N SER B 264 -19.60 10.74 -6.04
CA SER B 264 -20.88 10.07 -5.83
C SER B 264 -20.70 8.56 -5.74
N ILE B 265 -19.92 7.99 -6.65
CA ILE B 265 -19.74 6.53 -6.63
C ILE B 265 -19.02 6.09 -5.36
N MET B 266 -17.95 6.80 -5.00
CA MET B 266 -17.20 6.45 -3.79
C MET B 266 -18.09 6.50 -2.56
N MET B 267 -18.87 7.57 -2.42
CA MET B 267 -19.71 7.72 -1.24
C MET B 267 -20.81 6.67 -1.20
N GLU B 268 -21.42 6.34 -2.34
CA GLU B 268 -22.43 5.28 -2.34
C GLU B 268 -21.83 3.95 -1.91
N TYR B 269 -20.65 3.62 -2.45
CA TYR B 269 -20.02 2.35 -2.10
C TYR B 269 -19.71 2.29 -0.61
N TYR B 270 -19.13 3.36 -0.06
CA TYR B 270 -18.77 3.35 1.35
C TYR B 270 -20.01 3.31 2.24
N SER B 271 -21.06 4.05 1.87
CA SER B 271 -22.28 4.06 2.67
C SER B 271 -22.92 2.69 2.69
N HIS B 272 -22.88 1.95 1.57
CA HIS B 272 -23.42 0.60 1.60
C HIS B 272 -22.51 -0.35 2.36
N VAL B 273 -21.19 -0.19 2.24
CA VAL B 273 -20.27 -1.09 2.91
C VAL B 273 -20.42 -0.99 4.42
N LEU B 274 -20.59 0.22 4.94
CA LEU B 274 -20.68 0.41 6.38
C LEU B 274 -21.92 -0.26 6.98
N LYS B 275 -22.90 -0.64 6.17
CA LYS B 275 -24.15 -1.22 6.66
C LYS B 275 -24.21 -2.73 6.48
N LEU B 276 -23.17 -3.36 5.96
CA LEU B 276 -23.18 -4.79 5.70
C LEU B 276 -22.95 -5.57 6.97
N PRO B 277 -23.41 -6.83 7.04
CA PRO B 277 -23.22 -7.62 8.27
C PRO B 277 -21.76 -7.93 8.57
N MET B 278 -21.51 -8.53 9.74
CA MET B 278 -20.13 -8.81 10.13
C MET B 278 -19.53 -10.00 9.39
N ASN B 279 -20.37 -10.93 8.92
CA ASN B 279 -19.85 -12.05 8.15
C ASN B 279 -19.24 -11.59 6.83
N PHE B 280 -19.58 -10.38 6.37
CA PHE B 280 -18.92 -9.80 5.21
C PHE B 280 -17.53 -9.29 5.55
N PHE B 281 -17.34 -8.76 6.75
CA PHE B 281 -16.09 -8.10 7.10
C PHE B 281 -15.00 -9.07 7.54
N ASN B 282 -15.36 -10.19 8.14
CA ASN B 282 -14.36 -11.17 8.56
C ASN B 282 -14.10 -12.24 7.50
N SER B 283 -14.83 -12.22 6.39
CA SER B 283 -14.57 -13.09 5.26
C SER B 283 -13.76 -12.41 4.18
N ARG B 284 -13.34 -11.17 4.41
CA ARG B 284 -12.56 -10.41 3.45
C ARG B 284 -11.42 -9.71 4.17
N LYS B 285 -10.34 -9.46 3.44
CA LYS B 285 -9.23 -8.69 3.98
C LYS B 285 -9.52 -7.19 3.87
N VAL B 286 -8.73 -6.41 4.58
CA VAL B 286 -8.88 -4.95 4.52
C VAL B 286 -8.63 -4.46 3.09
N GLY B 287 -7.58 -4.98 2.45
CA GLY B 287 -7.27 -4.54 1.11
C GLY B 287 -8.38 -4.83 0.12
N GLU B 288 -9.05 -5.98 0.27
CA GLU B 288 -10.13 -6.33 -0.63
C GLU B 288 -11.28 -5.32 -0.54
N ILE B 289 -11.61 -4.87 0.67
CA ILE B 289 -12.66 -3.88 0.84
C ILE B 289 -12.20 -2.52 0.33
N ILE B 290 -10.97 -2.12 0.63
CA ILE B 290 -10.50 -0.79 0.27
C ILE B 290 -10.26 -0.63 -1.22
N SER B 291 -9.91 -1.70 -1.93
CA SER B 291 -9.51 -1.58 -3.33
C SER B 291 -10.63 -1.13 -4.26
N ARG B 292 -11.88 -1.14 -3.81
CA ARG B 292 -12.97 -0.68 -4.66
C ARG B 292 -13.03 0.84 -4.79
N PHE B 293 -12.33 1.57 -3.92
CA PHE B 293 -12.28 3.02 -4.06
C PHE B 293 -11.53 3.45 -5.31
N MET B 294 -10.65 2.60 -5.85
CA MET B 294 -10.04 2.85 -7.15
C MET B 294 -10.91 2.31 -8.29
N ASP B 295 -11.65 1.23 -8.04
CA ASP B 295 -12.64 0.77 -9.01
C ASP B 295 -13.67 1.85 -9.28
N ALA B 296 -13.96 2.69 -8.28
CA ALA B 296 -14.87 3.82 -8.50
C ALA B 296 -14.35 4.75 -9.59
N SER B 297 -13.06 5.11 -9.51
CA SER B 297 -12.47 5.96 -10.53
C SER B 297 -12.42 5.23 -11.88
N LYS B 298 -12.16 3.92 -11.86
CA LYS B 298 -12.14 3.17 -13.11
C LYS B 298 -13.51 3.18 -13.78
N ILE B 299 -14.58 3.07 -13.00
CA ILE B 299 -15.93 3.18 -13.55
C ILE B 299 -16.16 4.59 -14.09
N ARG B 300 -15.76 5.60 -13.32
CA ARG B 300 -16.00 6.98 -13.75
C ARG B 300 -15.30 7.28 -15.06
N GLN B 301 -14.14 6.66 -15.29
CA GLN B 301 -13.38 6.94 -16.51
C GLN B 301 -14.16 6.56 -17.77
N ALA B 302 -15.11 5.64 -17.66
CA ALA B 302 -15.98 5.31 -18.78
C ALA B 302 -17.37 5.92 -18.68
N ILE B 303 -17.83 6.23 -17.47
CA ILE B 303 -19.12 6.88 -17.32
C ILE B 303 -19.08 8.29 -17.92
N SER B 304 -18.01 9.04 -17.64
CA SER B 304 -17.86 10.40 -18.15
C SER B 304 -16.92 10.49 -19.33
N GLY B 305 -16.09 9.47 -19.57
CA GLY B 305 -15.14 9.52 -20.67
C GLY B 305 -15.61 8.82 -21.92
N ALA B 306 -16.08 7.58 -21.78
CA ALA B 306 -16.42 6.78 -22.96
C ALA B 306 -17.63 7.35 -23.69
N THR B 307 -18.69 7.70 -22.95
CA THR B 307 -19.90 8.19 -23.59
C THR B 307 -19.65 9.52 -24.30
N LEU B 308 -18.97 10.45 -23.62
CA LEU B 308 -18.68 11.74 -24.23
C LEU B 308 -17.74 11.58 -25.43
N THR B 309 -16.74 10.73 -25.30
CA THR B 309 -15.82 10.51 -26.42
C THR B 309 -16.55 9.93 -27.62
N ILE B 310 -17.44 8.96 -27.40
CA ILE B 310 -18.22 8.40 -28.50
C ILE B 310 -19.07 9.48 -29.15
N MET B 311 -19.80 10.24 -28.33
CA MET B 311 -20.74 11.22 -28.87
C MET B 311 -20.02 12.28 -29.70
N ILE B 312 -18.89 12.78 -29.20
CA ILE B 312 -18.15 13.81 -29.93
C ILE B 312 -17.48 13.21 -31.17
N ASP B 313 -16.75 12.11 -30.99
CA ASP B 313 -15.87 11.60 -32.02
C ASP B 313 -16.62 10.96 -33.18
N THR B 314 -17.78 10.33 -32.95
CA THR B 314 -18.53 9.78 -34.07
C THR B 314 -18.92 10.87 -35.05
N ILE B 315 -19.52 11.95 -34.54
CA ILE B 315 -19.95 13.05 -35.42
C ILE B 315 -18.74 13.72 -36.05
N MET B 316 -17.69 13.97 -35.27
CA MET B 316 -16.55 14.72 -35.82
C MET B 316 -15.80 13.89 -36.86
N ALA B 317 -15.70 12.57 -36.65
CA ALA B 317 -15.10 11.69 -37.64
C ALA B 317 -15.94 11.60 -38.89
N VAL B 318 -17.27 11.57 -38.75
CA VAL B 318 -18.13 11.55 -39.93
C VAL B 318 -17.92 12.81 -40.75
N ILE B 319 -17.88 13.97 -40.08
CA ILE B 319 -17.68 15.23 -40.79
C ILE B 319 -16.31 15.25 -41.47
N GLY B 320 -15.28 14.80 -40.76
CA GLY B 320 -13.94 14.77 -41.34
C GLY B 320 -13.84 13.86 -42.54
N GLY B 321 -14.45 12.68 -42.45
CA GLY B 321 -14.43 11.75 -43.57
C GLY B 321 -15.18 12.28 -44.77
N ILE B 322 -16.34 12.91 -44.54
CA ILE B 322 -17.08 13.51 -45.64
C ILE B 322 -16.25 14.60 -46.30
N LEU B 323 -15.60 15.44 -45.51
CA LEU B 323 -14.78 16.52 -46.08
C LEU B 323 -13.59 15.95 -46.85
N LEU B 324 -12.95 14.90 -46.32
CA LEU B 324 -11.84 14.29 -47.05
C LEU B 324 -12.30 13.68 -48.36
N TYR B 325 -13.46 13.04 -48.37
CA TYR B 325 -14.00 12.52 -49.63
C TYR B 325 -14.33 13.64 -50.59
N ILE B 326 -14.75 14.80 -50.07
CA ILE B 326 -14.96 15.96 -50.93
C ILE B 326 -13.65 16.41 -51.56
N GLN B 327 -12.57 16.45 -50.76
CA GLN B 327 -11.28 16.89 -51.28
C GLN B 327 -10.77 15.94 -52.36
N ASN B 328 -10.72 14.64 -52.06
CA ASN B 328 -10.28 13.65 -53.02
C ASN B 328 -10.65 12.25 -52.57
N SER B 329 -11.22 11.45 -53.47
CA SER B 329 -11.72 10.13 -53.07
C SER B 329 -10.58 9.15 -52.81
N SER B 330 -9.57 9.12 -53.68
CA SER B 330 -8.50 8.14 -53.55
C SER B 330 -7.71 8.33 -52.27
N LEU B 331 -7.40 9.59 -51.93
CA LEU B 331 -6.68 9.86 -50.69
C LEU B 331 -7.52 9.49 -49.48
N PHE B 332 -8.84 9.72 -49.56
CA PHE B 332 -9.72 9.31 -48.48
C PHE B 332 -9.72 7.80 -48.30
N PHE B 333 -9.73 7.05 -49.41
CA PHE B 333 -9.66 5.59 -49.31
C PHE B 333 -8.33 5.14 -48.72
N ILE B 334 -7.24 5.81 -49.09
CA ILE B 334 -5.94 5.47 -48.52
C ILE B 334 -5.96 5.68 -47.01
N SER B 335 -6.51 6.81 -46.56
CA SER B 335 -6.59 7.08 -45.13
C SER B 335 -7.48 6.08 -44.41
N PHE B 336 -8.57 5.67 -45.07
CA PHE B 336 -9.44 4.65 -44.50
C PHE B 336 -8.70 3.33 -44.32
N ILE B 337 -7.90 2.95 -45.31
CA ILE B 337 -7.10 1.73 -45.20
C ILE B 337 -6.08 1.87 -44.07
N ILE B 338 -5.50 3.05 -43.93
CA ILE B 338 -4.54 3.28 -42.84
C ILE B 338 -5.20 3.06 -41.49
N ILE B 339 -6.38 3.65 -41.29
CA ILE B 339 -7.06 3.52 -40.00
C ILE B 339 -7.55 2.09 -39.79
N LEU B 340 -7.92 1.39 -40.85
CA LEU B 340 -8.29 -0.01 -40.73
C LEU B 340 -7.11 -0.85 -40.26
N LEU B 341 -5.93 -0.62 -40.83
CA LEU B 341 -4.74 -1.33 -40.40
C LEU B 341 -4.40 -1.02 -38.95
N TYR B 342 -4.51 0.24 -38.55
CA TYR B 342 -4.24 0.60 -37.17
C TYR B 342 -5.21 -0.10 -36.22
N GLY B 343 -6.48 -0.13 -36.57
CA GLY B 343 -7.46 -0.81 -35.73
C GLY B 343 -7.19 -2.30 -35.63
N ILE B 344 -6.83 -2.93 -36.75
CA ILE B 344 -6.51 -4.36 -36.74
C ILE B 344 -5.34 -4.64 -35.82
N ILE B 345 -4.28 -3.82 -35.93
CA ILE B 345 -3.08 -4.03 -35.11
C ILE B 345 -3.41 -3.86 -33.63
N VAL B 346 -4.16 -2.81 -33.29
CA VAL B 346 -4.49 -2.56 -31.89
C VAL B 346 -5.35 -3.68 -31.33
N THR B 347 -6.34 -4.15 -32.11
CA THR B 347 -7.18 -5.25 -31.65
C THR B 347 -6.36 -6.51 -31.45
N VAL B 348 -5.42 -6.79 -32.35
CA VAL B 348 -4.57 -7.97 -32.21
C VAL B 348 -3.73 -7.89 -30.93
N PHE B 349 -3.16 -6.71 -30.66
CA PHE B 349 -2.27 -6.56 -29.52
C PHE B 349 -3.00 -6.29 -28.21
N ASN B 350 -4.34 -6.19 -28.24
CA ASN B 350 -5.10 -5.90 -27.01
C ASN B 350 -4.81 -6.92 -25.90
N LYS B 351 -5.16 -8.19 -26.13
CA LYS B 351 -5.13 -9.17 -25.05
C LYS B 351 -3.74 -9.44 -24.49
N PRO B 352 -2.71 -9.70 -25.31
CA PRO B 352 -1.39 -10.01 -24.72
C PRO B 352 -0.85 -8.90 -23.82
N ILE B 353 -1.12 -7.64 -24.16
CA ILE B 353 -0.63 -6.54 -23.35
C ILE B 353 -1.25 -6.57 -21.96
N GLN B 354 -2.55 -6.80 -21.88
CA GLN B 354 -3.21 -6.86 -20.57
C GLN B 354 -2.80 -8.11 -19.80
N ASN B 355 -2.55 -9.23 -20.49
CA ASN B 355 -2.05 -10.41 -19.80
C ASN B 355 -0.67 -10.14 -19.18
N ALA B 356 0.20 -9.49 -19.95
CA ALA B 356 1.53 -9.15 -19.43
C ALA B 356 1.42 -8.17 -18.26
N ASN B 357 0.50 -7.21 -18.34
CA ASN B 357 0.31 -6.26 -17.25
C ASN B 357 -0.16 -6.98 -15.98
N ARG B 358 -1.08 -7.92 -16.12
CA ARG B 358 -1.53 -8.70 -14.97
C ARG B 358 -0.40 -9.51 -14.37
N GLN B 359 0.43 -10.12 -15.21
CA GLN B 359 1.58 -10.88 -14.71
C GLN B 359 2.55 -9.97 -13.96
N ILE B 360 2.79 -8.78 -14.49
CA ILE B 360 3.67 -7.82 -13.81
C ILE B 360 3.09 -7.43 -12.46
N MET B 361 1.79 -7.19 -12.41
CA MET B 361 1.17 -6.83 -11.13
C MET B 361 1.31 -7.95 -10.11
N GLU B 362 1.11 -9.20 -10.56
CA GLU B 362 1.26 -10.34 -9.64
C GLU B 362 2.69 -10.44 -9.12
N ASP B 363 3.67 -10.30 -10.01
CA ASP B 363 5.07 -10.42 -9.59
C ASP B 363 5.46 -9.30 -8.65
N ASN B 364 5.00 -8.07 -8.92
CA ASN B 364 5.29 -6.94 -8.05
C ASN B 364 4.65 -7.14 -6.68
N ALA B 365 3.42 -7.67 -6.64
CA ALA B 365 2.78 -7.96 -5.36
C ALA B 365 3.57 -8.98 -4.57
N LYS B 366 4.05 -10.04 -5.23
CA LYS B 366 4.86 -11.03 -4.54
C LYS B 366 6.15 -10.43 -4.00
N LEU B 367 6.82 -9.60 -4.80
CA LEU B 367 8.06 -8.96 -4.35
C LEU B 367 7.81 -8.05 -3.16
N THR B 368 6.73 -7.26 -3.20
CA THR B 368 6.43 -6.37 -2.09
C THR B 368 6.10 -7.14 -0.83
N SER B 369 5.35 -8.25 -0.96
CA SER B 369 5.05 -9.07 0.20
C SER B 369 6.33 -9.65 0.80
N ALA B 370 7.24 -10.12 -0.04
CA ALA B 370 8.51 -10.65 0.46
C ALA B 370 9.32 -9.57 1.17
N LEU B 371 9.36 -8.37 0.60
CA LEU B 371 10.10 -7.28 1.23
C LEU B 371 9.51 -6.92 2.59
N VAL B 372 8.18 -6.85 2.67
CA VAL B 372 7.52 -6.54 3.95
C VAL B 372 7.82 -7.63 4.97
N GLU B 373 7.75 -8.90 4.55
CA GLU B 373 8.04 -10.00 5.45
C GLU B 373 9.48 -9.91 5.97
N SER B 374 10.43 -9.63 5.08
CA SER B 374 11.83 -9.58 5.48
C SER B 374 12.10 -8.42 6.43
N VAL B 375 11.48 -7.27 6.18
CA VAL B 375 11.72 -6.10 7.05
C VAL B 375 11.06 -6.31 8.41
N LYS B 376 9.84 -6.85 8.42
CA LYS B 376 9.14 -7.05 9.70
C LYS B 376 9.84 -8.06 10.58
N GLY B 377 10.36 -9.13 9.99
CA GLY B 377 11.04 -10.16 10.76
C GLY B 377 12.55 -10.05 10.70
N ILE B 378 13.06 -8.81 10.74
CA ILE B 378 14.50 -8.61 10.65
C ILE B 378 15.21 -9.13 11.90
N GLU B 379 14.54 -9.10 13.05
CA GLU B 379 15.15 -9.60 14.28
C GLU B 379 15.49 -11.09 14.15
N THR B 380 14.56 -11.88 13.63
CA THR B 380 14.82 -13.32 13.48
C THR B 380 15.91 -13.57 12.44
N ILE B 381 15.91 -12.81 11.35
CA ILE B 381 16.93 -12.96 10.32
C ILE B 381 18.31 -12.67 10.91
N LYS B 382 18.42 -11.60 11.67
CA LYS B 382 19.70 -11.27 12.30
C LYS B 382 20.10 -12.32 13.33
N SER B 383 19.14 -12.80 14.12
CA SER B 383 19.48 -13.75 15.17
C SER B 383 19.93 -15.09 14.58
N PHE B 384 19.38 -15.49 13.45
CA PHE B 384 19.78 -16.73 12.80
C PHE B 384 20.82 -16.53 11.70
N GLY B 385 21.25 -15.30 11.46
CA GLY B 385 22.27 -15.05 10.46
C GLY B 385 21.86 -15.43 9.05
N ALA B 386 20.61 -15.17 8.69
CA ALA B 386 20.08 -15.55 7.38
C ALA B 386 19.95 -14.37 6.44
N GLU B 387 20.86 -13.38 6.57
CA GLU B 387 20.82 -12.24 5.66
C GLU B 387 21.23 -12.65 4.25
N GLU B 388 22.15 -13.60 4.14
CA GLU B 388 22.65 -13.99 2.81
C GLU B 388 21.56 -14.64 1.98
N GLN B 389 20.76 -15.53 2.57
CA GLN B 389 19.74 -16.24 1.80
C GLN B 389 18.52 -15.36 1.51
N THR B 390 18.18 -14.45 2.43
CA THR B 390 17.08 -13.52 2.16
C THR B 390 17.42 -12.62 0.99
N GLU B 391 18.67 -12.18 0.91
CA GLU B 391 19.13 -11.41 -0.24
C GLU B 391 18.98 -12.20 -1.53
N LYS B 392 19.32 -13.50 -1.49
CA LYS B 392 19.18 -14.34 -2.67
C LYS B 392 17.72 -14.46 -3.12
N SER B 393 16.82 -14.68 -2.16
CA SER B 393 15.40 -14.80 -2.51
C SER B 393 14.86 -13.49 -3.07
N THR B 394 15.24 -12.36 -2.48
CA THR B 394 14.78 -11.07 -2.99
C THR B 394 15.35 -10.81 -4.38
N ARG B 395 16.60 -11.20 -4.63
CA ARG B 395 17.18 -11.04 -5.95
C ARG B 395 16.45 -11.90 -6.98
N ASP B 396 16.06 -13.11 -6.60
CA ASP B 396 15.31 -13.97 -7.51
C ASP B 396 13.95 -13.36 -7.85
N LYS B 397 13.27 -12.81 -6.84
CA LYS B 397 11.97 -12.18 -7.10
C LYS B 397 12.12 -10.94 -7.96
N ILE B 398 13.20 -10.16 -7.74
CA ILE B 398 13.46 -9.01 -8.59
C ILE B 398 13.71 -9.45 -10.02
N GLU B 399 14.43 -10.57 -10.20
CA GLU B 399 14.67 -11.10 -11.54
C GLU B 399 13.37 -11.49 -12.23
N THR B 400 12.46 -12.13 -11.48
CA THR B 400 11.16 -12.47 -12.05
C THR B 400 10.38 -11.22 -12.47
N VAL B 401 10.39 -10.19 -11.61
CA VAL B 401 9.72 -8.94 -11.95
C VAL B 401 10.32 -8.33 -13.20
N MET B 402 11.65 -8.37 -13.32
CA MET B 402 12.31 -7.79 -14.49
C MET B 402 11.96 -8.58 -15.75
N LYS B 403 11.86 -9.90 -15.65
CA LYS B 403 11.48 -10.71 -16.80
C LYS B 403 10.08 -10.34 -17.29
N SER B 404 9.13 -10.22 -16.36
CA SER B 404 7.78 -9.83 -16.75
C SER B 404 7.76 -8.42 -17.34
N SER B 405 8.53 -7.50 -16.75
CA SER B 405 8.61 -6.14 -17.27
C SER B 405 9.17 -6.13 -18.69
N PHE B 406 10.18 -6.95 -18.95
CA PHE B 406 10.76 -7.00 -20.29
C PHE B 406 9.78 -7.59 -21.29
N LYS B 407 9.00 -8.59 -20.87
CA LYS B 407 7.99 -9.14 -21.78
C LYS B 407 6.98 -8.07 -22.18
N GLU B 408 6.46 -7.33 -21.18
CA GLU B 408 5.50 -6.27 -21.50
C GLU B 408 6.15 -5.17 -22.34
N GLY B 409 7.39 -4.82 -22.02
CA GLY B 409 8.08 -3.79 -22.79
C GLY B 409 8.29 -4.20 -24.24
N MET B 410 8.62 -5.46 -24.48
CA MET B 410 8.78 -5.94 -25.85
C MET B 410 7.44 -5.95 -26.60
N LEU B 411 6.36 -6.30 -25.90
CA LEU B 411 5.04 -6.21 -26.53
C LEU B 411 4.73 -4.78 -26.93
N TYR B 412 5.01 -3.82 -26.03
CA TYR B 412 4.75 -2.42 -26.35
C TYR B 412 5.65 -1.93 -27.48
N ILE B 413 6.90 -2.37 -27.51
CA ILE B 413 7.82 -1.97 -28.57
C ILE B 413 7.36 -2.48 -29.92
N ASN B 414 6.91 -3.74 -29.97
CA ASN B 414 6.39 -4.28 -31.23
C ASN B 414 5.14 -3.52 -31.68
N LEU B 415 4.24 -3.23 -30.74
CA LEU B 415 3.03 -2.49 -31.09
C LEU B 415 3.37 -1.10 -31.62
N SER B 416 4.29 -0.41 -30.94
CA SER B 416 4.67 0.93 -31.36
C SER B 416 5.35 0.92 -32.72
N SER B 417 6.20 -0.09 -32.97
CA SER B 417 6.88 -0.16 -34.26
C SER B 417 5.88 -0.41 -35.39
N LEU B 418 4.92 -1.32 -35.18
CA LEU B 418 3.93 -1.56 -36.22
C LEU B 418 3.05 -0.33 -36.47
N THR B 419 2.62 0.32 -35.39
CA THR B 419 1.80 1.52 -35.54
C THR B 419 2.56 2.63 -36.23
N GLY B 420 3.84 2.81 -35.88
CA GLY B 420 4.64 3.83 -36.53
C GLY B 420 4.88 3.55 -37.99
N ILE B 421 5.12 2.28 -38.34
CA ILE B 421 5.25 1.90 -39.74
C ILE B 421 3.98 2.27 -40.49
N VAL B 422 2.82 1.88 -39.95
CA VAL B 422 1.56 2.15 -40.63
C VAL B 422 1.37 3.65 -40.81
N ALA B 423 1.55 4.42 -39.75
CA ALA B 423 1.29 5.86 -39.82
C ALA B 423 2.24 6.57 -40.77
N GLY B 424 3.55 6.31 -40.64
CA GLY B 424 4.52 7.01 -41.47
C GLY B 424 4.41 6.63 -42.93
N LEU B 425 4.27 5.33 -43.22
CA LEU B 425 4.12 4.91 -44.61
C LEU B 425 2.80 5.41 -45.19
N GLY B 426 1.75 5.50 -44.37
CA GLY B 426 0.51 6.08 -44.86
C GLY B 426 0.65 7.55 -45.21
N GLY B 427 1.35 8.30 -44.37
CA GLY B 427 1.59 9.70 -44.69
C GLY B 427 2.40 9.87 -45.96
N ILE B 428 3.46 9.06 -46.12
CA ILE B 428 4.29 9.13 -47.31
C ILE B 428 3.49 8.76 -48.56
N VAL B 429 2.67 7.70 -48.46
CA VAL B 429 1.86 7.28 -49.59
C VAL B 429 0.81 8.32 -49.93
N ILE B 430 0.25 8.99 -48.91
CA ILE B 430 -0.73 10.03 -49.16
C ILE B 430 -0.09 11.20 -49.89
N LEU B 431 1.11 11.61 -49.46
CA LEU B 431 1.82 12.67 -50.17
C LEU B 431 2.14 12.25 -51.60
N TRP B 432 2.56 11.01 -51.78
CA TRP B 432 2.89 10.50 -53.12
C TRP B 432 1.68 10.53 -54.04
N ALA B 433 0.55 9.98 -53.59
CA ALA B 433 -0.65 9.94 -54.40
C ALA B 433 -1.22 11.33 -54.63
N GLY B 434 -1.11 12.22 -53.63
CA GLY B 434 -1.55 13.59 -53.82
C GLY B 434 -0.73 14.32 -54.86
N ALA B 435 0.59 14.12 -54.85
CA ALA B 435 1.43 14.71 -55.88
C ALA B 435 1.08 14.14 -57.26
N TYR B 436 0.81 12.84 -57.32
CA TYR B 436 0.40 12.23 -58.58
C TYR B 436 -0.89 12.85 -59.09
N ASN B 437 -1.86 13.05 -58.20
CA ASN B 437 -3.14 13.64 -58.61
C ASN B 437 -2.97 15.10 -59.02
N VAL B 438 -2.11 15.85 -58.32
CA VAL B 438 -1.85 17.23 -58.69
C VAL B 438 -1.23 17.30 -60.08
N ILE B 439 -0.27 16.42 -60.36
CA ILE B 439 0.34 16.37 -61.68
C ILE B 439 -0.72 16.02 -62.73
N LYS B 440 -1.56 15.03 -62.43
CA LYS B 440 -2.62 14.66 -63.36
C LYS B 440 -3.71 15.73 -63.47
N GLY B 441 -3.80 16.64 -62.51
CA GLY B 441 -4.76 17.73 -62.58
C GLY B 441 -6.07 17.50 -61.87
N ASN B 442 -6.19 16.48 -61.04
CA ASN B 442 -7.42 16.20 -60.32
C ASN B 442 -7.55 16.99 -59.02
N MET B 443 -6.50 17.68 -58.60
CA MET B 443 -6.53 18.50 -57.39
C MET B 443 -5.33 19.43 -57.43
N SER B 444 -5.35 20.44 -56.56
CA SER B 444 -4.28 21.42 -56.49
C SER B 444 -3.39 21.16 -55.29
N GLY B 445 -2.28 21.88 -55.22
CA GLY B 445 -1.36 21.72 -54.11
C GLY B 445 -1.97 22.16 -52.79
N GLY B 446 -2.69 23.28 -52.80
CA GLY B 446 -3.37 23.73 -51.60
C GLY B 446 -4.40 22.72 -51.12
N GLN B 447 -5.08 22.06 -52.06
CA GLN B 447 -6.02 21.00 -51.68
C GLN B 447 -5.29 19.85 -51.00
N LEU B 448 -4.10 19.49 -51.50
CA LEU B 448 -3.32 18.42 -50.87
C LEU B 448 -2.89 18.82 -49.46
N LEU B 449 -2.45 20.07 -49.28
CA LEU B 449 -2.05 20.52 -47.94
C LEU B 449 -3.24 20.57 -46.99
N ALA B 450 -4.41 20.99 -47.49
CA ALA B 450 -5.61 20.99 -46.66
C ALA B 450 -6.04 19.57 -46.31
N PHE B 451 -5.86 18.61 -47.22
CA PHE B 451 -6.13 17.22 -46.90
C PHE B 451 -5.18 16.72 -45.83
N ASN B 452 -3.90 17.09 -45.92
CA ASN B 452 -2.94 16.74 -44.87
C ASN B 452 -3.35 17.32 -43.53
N ALA B 453 -3.90 18.54 -43.55
CA ALA B 453 -4.35 19.16 -42.30
C ALA B 453 -5.57 18.44 -41.72
N LEU B 454 -6.58 18.16 -42.56
CA LEU B 454 -7.80 17.50 -42.12
C LEU B 454 -7.59 16.02 -41.78
N LEU B 455 -6.44 15.46 -42.16
CA LEU B 455 -6.12 14.09 -41.75
C LEU B 455 -6.17 13.95 -40.24
N ALA B 456 -5.80 14.99 -39.50
CA ALA B 456 -5.87 14.94 -38.05
C ALA B 456 -7.31 14.77 -37.57
N TYR B 457 -8.19 15.66 -38.04
CA TYR B 457 -9.59 15.62 -37.62
C TYR B 457 -10.33 14.40 -38.17
N PHE B 458 -9.76 13.68 -39.11
CA PHE B 458 -10.35 12.40 -39.50
C PHE B 458 -9.78 11.20 -38.76
N LEU B 459 -8.47 11.17 -38.51
CA LEU B 459 -7.82 10.00 -37.95
C LEU B 459 -7.81 9.97 -36.44
N THR B 460 -7.66 11.12 -35.78
CA THR B 460 -7.71 11.13 -34.31
C THR B 460 -9.03 10.63 -33.74
N PRO B 461 -10.22 11.00 -34.26
CA PRO B 461 -11.47 10.46 -33.68
C PRO B 461 -11.56 8.95 -33.75
N VAL B 462 -11.28 8.38 -34.93
CA VAL B 462 -11.35 6.93 -35.07
C VAL B 462 -10.28 6.26 -34.23
N LYS B 463 -9.10 6.89 -34.11
CA LYS B 463 -8.06 6.34 -33.24
C LYS B 463 -8.52 6.29 -31.79
N ASN B 464 -9.17 7.36 -31.32
CA ASN B 464 -9.70 7.37 -29.96
C ASN B 464 -10.80 6.33 -29.78
N LEU B 465 -11.68 6.20 -30.78
CA LEU B 465 -12.75 5.22 -30.69
C LEU B 465 -12.21 3.80 -30.63
N ILE B 466 -11.12 3.54 -31.35
CA ILE B 466 -10.47 2.23 -31.28
C ILE B 466 -9.79 2.05 -29.92
N ASP B 467 -9.15 3.11 -29.42
CA ASP B 467 -8.48 3.05 -28.13
C ASP B 467 -9.44 2.99 -26.95
N LEU B 468 -10.74 3.18 -27.18
CA LEU B 468 -11.71 3.06 -26.10
C LEU B 468 -11.87 1.63 -25.61
N GLN B 469 -11.40 0.64 -26.38
CA GLN B 469 -11.61 -0.76 -26.00
C GLN B 469 -10.94 -1.15 -24.69
N PRO B 470 -9.65 -0.87 -24.45
CA PRO B 470 -9.08 -1.20 -23.14
C PRO B 470 -9.74 -0.49 -21.98
N LEU B 471 -10.18 0.75 -22.18
CA LEU B 471 -10.83 1.50 -21.11
C LEU B 471 -12.18 0.88 -20.75
N ILE B 472 -12.96 0.48 -21.76
CA ILE B 472 -14.31 0.00 -21.51
C ILE B 472 -14.28 -1.36 -20.81
N GLN B 473 -13.36 -2.24 -21.21
CA GLN B 473 -13.29 -3.56 -20.59
C GLN B 473 -12.88 -3.47 -19.13
N THR B 474 -11.84 -2.68 -18.84
CA THR B 474 -11.41 -2.49 -17.47
C THR B 474 -12.51 -1.82 -16.64
N ALA B 475 -13.20 -0.85 -17.23
CA ALA B 475 -14.28 -0.18 -16.51
C ALA B 475 -15.43 -1.14 -16.22
N VAL B 476 -15.74 -2.04 -17.16
CA VAL B 476 -16.80 -3.02 -16.93
C VAL B 476 -16.40 -3.98 -15.83
N VAL B 477 -15.15 -4.44 -15.83
CA VAL B 477 -14.68 -5.33 -14.77
C VAL B 477 -14.78 -4.63 -13.41
N ALA B 478 -14.32 -3.38 -13.34
CA ALA B 478 -14.38 -2.64 -12.09
C ALA B 478 -15.82 -2.39 -11.66
N SER B 479 -16.70 -2.11 -12.60
CA SER B 479 -18.10 -1.86 -12.27
C SER B 479 -18.75 -3.11 -11.71
N ASN B 480 -18.49 -4.27 -12.32
CA ASN B 480 -19.01 -5.51 -11.76
C ASN B 480 -18.44 -5.76 -10.37
N ARG B 481 -17.14 -5.55 -10.20
CA ARG B 481 -16.51 -5.81 -8.91
C ARG B 481 -17.11 -4.93 -7.81
N LEU B 482 -17.34 -3.65 -8.11
CA LEU B 482 -17.87 -2.74 -7.10
C LEU B 482 -19.37 -2.94 -6.89
N GLY B 483 -20.10 -3.37 -7.92
CA GLY B 483 -21.53 -3.48 -7.83
C GLY B 483 -22.08 -4.81 -7.36
N GLU B 484 -21.27 -5.86 -7.36
CA GLU B 484 -21.72 -7.09 -6.72
C GLU B 484 -21.94 -6.87 -5.22
N ILE B 485 -21.15 -5.99 -4.62
CA ILE B 485 -21.30 -5.68 -3.20
C ILE B 485 -22.61 -4.93 -2.95
N LEU B 486 -22.93 -3.96 -3.81
CA LEU B 486 -24.12 -3.14 -3.57
C LEU B 486 -25.41 -3.95 -3.63
N GLU B 487 -25.38 -5.14 -4.22
CA GLU B 487 -26.55 -6.02 -4.21
C GLU B 487 -26.67 -6.83 -2.93
N LEU B 488 -25.63 -6.87 -2.10
CA LEU B 488 -25.68 -7.63 -0.87
C LEU B 488 -26.66 -6.99 0.11
N ALA B 489 -27.44 -7.82 0.79
CA ALA B 489 -28.39 -7.34 1.77
C ALA B 489 -27.66 -6.80 2.99
N THR B 490 -28.15 -5.67 3.52
CA THR B 490 -27.55 -5.07 4.69
C THR B 490 -28.04 -5.78 5.96
N GLU B 491 -27.49 -5.35 7.10
CA GLU B 491 -27.84 -5.98 8.36
C GLU B 491 -29.32 -5.78 8.69
N LYS B 492 -29.85 -4.59 8.44
CA LYS B 492 -31.24 -4.30 8.78
C LYS B 492 -32.20 -5.13 7.94
N GLU B 493 -31.91 -5.29 6.65
CA GLU B 493 -32.83 -5.99 5.76
C GLU B 493 -32.96 -7.47 6.11
N LEU B 494 -31.96 -8.07 6.73
CA LEU B 494 -32.02 -9.48 7.09
C LEU B 494 -32.76 -9.73 8.40
N ARG B 495 -33.09 -8.68 9.15
CA ARG B 495 -33.75 -8.84 10.43
C ARG B 495 -35.24 -9.14 10.25
N GLU B 496 -35.86 -9.58 11.34
CA GLU B 496 -37.29 -9.85 11.38
C GLU B 496 -38.03 -8.63 11.87
N ASP B 497 -39.32 -8.77 12.14
CA ASP B 497 -40.11 -7.66 12.67
C ASP B 497 -39.67 -7.34 14.09
N SER B 498 -39.60 -6.05 14.39
CA SER B 498 -39.12 -5.56 15.67
C SER B 498 -40.28 -5.27 16.61
N ASP B 499 -40.17 -5.74 17.85
CA ASP B 499 -41.17 -5.46 18.86
C ASP B 499 -40.92 -4.08 19.45
N ASP B 500 -41.88 -3.17 19.30
CA ASP B 500 -41.73 -1.81 19.78
C ASP B 500 -41.99 -1.67 21.28
N PHE B 501 -42.54 -2.69 21.93
CA PHE B 501 -42.84 -2.60 23.35
C PHE B 501 -41.63 -2.95 24.23
N VAL B 502 -40.53 -3.40 23.64
CA VAL B 502 -39.31 -3.67 24.39
C VAL B 502 -38.51 -2.37 24.48
N ILE B 503 -38.18 -1.97 25.70
CA ILE B 503 -37.47 -0.71 25.92
C ILE B 503 -36.12 -0.88 26.59
N SER B 504 -35.88 -1.99 27.28
CA SER B 504 -34.59 -2.22 27.93
C SER B 504 -34.29 -3.71 27.92
N LEU B 505 -33.01 -4.04 28.02
CA LEU B 505 -32.54 -5.42 27.99
C LEU B 505 -32.20 -5.95 29.37
N LYS B 506 -32.75 -5.35 30.44
CA LYS B 506 -32.49 -5.82 31.79
C LYS B 506 -33.40 -7.00 32.09
N GLY B 507 -32.81 -8.18 32.23
CA GLY B 507 -33.56 -9.38 32.51
C GLY B 507 -32.69 -10.60 32.38
N ASP B 508 -33.29 -11.74 32.73
CA ASP B 508 -32.59 -13.01 32.61
C ASP B 508 -32.25 -13.30 31.15
N ILE B 509 -31.00 -13.66 30.90
CA ILE B 509 -30.51 -13.93 29.55
C ILE B 509 -30.42 -15.44 29.39
N GLU B 510 -31.28 -15.99 28.52
CA GLU B 510 -31.37 -17.44 28.35
C GLU B 510 -30.80 -17.83 26.99
N PHE B 511 -29.79 -18.68 27.00
CA PHE B 511 -29.28 -19.33 25.80
C PHE B 511 -29.91 -20.72 25.73
N ARG B 512 -30.86 -20.90 24.80
CA ARG B 512 -31.50 -22.18 24.57
C ARG B 512 -30.55 -23.06 23.75
N ASN B 513 -31.05 -24.17 23.21
CA ASN B 513 -30.15 -25.07 22.49
C ASN B 513 -29.61 -24.36 21.26
N VAL B 514 -28.36 -23.91 21.35
CA VAL B 514 -27.76 -22.99 20.37
C VAL B 514 -26.59 -23.67 19.70
N ASP B 515 -26.59 -23.66 18.37
CA ASP B 515 -25.46 -24.12 17.57
C ASP B 515 -24.86 -22.94 16.83
N PHE B 516 -23.59 -23.05 16.49
CA PHE B 516 -22.94 -21.98 15.73
C PHE B 516 -21.70 -22.54 15.04
N ARG B 517 -21.35 -21.91 13.91
CA ARG B 517 -20.16 -22.29 13.16
C ARG B 517 -19.81 -21.13 12.24
N TYR B 518 -18.58 -20.64 12.34
CA TYR B 518 -18.14 -19.56 11.46
C TYR B 518 -18.05 -20.06 10.03
N GLY B 519 -18.70 -19.34 9.11
CA GLY B 519 -18.75 -19.76 7.72
C GLY B 519 -19.30 -21.16 7.56
N LEU B 520 -18.43 -22.10 7.17
CA LEU B 520 -18.80 -23.50 7.02
C LEU B 520 -17.78 -24.40 7.70
N ARG B 521 -17.10 -23.89 8.73
CA ARG B 521 -16.04 -24.62 9.40
C ARG B 521 -16.62 -25.51 10.50
N LYS B 522 -15.75 -26.07 11.32
CA LYS B 522 -16.17 -26.98 12.38
C LYS B 522 -16.96 -26.21 13.44
N PRO B 523 -18.11 -26.70 13.88
CA PRO B 523 -18.98 -25.91 14.76
C PRO B 523 -18.32 -25.55 16.07
N VAL B 524 -18.56 -24.32 16.52
CA VAL B 524 -17.93 -23.82 17.74
C VAL B 524 -18.76 -24.15 18.98
N LEU B 525 -20.07 -23.92 18.92
CA LEU B 525 -20.98 -24.24 20.02
C LEU B 525 -21.94 -25.31 19.56
N LYS B 526 -22.24 -26.27 20.44
CA LYS B 526 -23.06 -27.42 20.11
C LYS B 526 -24.43 -27.38 20.75
N ASN B 527 -24.50 -27.32 22.08
CA ASN B 527 -25.76 -27.29 22.81
C ASN B 527 -25.66 -26.25 23.94
N ILE B 528 -25.13 -25.08 23.61
CA ILE B 528 -24.85 -24.06 24.62
C ILE B 528 -26.19 -23.63 25.23
N ASN B 529 -26.42 -24.01 26.48
CA ASN B 529 -27.67 -23.76 27.18
C ASN B 529 -27.34 -23.22 28.56
N LEU B 530 -27.80 -22.01 28.85
CA LEU B 530 -27.44 -21.37 30.11
C LEU B 530 -28.41 -20.23 30.40
N THR B 531 -28.31 -19.68 31.62
CA THR B 531 -29.19 -18.60 32.05
C THR B 531 -28.42 -17.66 32.95
N ILE B 532 -28.19 -16.45 32.46
CA ILE B 532 -27.63 -15.36 33.26
C ILE B 532 -28.75 -14.74 34.07
N PRO B 533 -28.66 -14.69 35.40
CA PRO B 533 -29.68 -14.01 36.19
C PRO B 533 -29.62 -12.51 36.01
N LYS B 534 -30.74 -11.85 36.30
CA LYS B 534 -30.86 -10.42 36.10
C LYS B 534 -30.04 -9.66 37.12
N GLY B 535 -29.07 -8.88 36.66
CA GLY B 535 -28.31 -7.99 37.51
C GLY B 535 -27.18 -8.64 38.28
N LYS B 536 -26.97 -9.93 38.13
CA LYS B 536 -25.94 -10.65 38.88
C LYS B 536 -24.69 -10.83 38.03
N THR B 537 -23.53 -10.58 38.61
CA THR B 537 -22.27 -10.69 37.88
C THR B 537 -21.94 -12.17 37.65
N VAL B 538 -21.65 -12.52 36.40
CA VAL B 538 -21.40 -13.89 35.99
C VAL B 538 -20.10 -13.93 35.20
N ALA B 539 -19.40 -15.07 35.30
CA ALA B 539 -18.13 -15.28 34.63
C ALA B 539 -18.19 -16.51 33.75
N ILE B 540 -17.41 -16.47 32.67
CA ILE B 540 -17.27 -17.58 31.74
C ILE B 540 -15.77 -17.85 31.56
N VAL B 541 -15.37 -19.09 31.79
CA VAL B 541 -13.96 -19.48 31.77
C VAL B 541 -13.77 -20.65 30.82
N GLY B 542 -12.53 -20.82 30.37
CA GLY B 542 -12.21 -21.90 29.48
C GLY B 542 -10.82 -21.71 28.90
N GLU B 543 -10.49 -22.59 27.96
CA GLU B 543 -9.19 -22.56 27.31
C GLU B 543 -9.18 -21.52 26.19
N SER B 544 -8.00 -21.27 25.65
CA SER B 544 -7.86 -20.38 24.50
C SER B 544 -8.44 -21.05 23.26
N GLY B 545 -9.17 -20.26 22.47
CA GLY B 545 -9.83 -20.82 21.30
C GLY B 545 -10.91 -21.83 21.64
N SER B 546 -11.71 -21.55 22.66
CA SER B 546 -12.73 -22.48 23.12
C SER B 546 -14.14 -22.09 22.71
N GLY B 547 -14.41 -20.80 22.50
CA GLY B 547 -15.74 -20.38 22.10
C GLY B 547 -16.44 -19.45 23.07
N LYS B 548 -15.67 -18.60 23.75
CA LYS B 548 -16.24 -17.63 24.68
C LYS B 548 -16.49 -16.27 24.00
N THR B 549 -15.50 -15.77 23.27
CA THR B 549 -15.71 -14.57 22.46
C THR B 549 -16.81 -14.80 21.44
N THR B 550 -16.97 -16.04 20.97
CA THR B 550 -18.09 -16.36 20.09
C THR B 550 -19.42 -16.13 20.79
N LEU B 551 -19.54 -16.54 22.05
CA LEU B 551 -20.74 -16.26 22.82
C LEU B 551 -20.94 -14.75 22.98
N ALA B 552 -19.86 -14.02 23.25
CA ALA B 552 -19.97 -12.58 23.40
C ALA B 552 -20.50 -11.92 22.13
N LYS B 553 -19.99 -12.35 20.98
CA LYS B 553 -20.49 -11.82 19.71
C LYS B 553 -21.94 -12.23 19.47
N LEU B 554 -22.29 -13.46 19.82
CA LEU B 554 -23.66 -13.95 19.60
C LEU B 554 -24.66 -13.14 20.41
N LEU B 555 -24.31 -12.77 21.64
CA LEU B 555 -25.22 -11.99 22.46
C LEU B 555 -25.42 -10.57 21.93
N MET B 556 -24.58 -10.11 21.01
CA MET B 556 -24.64 -8.75 20.49
C MET B 556 -25.11 -8.68 19.05
N ASN B 557 -25.73 -9.75 18.54
CA ASN B 557 -26.29 -9.89 17.21
C ASN B 557 -25.25 -9.91 16.10
N PHE B 558 -23.96 -9.83 16.43
CA PHE B 558 -22.95 -10.21 15.44
C PHE B 558 -23.11 -11.71 15.20
N TYR B 559 -23.44 -12.10 13.97
CA TYR B 559 -23.77 -13.47 13.61
C TYR B 559 -25.02 -13.96 14.34
N SER B 560 -25.68 -14.97 13.79
CA SER B 560 -26.87 -15.52 14.40
C SER B 560 -26.70 -17.03 14.61
N PRO B 561 -27.26 -17.57 15.69
CA PRO B 561 -27.12 -19.00 15.95
C PRO B 561 -27.76 -19.84 14.86
N GLU B 562 -27.12 -20.96 14.54
CA GLU B 562 -27.68 -21.88 13.55
C GLU B 562 -28.97 -22.49 14.05
N LYS B 563 -29.02 -22.84 15.34
CA LYS B 563 -30.17 -23.48 15.94
C LYS B 563 -30.51 -22.78 17.25
N GLY B 564 -31.79 -22.84 17.61
CA GLY B 564 -32.25 -22.29 18.87
C GLY B 564 -32.36 -20.78 18.85
N ASP B 565 -32.69 -20.24 20.02
CA ASP B 565 -32.93 -18.81 20.17
C ASP B 565 -32.24 -18.30 21.44
N ILE B 566 -31.93 -17.02 21.43
CA ILE B 566 -31.37 -16.32 22.58
C ILE B 566 -32.43 -15.34 23.07
N LEU B 567 -32.74 -15.38 24.36
CA LEU B 567 -33.84 -14.60 24.92
C LEU B 567 -33.34 -13.70 26.04
N ILE B 568 -33.97 -12.54 26.17
CA ILE B 568 -33.81 -11.67 27.34
C ILE B 568 -35.20 -11.33 27.85
N ASN B 569 -35.45 -11.67 29.13
CA ASN B 569 -36.75 -11.44 29.77
C ASN B 569 -37.88 -12.11 28.99
N GLY B 570 -37.58 -13.24 28.36
CA GLY B 570 -38.57 -13.97 27.58
C GLY B 570 -38.78 -13.46 26.17
N HIS B 571 -38.03 -12.45 25.74
CA HIS B 571 -38.15 -11.89 24.40
C HIS B 571 -37.01 -12.37 23.53
N SER B 572 -37.33 -12.85 22.34
CA SER B 572 -36.32 -13.39 21.44
C SER B 572 -35.36 -12.30 20.98
N ILE B 573 -34.11 -12.69 20.74
CA ILE B 573 -33.09 -11.75 20.28
C ILE B 573 -33.43 -11.23 18.88
N LYS B 574 -34.19 -12.00 18.11
CA LYS B 574 -34.49 -11.60 16.73
C LYS B 574 -35.64 -10.62 16.64
N ASN B 575 -36.40 -10.42 17.71
CA ASN B 575 -37.56 -9.55 17.71
C ASN B 575 -37.30 -8.20 18.38
N ILE B 576 -36.05 -7.89 18.68
CA ILE B 576 -35.67 -6.62 19.30
C ILE B 576 -34.91 -5.82 18.26
N SER B 577 -35.23 -4.52 18.18
CA SER B 577 -34.60 -3.65 17.19
C SER B 577 -33.08 -3.65 17.35
N LEU B 578 -32.38 -3.70 16.22
CA LEU B 578 -30.92 -3.74 16.24
C LEU B 578 -30.34 -2.48 16.89
N GLU B 579 -31.00 -1.33 16.72
CA GLU B 579 -30.51 -0.11 17.34
C GLU B 579 -30.54 -0.22 18.86
N LEU B 580 -31.61 -0.78 19.43
CA LEU B 580 -31.71 -0.92 20.87
C LEU B 580 -30.70 -1.94 21.40
N ILE B 581 -30.50 -3.04 20.67
CA ILE B 581 -29.61 -4.09 21.14
C ILE B 581 -28.18 -3.59 21.21
N ARG B 582 -27.73 -2.90 20.17
CA ARG B 582 -26.37 -2.36 20.14
C ARG B 582 -26.19 -1.18 21.07
N LYS B 583 -27.28 -0.57 21.55
CA LYS B 583 -27.19 0.58 22.44
C LYS B 583 -27.16 0.18 23.91
N LYS B 584 -27.88 -0.88 24.27
CA LYS B 584 -28.01 -1.29 25.66
C LYS B 584 -27.02 -2.38 26.05
N ILE B 585 -26.09 -2.73 25.17
CA ILE B 585 -25.06 -3.72 25.46
C ILE B 585 -23.70 -3.09 25.16
N ALA B 586 -22.80 -3.18 26.13
CA ALA B 586 -21.44 -2.67 25.99
C ALA B 586 -20.46 -3.83 25.93
N PHE B 587 -19.43 -3.69 25.10
CA PHE B 587 -18.46 -4.75 24.86
C PHE B 587 -17.05 -4.21 25.03
N VAL B 588 -16.23 -4.93 25.78
CA VAL B 588 -14.80 -4.65 25.90
C VAL B 588 -14.07 -5.89 25.41
N SER B 589 -13.65 -5.87 24.15
CA SER B 589 -13.02 -7.03 23.53
C SER B 589 -11.61 -7.22 24.08
N GLN B 590 -11.08 -8.43 23.84
CA GLN B 590 -9.70 -8.73 24.24
C GLN B 590 -8.71 -7.83 23.52
N ASP B 591 -9.03 -7.40 22.31
CA ASP B 591 -8.25 -6.42 21.57
C ASP B 591 -9.03 -5.12 21.55
N VAL B 592 -8.34 -4.01 21.82
CA VAL B 592 -8.97 -2.70 21.94
C VAL B 592 -8.54 -1.85 20.75
N PHE B 593 -9.50 -1.21 20.11
CA PHE B 593 -9.24 -0.35 18.96
C PHE B 593 -9.54 1.09 19.33
N ILE B 594 -8.56 1.97 19.11
CA ILE B 594 -8.68 3.40 19.41
C ILE B 594 -8.60 4.17 18.11
N PHE B 595 -9.57 5.03 17.86
CA PHE B 595 -9.64 5.77 16.61
C PHE B 595 -8.85 7.06 16.71
N SER B 596 -8.32 7.50 15.56
CA SER B 596 -7.50 8.71 15.52
C SER B 596 -8.35 9.95 15.84
N GLY B 597 -8.12 10.53 17.01
CA GLY B 597 -8.89 11.69 17.42
C GLY B 597 -8.62 12.00 18.87
N THR B 598 -9.30 13.03 19.35
CA THR B 598 -9.16 13.44 20.74
C THR B 598 -9.74 12.37 21.66
N VAL B 599 -9.31 12.42 22.92
CA VAL B 599 -9.77 11.44 23.91
C VAL B 599 -11.27 11.56 24.09
N LYS B 600 -11.80 12.79 24.07
CA LYS B 600 -13.24 12.99 24.24
C LYS B 600 -14.02 12.33 23.11
N GLU B 601 -13.54 12.44 21.86
CA GLU B 601 -14.23 11.82 20.74
C GLU B 601 -14.24 10.30 20.86
N ASN B 602 -13.10 9.72 21.26
CA ASN B 602 -13.06 8.27 21.46
C ASN B 602 -13.98 7.83 22.58
N LEU B 603 -14.01 8.57 23.68
CA LEU B 603 -14.86 8.21 24.81
C LEU B 603 -16.35 8.38 24.51
N CYS B 604 -16.70 9.11 23.46
CA CYS B 604 -18.08 9.38 23.09
C CYS B 604 -18.32 8.98 21.64
N LEU B 605 -17.92 7.75 21.31
CA LEU B 605 -17.96 7.29 19.92
C LEU B 605 -19.39 7.27 19.38
N GLY B 606 -20.34 6.80 20.18
CA GLY B 606 -21.69 6.63 19.69
C GLY B 606 -22.61 7.81 19.90
N ASN B 607 -22.73 8.27 21.14
CA ASN B 607 -23.65 9.36 21.45
C ASN B 607 -23.07 10.70 21.04
N GLU B 608 -23.93 11.57 20.51
CA GLU B 608 -23.52 12.88 20.03
C GLU B 608 -23.65 13.97 21.08
N ASN B 609 -24.26 13.67 22.23
CA ASN B 609 -24.53 14.68 23.26
C ASN B 609 -24.30 14.09 24.64
N VAL B 610 -23.33 14.64 25.36
CA VAL B 610 -23.03 14.21 26.73
C VAL B 610 -22.14 15.26 27.39
N ASP B 611 -22.34 15.50 28.69
CA ASP B 611 -21.59 16.52 29.40
C ASP B 611 -20.28 15.97 29.94
N MET B 612 -19.33 16.88 30.16
CA MET B 612 -17.98 16.47 30.53
C MET B 612 -17.92 15.81 31.91
N ASP B 613 -18.89 16.12 32.78
CA ASP B 613 -18.89 15.52 34.11
C ASP B 613 -19.03 14.00 34.02
N GLU B 614 -19.90 13.51 33.15
CA GLU B 614 -20.06 12.07 32.99
C GLU B 614 -18.81 11.43 32.40
N ILE B 615 -18.13 12.13 31.50
CA ILE B 615 -16.87 11.61 30.95
C ILE B 615 -15.84 11.48 32.07
N ILE B 616 -15.71 12.50 32.91
CA ILE B 616 -14.76 12.44 34.01
C ILE B 616 -15.12 11.31 34.97
N LYS B 617 -16.41 11.19 35.31
CA LYS B 617 -16.84 10.14 36.24
C LYS B 617 -16.55 8.75 35.67
N ALA B 618 -16.84 8.55 34.39
CA ALA B 618 -16.56 7.25 33.76
C ALA B 618 -15.07 6.98 33.72
N ALA B 619 -14.26 8.00 33.46
CA ALA B 619 -12.82 7.81 33.40
C ALA B 619 -12.25 7.44 34.76
N LYS B 620 -12.81 8.01 35.84
CA LYS B 620 -12.30 7.69 37.18
C LYS B 620 -12.48 6.23 37.51
N MET B 621 -13.66 5.67 37.20
CA MET B 621 -13.94 4.29 37.62
C MET B 621 -13.16 3.28 36.79
N ALA B 622 -12.57 3.69 35.67
CA ALA B 622 -11.73 2.82 34.87
C ALA B 622 -10.25 3.08 35.08
N ASN B 623 -9.89 3.90 36.07
CA ASN B 623 -8.49 4.23 36.38
C ASN B 623 -7.78 4.81 35.16
N ALA B 624 -8.50 5.61 34.37
CA ALA B 624 -7.93 6.25 33.20
C ALA B 624 -7.79 7.76 33.33
N HIS B 625 -8.55 8.39 34.24
CA HIS B 625 -8.53 9.84 34.36
C HIS B 625 -7.14 10.35 34.74
N ASP B 626 -6.48 9.68 35.68
CA ASP B 626 -5.17 10.12 36.14
C ASP B 626 -4.16 10.09 35.00
N PHE B 627 -4.18 9.02 34.19
CA PHE B 627 -3.27 8.93 33.06
C PHE B 627 -3.54 10.03 32.03
N ILE B 628 -4.82 10.29 31.76
CA ILE B 628 -5.17 11.31 30.77
C ILE B 628 -4.75 12.70 31.25
N GLU B 629 -4.83 12.93 32.56
CA GLU B 629 -4.44 14.22 33.10
C GLU B 629 -2.97 14.52 32.85
N LYS B 630 -2.11 13.51 32.97
CA LYS B 630 -0.67 13.71 32.78
C LYS B 630 -0.31 13.92 31.31
N LEU B 631 -1.22 13.61 30.39
CA LEU B 631 -0.98 13.84 28.98
C LEU B 631 -0.97 15.34 28.68
N PRO B 632 -0.31 15.77 27.60
CA PRO B 632 -0.42 17.18 27.20
C PRO B 632 -1.82 17.48 26.69
N LEU B 633 -2.28 18.70 26.96
CA LEU B 633 -3.70 19.06 26.93
C LEU B 633 -4.45 18.24 27.97
N LYS B 634 -5.73 18.54 28.20
CA LYS B 634 -6.43 17.85 29.27
C LYS B 634 -7.17 16.61 28.76
N TYR B 635 -8.13 16.80 27.86
CA TYR B 635 -8.85 15.69 27.26
C TYR B 635 -8.93 15.78 25.74
N ASP B 636 -8.31 16.79 25.14
CA ASP B 636 -8.33 16.96 23.69
C ASP B 636 -7.04 16.45 23.04
N THR B 637 -6.22 15.70 23.76
CA THR B 637 -4.99 15.15 23.21
C THR B 637 -5.30 14.20 22.07
N PHE B 638 -4.97 14.58 20.85
CA PHE B 638 -5.24 13.74 19.69
C PHE B 638 -4.28 12.56 19.71
N LEU B 639 -4.80 11.37 19.40
CA LEU B 639 -4.04 10.12 19.48
C LEU B 639 -3.54 9.77 18.08
N ASN B 640 -2.23 9.91 17.89
CA ASN B 640 -1.63 9.70 16.58
C ASN B 640 -1.62 8.22 16.21
N GLU B 641 -1.92 7.93 14.94
CA GLU B 641 -1.81 6.60 14.36
C GLU B 641 -2.62 5.57 15.17
N SER B 642 -3.92 5.85 15.29
CA SER B 642 -4.84 4.99 16.01
C SER B 642 -4.36 4.73 17.44
N GLY B 643 -3.93 5.80 18.10
CA GLY B 643 -3.43 5.70 19.46
C GLY B 643 -2.14 4.92 19.58
N ALA B 644 -1.24 5.04 18.60
CA ALA B 644 0.02 4.31 18.67
C ALA B 644 0.90 4.82 19.81
N ASN B 645 0.71 6.08 20.21
CA ASN B 645 1.48 6.63 21.33
C ASN B 645 1.16 5.90 22.63
N LEU B 646 -0.11 5.59 22.85
CA LEU B 646 -0.53 4.94 24.08
C LEU B 646 -0.01 3.51 24.15
N SER B 647 0.09 3.00 25.38
CA SER B 647 0.49 1.62 25.61
C SER B 647 -0.75 0.72 25.65
N GLU B 648 -0.52 -0.58 25.74
CA GLU B 648 -1.61 -1.54 25.75
C GLU B 648 -2.52 -1.34 26.95
N GLY B 649 -1.93 -1.15 28.13
CA GLY B 649 -2.73 -0.91 29.32
C GLY B 649 -3.53 0.37 29.25
N GLN B 650 -2.92 1.45 28.74
CA GLN B 650 -3.62 2.72 28.62
C GLN B 650 -4.79 2.60 27.65
N LYS B 651 -4.57 1.95 26.51
CA LYS B 651 -5.63 1.73 25.54
C LYS B 651 -6.78 0.93 26.15
N GLN B 652 -6.43 -0.14 26.87
CA GLN B 652 -7.46 -1.01 27.42
C GLN B 652 -8.27 -0.30 28.50
N ARG B 653 -7.60 0.48 29.35
CA ARG B 653 -8.31 1.29 30.34
C ARG B 653 -9.22 2.30 29.67
N LEU B 654 -8.75 2.93 28.58
CA LEU B 654 -9.58 3.89 27.87
C LEU B 654 -10.81 3.23 27.26
N ALA B 655 -10.64 2.03 26.71
CA ALA B 655 -11.77 1.30 26.17
C ALA B 655 -12.77 0.92 27.26
N ILE B 656 -12.26 0.51 28.42
CA ILE B 656 -13.14 0.20 29.55
C ILE B 656 -13.91 1.45 29.97
N ALA B 657 -13.24 2.59 30.03
CA ALA B 657 -13.91 3.85 30.37
C ALA B 657 -15.01 4.17 29.36
N ARG B 658 -14.73 3.98 28.07
CA ARG B 658 -15.74 4.22 27.04
C ARG B 658 -16.94 3.30 27.24
N ALA B 659 -16.69 2.02 27.52
CA ALA B 659 -17.78 1.06 27.67
C ALA B 659 -18.66 1.41 28.86
N LEU B 660 -18.05 1.78 30.00
CA LEU B 660 -18.86 2.17 31.15
C LEU B 660 -19.54 3.52 30.91
N LEU B 661 -18.97 4.36 30.04
CA LEU B 661 -19.62 5.61 29.70
C LEU B 661 -20.85 5.36 28.82
N LYS B 662 -20.85 4.24 28.09
CA LYS B 662 -21.98 3.92 27.22
C LYS B 662 -23.30 3.80 27.98
N LYS B 663 -23.24 3.55 29.30
CA LYS B 663 -24.41 3.37 30.16
C LYS B 663 -25.19 2.19 29.57
N PRO B 664 -24.70 0.97 29.75
CA PRO B 664 -25.38 -0.20 29.19
C PRO B 664 -26.33 -0.84 30.21
N ASP B 665 -27.06 -1.84 29.71
CA ASP B 665 -27.81 -2.75 30.56
C ASP B 665 -27.13 -4.09 30.74
N ILE B 666 -26.37 -4.53 29.73
CA ILE B 666 -25.52 -5.70 29.81
C ILE B 666 -24.11 -5.28 29.42
N LEU B 667 -23.14 -5.59 30.27
CA LEU B 667 -21.75 -5.21 30.05
C LEU B 667 -20.91 -6.48 29.96
N ILE B 668 -20.25 -6.67 28.82
CA ILE B 668 -19.44 -7.85 28.56
C ILE B 668 -17.98 -7.45 28.52
N LEU B 669 -17.16 -8.14 29.30
CA LEU B 669 -15.72 -7.88 29.41
C LEU B 669 -15.00 -9.14 28.96
N ASP B 670 -14.65 -9.23 27.68
CA ASP B 670 -14.00 -10.41 27.13
C ASP B 670 -12.50 -10.27 27.36
N GLU B 671 -12.03 -10.79 28.49
CA GLU B 671 -10.63 -10.71 28.89
C GLU B 671 -10.14 -9.25 28.89
N ALA B 672 -10.79 -8.45 29.73
CA ALA B 672 -10.55 -7.02 29.80
C ALA B 672 -9.59 -6.63 30.92
N THR B 673 -9.01 -7.62 31.61
CA THR B 673 -8.08 -7.35 32.71
C THR B 673 -6.73 -8.01 32.52
N SER B 674 -6.43 -8.51 31.32
CA SER B 674 -5.20 -9.28 31.11
C SER B 674 -3.95 -8.40 31.21
N ASN B 675 -3.95 -7.26 30.50
CA ASN B 675 -2.76 -6.44 30.41
C ASN B 675 -2.59 -5.48 31.57
N LEU B 676 -3.54 -5.44 32.51
CA LEU B 676 -3.47 -4.52 33.64
C LEU B 676 -2.65 -5.12 34.78
N ASP B 677 -1.99 -4.23 35.52
CA ASP B 677 -1.33 -4.64 36.75
C ASP B 677 -2.37 -4.87 37.85
N SER B 678 -1.92 -5.42 38.97
CA SER B 678 -2.83 -5.88 40.00
C SER B 678 -3.63 -4.73 40.62
N ILE B 679 -3.00 -3.56 40.77
CA ILE B 679 -3.69 -2.43 41.40
C ILE B 679 -4.85 -1.97 40.53
N THR B 680 -4.58 -1.74 39.24
CA THR B 680 -5.64 -1.32 38.33
C THR B 680 -6.66 -2.43 38.14
N GLU B 681 -6.22 -3.69 38.14
CA GLU B 681 -7.13 -4.81 38.04
C GLU B 681 -8.12 -4.81 39.19
N ASN B 682 -7.63 -4.59 40.42
CA ASN B 682 -8.52 -4.56 41.57
C ASN B 682 -9.43 -3.35 41.54
N HIS B 683 -8.91 -2.20 41.10
CA HIS B 683 -9.73 -0.99 41.04
C HIS B 683 -10.89 -1.19 40.06
N ILE B 684 -10.60 -1.75 38.88
CA ILE B 684 -11.67 -2.00 37.92
C ILE B 684 -12.60 -3.09 38.42
N LYS B 685 -12.07 -4.10 39.11
CA LYS B 685 -12.91 -5.17 39.63
C LYS B 685 -13.94 -4.65 40.62
N ASP B 686 -13.49 -3.90 41.62
CA ASP B 686 -14.45 -3.39 42.60
C ASP B 686 -15.20 -2.15 42.12
N ALA B 687 -14.81 -1.57 40.99
CA ALA B 687 -15.67 -0.59 40.34
C ALA B 687 -16.83 -1.28 39.62
N ILE B 688 -16.55 -2.40 38.96
CA ILE B 688 -17.62 -3.17 38.32
C ILE B 688 -18.56 -3.74 39.38
N TYR B 689 -18.00 -4.25 40.48
CA TYR B 689 -18.84 -4.70 41.58
C TYR B 689 -19.58 -3.56 42.26
N GLY B 690 -19.15 -2.31 42.06
CA GLY B 690 -19.81 -1.18 42.68
C GLY B 690 -20.73 -0.44 41.72
N LEU B 691 -21.17 -1.11 40.66
CA LEU B 691 -22.04 -0.51 39.66
C LEU B 691 -23.47 -0.45 40.18
N GLU B 692 -24.10 0.72 40.05
CA GLU B 692 -25.47 0.89 40.48
C GLU B 692 -26.42 0.26 39.46
N ASP B 693 -27.70 0.21 39.85
CA ASP B 693 -28.77 -0.37 39.03
C ASP B 693 -28.59 -1.86 38.82
N ASP B 694 -29.66 -2.54 38.39
CA ASP B 694 -29.61 -3.97 38.11
C ASP B 694 -29.08 -4.17 36.69
N VAL B 695 -27.78 -3.92 36.54
CA VAL B 695 -27.09 -4.04 35.27
C VAL B 695 -26.34 -5.37 35.24
N THR B 696 -26.63 -6.18 34.22
CA THR B 696 -25.98 -7.48 34.10
C THR B 696 -24.53 -7.32 33.68
N VAL B 697 -23.65 -8.11 34.29
CA VAL B 697 -22.22 -8.08 33.99
C VAL B 697 -21.78 -9.50 33.65
N ILE B 698 -21.13 -9.66 32.50
CA ILE B 698 -20.54 -10.92 32.07
C ILE B 698 -19.05 -10.70 31.87
N ILE B 699 -18.24 -11.57 32.46
CA ILE B 699 -16.78 -11.45 32.40
C ILE B 699 -16.22 -12.74 31.82
N ILE B 700 -15.63 -12.66 30.64
CA ILE B 700 -14.95 -13.79 30.02
C ILE B 700 -13.51 -13.76 30.49
N ALA B 701 -13.11 -14.75 31.29
CA ALA B 701 -11.81 -14.77 31.93
C ALA B 701 -11.03 -16.00 31.53
N HIS B 702 -9.73 -15.81 31.26
CA HIS B 702 -8.83 -16.91 30.97
C HIS B 702 -8.13 -17.40 32.23
N ARG B 703 -7.56 -16.49 33.01
CA ARG B 703 -6.94 -16.83 34.29
C ARG B 703 -8.03 -17.07 35.33
N LEU B 704 -8.06 -18.27 35.90
CA LEU B 704 -9.12 -18.61 36.85
C LEU B 704 -9.02 -17.78 38.13
N SER B 705 -7.80 -17.51 38.59
CA SER B 705 -7.62 -16.78 39.83
C SER B 705 -8.14 -15.35 39.73
N THR B 706 -8.29 -14.82 38.51
CA THR B 706 -8.74 -13.45 38.34
C THR B 706 -10.18 -13.25 38.81
N ILE B 707 -11.02 -14.28 38.74
CA ILE B 707 -12.39 -14.20 39.21
C ILE B 707 -12.64 -15.32 40.21
N VAL B 708 -13.06 -14.95 41.42
CA VAL B 708 -13.55 -15.91 42.41
C VAL B 708 -14.88 -15.51 43.01
N ASN B 709 -15.24 -14.23 43.02
CA ASN B 709 -16.42 -13.73 43.72
C ASN B 709 -17.65 -13.63 42.82
N CYS B 710 -17.57 -14.08 41.58
CA CYS B 710 -18.72 -14.00 40.68
C CYS B 710 -19.88 -14.82 41.21
N ASP B 711 -21.09 -14.32 41.00
CA ASP B 711 -22.28 -14.95 41.55
C ASP B 711 -22.49 -16.35 40.97
N LYS B 712 -22.24 -16.51 39.68
CA LYS B 712 -22.31 -17.81 39.03
C LYS B 712 -21.18 -17.90 38.00
N ILE B 713 -20.66 -19.11 37.83
CA ILE B 713 -19.55 -19.37 36.91
C ILE B 713 -19.95 -20.51 35.98
N TYR B 714 -19.80 -20.27 34.68
CA TYR B 714 -20.06 -21.28 33.66
C TYR B 714 -18.74 -21.74 33.06
N LEU B 715 -18.59 -23.05 32.91
CA LEU B 715 -17.36 -23.65 32.40
C LEU B 715 -17.62 -24.10 30.96
N LEU B 716 -16.78 -23.64 30.04
CA LEU B 716 -16.88 -23.98 28.63
C LEU B 716 -15.59 -24.65 28.20
N LYS B 717 -15.69 -25.90 27.76
CA LYS B 717 -14.53 -26.64 27.28
C LYS B 717 -14.61 -26.94 25.79
N ASP B 718 -15.69 -27.61 25.34
CA ASP B 718 -15.89 -27.91 23.93
C ASP B 718 -17.35 -27.62 23.59
N GLY B 719 -17.64 -26.35 23.28
CA GLY B 719 -18.96 -25.93 22.86
C GLY B 719 -20.08 -26.32 23.79
N GLU B 720 -19.78 -26.44 25.08
CA GLU B 720 -20.75 -26.91 26.06
C GLU B 720 -20.48 -26.27 27.40
N ILE B 721 -21.53 -26.17 28.21
CA ILE B 721 -21.42 -25.87 29.63
C ILE B 721 -21.66 -27.18 30.36
N VAL B 722 -20.60 -27.75 30.93
CA VAL B 722 -20.69 -29.02 31.62
C VAL B 722 -20.87 -28.79 33.12
N GLU B 723 -20.40 -27.63 33.60
CA GLU B 723 -20.47 -27.32 35.02
C GLU B 723 -20.84 -25.85 35.21
N SER B 724 -21.84 -25.61 36.05
CA SER B 724 -22.30 -24.26 36.35
C SER B 724 -22.50 -24.12 37.86
N GLY B 725 -22.27 -22.91 38.36
CA GLY B 725 -22.42 -22.65 39.78
C GLY B 725 -21.30 -21.76 40.27
N SER B 726 -21.36 -21.47 41.57
CA SER B 726 -20.37 -20.62 42.20
C SER B 726 -19.08 -21.40 42.45
N HIS B 727 -18.07 -20.69 42.95
CA HIS B 727 -16.77 -21.31 43.20
C HIS B 727 -16.85 -22.38 44.27
N THR B 728 -17.79 -22.26 45.22
CA THR B 728 -17.87 -23.21 46.32
C THR B 728 -18.26 -24.59 45.84
N GLU B 729 -19.33 -24.69 45.05
CA GLU B 729 -19.82 -25.99 44.61
C GLU B 729 -18.93 -26.59 43.52
N LEU B 730 -18.42 -25.74 42.62
CA LEU B 730 -17.60 -26.26 41.52
C LEU B 730 -16.32 -26.88 42.03
N ILE B 731 -15.69 -26.27 43.05
CA ILE B 731 -14.49 -26.86 43.62
C ILE B 731 -14.81 -28.19 44.29
N ALA B 732 -15.92 -28.25 45.05
CA ALA B 732 -16.29 -29.48 45.72
C ALA B 732 -16.61 -30.59 44.72
N LEU B 733 -17.31 -30.25 43.64
CA LEU B 733 -17.69 -31.22 42.63
C LEU B 733 -16.48 -31.57 41.78
N LYS B 734 -16.10 -32.84 41.77
CA LYS B 734 -14.98 -33.28 40.93
C LYS B 734 -15.34 -33.14 39.46
N GLY B 735 -14.40 -32.60 38.68
CA GLY B 735 -14.65 -32.41 37.25
C GLY B 735 -13.51 -31.66 36.60
N CYS B 736 -13.78 -31.19 35.38
CA CYS B 736 -12.76 -30.51 34.59
C CYS B 736 -12.32 -29.21 35.26
N TYR B 737 -13.25 -28.47 35.83
CA TYR B 737 -12.90 -27.22 36.49
C TYR B 737 -11.96 -27.46 37.66
N PHE B 738 -12.23 -28.50 38.45
CA PHE B 738 -11.35 -28.84 39.57
C PHE B 738 -9.95 -29.18 39.08
N LYS B 739 -9.86 -29.99 38.02
CA LYS B 739 -8.56 -30.37 37.49
C LYS B 739 -7.79 -29.15 36.98
N MET B 740 -8.47 -28.27 36.26
CA MET B 740 -7.79 -27.09 35.72
C MET B 740 -7.36 -26.14 36.84
N TRP B 741 -8.20 -25.99 37.87
CA TRP B 741 -7.82 -25.17 39.01
C TRP B 741 -6.61 -25.74 39.72
N LYS B 742 -6.57 -27.07 39.90
CA LYS B 742 -5.43 -27.69 40.56
C LYS B 742 -4.16 -27.57 39.72
N GLN B 743 -4.27 -27.70 38.40
CA GLN B 743 -3.09 -27.74 37.55
C GLN B 743 -2.65 -26.36 37.07
N THR B 744 -3.44 -25.31 37.32
CA THR B 744 -3.08 -23.97 36.91
C THR B 744 -2.78 -23.04 38.09
N GLU B 745 -2.96 -23.51 39.32
CA GLU B 745 -2.65 -22.69 40.49
C GLU B 745 -1.52 -23.31 41.30
PB ADP C . 9.22 -6.49 28.79
O1B ADP C . 10.48 -6.62 29.63
O2B ADP C . 7.95 -6.70 29.58
O3B ADP C . 9.26 -7.22 27.48
PA ADP C . 10.35 -4.23 27.55
O1A ADP C . 11.67 -4.55 28.22
O2A ADP C . 10.18 -4.54 26.08
O3A ADP C . 9.17 -4.94 28.39
O5' ADP C . 10.06 -2.67 27.80
C5' ADP C . 11.06 -1.83 28.39
C4' ADP C . 10.73 -0.38 28.11
O4' ADP C . 11.45 0.04 26.95
C3' ADP C . 9.25 -0.18 27.84
O3' ADP C . 8.68 0.65 28.86
C2' ADP C . 9.16 0.52 26.50
O2' ADP C . 8.52 1.78 26.65
C1' ADP C . 10.58 0.71 26.03
N9 ADP C . 10.75 0.07 24.70
C8 ADP C . 10.60 -1.23 24.43
N7 ADP C . 10.81 -1.50 23.11
C5 ADP C . 11.11 -0.33 22.51
C6 ADP C . 11.44 0.11 21.14
N6 ADP C . 11.51 -0.77 20.12
N1 ADP C . 11.68 1.42 20.94
C2 ADP C . 11.63 2.31 21.95
N3 ADP C . 11.33 1.99 23.22
C4 ADP C . 11.06 0.71 23.56
MG MG D . 7.81 -7.86 26.22
PB ADP E . -11.41 -17.28 22.97
O1B ADP E . -12.70 -17.35 23.75
O2B ADP E . -10.23 -17.91 23.66
O3B ADP E . -11.14 -15.92 22.36
PA ADP E . -12.79 -17.86 20.60
O1A ADP E . -14.12 -17.75 21.30
O2A ADP E . -12.28 -16.71 19.77
O3A ADP E . -11.67 -18.23 21.70
O5' ADP E . -12.81 -19.19 19.68
C5' ADP E . -13.84 -19.35 18.71
C4' ADP E . -13.43 -20.39 17.67
O4' ADP E . -13.99 -20.00 16.41
C3' ADP E . -11.92 -20.45 17.50
O3' ADP E . -11.46 -21.77 17.81
C2' ADP E . -11.64 -20.14 16.06
O2' ADP E . -11.05 -21.28 15.41
C1' ADP E . -12.98 -19.82 15.42
N9 ADP E . -12.99 -18.40 15.00
C8 ADP E . -12.82 -17.35 15.83
N7 ADP E . -12.86 -16.18 15.15
C5 ADP E . -13.07 -16.47 13.86
C6 ADP E . -13.22 -15.70 12.60
N6 ADP E . -13.16 -14.35 12.60
N1 ADP E . -13.41 -16.39 11.45
C2 ADP E . -13.47 -17.73 11.45
N3 ADP E . -13.34 -18.49 12.54
C4 ADP E . -13.14 -17.93 13.76
MG MG F . -11.00 -14.05 23.22
N POV G . -7.09 6.27 -64.05
P POV G . -6.50 9.34 -61.44
C1 POV G . -7.10 7.70 -59.47
C2 POV G . -5.69 7.74 -58.86
C3 POV G . -4.92 6.41 -58.92
C210 POV G . -1.04 1.68 -50.72
C310 POV G . 2.10 4.92 -53.64
C11 POV G . -5.37 8.02 -63.43
O11 POV G . -7.34 8.95 -60.08
C211 POV G . -0.96 1.80 -49.20
C311 POV G . 1.62 3.49 -53.75
C12 POV G . -5.70 6.66 -64.10
O12 POV G . -5.77 8.00 -62.07
C212 POV G . -2.26 2.35 -48.59
C312 POV G . 1.52 2.82 -52.37
C13 POV G . -7.53 5.96 -62.71
O13 POV G . -7.43 9.95 -62.44
C213 POV G . -2.23 2.40 -47.04
C313 POV G . 2.86 2.38 -51.81
C14 POV G . -7.23 5.10 -64.84
O14 POV G . -5.40 10.33 -61.09
C214 POV G . -1.18 3.40 -46.52
C314 POV G . 2.60 1.52 -50.58
C15 POV G . -7.93 7.29 -64.63
C215 POV G . -0.54 2.86 -45.22
C315 POV G . 3.56 1.80 -49.39
C216 POV G . 0.79 2.18 -45.49
C316 POV G . 2.83 1.81 -48.04
C217 POV G . 1.37 1.73 -44.16
C218 POV G . 2.45 0.68 -44.33
C21 POV G . -4.54 8.06 -56.86
O21 POV G . -5.76 8.18 -57.53
C22 POV G . -4.40 6.97 -55.80
O22 POV G . -3.63 8.78 -57.11
C23 POV G . -3.26 6.02 -56.12
C24 POV G . -2.90 5.21 -54.88
C25 POV G . -4.15 4.58 -54.27
C26 POV G . -3.84 3.72 -53.05
C27 POV G . -3.04 2.46 -53.44
C28 POV G . -1.59 2.64 -52.97
C29 POV G . -1.52 2.72 -51.44
C31 POV G . -3.80 5.65 -60.85
O31 POV G . -5.05 5.86 -60.22
C32 POV G . -2.79 4.68 -60.21
O32 POV G . -3.54 6.20 -61.85
C33 POV G . -1.38 5.29 -60.16
C34 POV G . -0.85 5.49 -58.73
C35 POV G . -0.41 6.93 -58.50
C36 POV G . 0.69 7.03 -57.46
C37 POV G . 0.13 6.72 -56.07
C38 POV G . 1.25 6.86 -55.04
C39 POV G . 1.02 5.99 -53.80
#